data_7F97
#
_entry.id   7F97
#
_cell.length_a   82.020
_cell.length_b   140.600
_cell.length_c   187.090
_cell.angle_alpha   90.000
_cell.angle_beta   90.000
_cell.angle_gamma   90.000
#
_symmetry.space_group_name_H-M   'P 21 21 21'
#
loop_
_entity.id
_entity.type
_entity.pdbx_description
1 polymer 'Proline--tRNA ligase'
2 non-polymer PROLINE
3 non-polymer 4-[(3S)-3-cyclopropyl-3-(hydroxymethyl)-2-oxidanylidene-pyrrolidin-1-yl]-N-[[3-fluoranyl-5-(1-methylpyrazol-4-yl)phenyl]methyl]-6-methyl-pyridine-2-carboxamide
4 non-polymer 1,4-BUTANEDIOL
5 non-polymer 'CHLORIDE ION'
6 non-polymer HEXANE-1,6-DIOL
7 water water
#
_entity_poly.entity_id   1
_entity_poly.type   'polypeptide(L)'
_entity_poly.pdbx_seq_one_letter_code
;GAMAITSKKIENFSDWYTQVIVKSELIEYYDISGCYILRPAAYYIWECVQAFFNKEIKKLNVENSYFPLFVTKNKLEKEK
NHIEGFSPEVAWVTKYGDSNLPEEIAIRPTSETIMYSVFPKWIRSYRDLPLKLNQWNTVVRWEFKQPTPFIRTREFLWQE
GHTAHKNEEEAVKLVFDILDLYRRWYEEYLAVPIIKGIKSEGEKFGGANFTSTAEAFISENGRAIQAATSHYLGTNFAKM
FKIEFEDENEVKQYVHQTSWGCTTRSIGIMIMTHGDDKGLVLPPNVSKYKVVIVPIFYKTTDENAIHSYCKDIEKILKNA
QINCVYDDRASYSPGYKFNHWELRGIPIRIEVGPKDLQNNSCVIVRRDNNEKCNVKKESVLLETQQMLVDIHKNLFLKAK
KKLDDSIVQVTSFSEVMNALNKKKMVLAPWCEDIATEEEIKKETQRLSLNQTNSETTLSGAMKPLCIPLDQPPMPPNMKC
FWSGKPAKRWCLFGRSY
;
_entity_poly.pdbx_strand_id   A,B,C,D
#
loop_
_chem_comp.id
_chem_comp.type
_chem_comp.name
_chem_comp.formula
1XK non-polymer 4-[(3S)-3-cyclopropyl-3-(hydroxymethyl)-2-oxidanylidene-pyrrolidin-1-yl]-N-[[3-fluoranyl-5-(1-methylpyrazol-4-yl)phenyl]methyl]-6-methyl-pyridine-2-carboxamide 'C26 H28 F N5 O3'
BU1 non-polymer 1,4-BUTANEDIOL 'C4 H10 O2'
CL non-polymer 'CHLORIDE ION' 'Cl -1'
HEZ non-polymer HEXANE-1,6-DIOL 'C6 H14 O2'
#
# COMPACT_ATOMS: atom_id res chain seq x y z
N MET A 3 -31.15 40.45 9.30
CA MET A 3 -29.91 40.31 10.07
C MET A 3 -28.92 41.44 9.77
N ALA A 4 -27.94 41.63 10.66
CA ALA A 4 -27.01 42.73 10.54
C ALA A 4 -25.67 42.32 11.13
N ILE A 5 -24.68 43.18 10.92
CA ILE A 5 -23.35 42.98 11.48
C ILE A 5 -23.28 43.73 12.79
N THR A 6 -23.12 43.00 13.90
CA THR A 6 -23.12 43.60 15.23
C THR A 6 -21.72 43.80 15.81
N SER A 7 -20.67 43.37 15.11
CA SER A 7 -19.30 43.55 15.56
C SER A 7 -18.59 44.48 14.60
N LYS A 8 -17.75 45.36 15.14
CA LYS A 8 -17.06 46.31 14.30
C LYS A 8 -15.69 45.75 13.94
N LYS A 9 -15.41 45.74 12.63
CA LYS A 9 -14.17 45.22 12.09
C LYS A 9 -12.94 45.66 12.89
N ILE A 10 -12.96 46.88 13.42
CA ILE A 10 -11.78 47.46 14.03
C ILE A 10 -11.59 47.07 15.50
N GLU A 11 -12.65 46.61 16.16
CA GLU A 11 -12.60 46.28 17.58
C GLU A 11 -12.75 44.79 17.85
N ASN A 12 -13.40 44.03 16.98
CA ASN A 12 -13.45 42.58 17.13
C ASN A 12 -13.36 41.98 15.72
N PHE A 13 -12.14 41.90 15.18
CA PHE A 13 -11.99 41.53 13.78
C PHE A 13 -12.51 40.13 13.49
N SER A 14 -12.15 39.15 14.31
CA SER A 14 -12.52 37.76 14.00
C SER A 14 -14.03 37.57 14.02
N ASP A 15 -14.71 38.14 15.01
CA ASP A 15 -16.16 38.01 15.09
C ASP A 15 -16.85 38.75 13.95
N TRP A 16 -16.35 39.95 13.63
CA TRP A 16 -16.80 40.66 12.45
C TRP A 16 -16.71 39.77 11.22
N TYR A 17 -15.57 39.09 11.06
CA TYR A 17 -15.34 38.28 9.87
C TYR A 17 -16.31 37.12 9.78
N THR A 18 -16.46 36.36 10.88
CA THR A 18 -17.39 35.23 10.83
C THR A 18 -18.81 35.70 10.57
N GLN A 19 -19.23 36.81 11.21
CA GLN A 19 -20.55 37.35 10.94
C GLN A 19 -20.71 37.71 9.47
N VAL A 20 -19.74 38.45 8.90
CA VAL A 20 -19.88 38.88 7.51
C VAL A 20 -19.99 37.68 6.58
N ILE A 21 -19.09 36.70 6.74
CA ILE A 21 -19.06 35.62 5.76
C ILE A 21 -20.30 34.75 5.89
N VAL A 22 -20.86 34.59 7.09
CA VAL A 22 -22.07 33.78 7.20
C VAL A 22 -23.30 34.56 6.72
N LYS A 23 -23.45 35.82 7.15
CA LYS A 23 -24.68 36.56 6.92
C LYS A 23 -24.77 37.14 5.52
N SER A 24 -23.64 37.35 4.85
CA SER A 24 -23.68 37.69 3.43
C SER A 24 -23.94 36.47 2.56
N GLU A 25 -24.16 35.30 3.16
CA GLU A 25 -24.41 34.05 2.44
C GLU A 25 -23.23 33.67 1.54
N LEU A 26 -22.01 33.94 2.02
CA LEU A 26 -20.82 33.49 1.30
C LEU A 26 -20.51 32.02 1.61
N ILE A 27 -20.36 31.69 2.88
CA ILE A 27 -20.02 30.32 3.27
C ILE A 27 -21.13 29.75 4.14
N GLU A 28 -21.08 28.43 4.27
CA GLU A 28 -21.86 27.73 5.28
C GLU A 28 -20.94 26.77 6.03
N TYR A 29 -21.12 26.70 7.36
CA TYR A 29 -20.30 25.82 8.19
C TYR A 29 -20.72 24.37 7.98
N TYR A 30 -19.75 23.47 8.09
CA TYR A 30 -19.95 22.06 7.78
C TYR A 30 -19.59 21.21 9.00
N ASP A 31 -20.13 19.99 9.01
CA ASP A 31 -19.96 19.09 10.14
C ASP A 31 -18.51 18.74 10.44
N ILE A 32 -17.62 18.90 9.46
CA ILE A 32 -16.20 18.57 9.62
C ILE A 32 -15.43 19.88 9.72
N SER A 33 -14.73 20.05 10.84
CA SER A 33 -14.02 21.29 11.13
C SER A 33 -12.99 21.60 10.05
N GLY A 34 -12.87 22.88 9.71
CA GLY A 34 -11.93 23.31 8.70
C GLY A 34 -12.39 23.08 7.29
N CYS A 35 -13.60 22.56 7.09
CA CYS A 35 -14.21 22.40 5.78
C CYS A 35 -15.44 23.29 5.71
N TYR A 36 -15.58 24.02 4.62
CA TYR A 36 -16.64 25.01 4.46
C TYR A 36 -17.33 24.83 3.12
N ILE A 37 -18.63 25.10 3.12
CA ILE A 37 -19.40 25.13 1.89
C ILE A 37 -19.27 26.51 1.27
N LEU A 38 -18.88 26.55 -0.01
CA LEU A 38 -18.89 27.78 -0.81
C LEU A 38 -20.26 27.94 -1.43
N ARG A 39 -21.08 28.80 -0.82
CA ARG A 39 -22.38 29.09 -1.36
C ARG A 39 -22.22 29.82 -2.69
N PRO A 40 -23.30 29.93 -3.48
CA PRO A 40 -23.16 30.53 -4.83
C PRO A 40 -22.43 31.86 -4.88
N ALA A 41 -22.58 32.72 -3.87
CA ALA A 41 -21.98 34.05 -3.94
C ALA A 41 -20.46 33.99 -3.89
N ALA A 42 -19.88 33.08 -3.10
CA ALA A 42 -18.42 32.97 -3.09
C ALA A 42 -17.92 32.19 -4.30
N TYR A 43 -18.64 31.14 -4.69
CA TYR A 43 -18.20 30.35 -5.83
C TYR A 43 -18.23 31.19 -7.10
N TYR A 44 -19.12 32.18 -7.17
CA TYR A 44 -19.14 33.08 -8.31
C TYR A 44 -17.82 33.84 -8.45
N ILE A 45 -17.29 34.36 -7.34
CA ILE A 45 -15.98 35.03 -7.36
C ILE A 45 -14.91 34.07 -7.87
N TRP A 46 -14.95 32.82 -7.37
CA TRP A 46 -14.01 31.82 -7.88
C TRP A 46 -14.14 31.65 -9.39
N GLU A 47 -15.38 31.56 -9.88
CA GLU A 47 -15.64 31.38 -11.31
C GLU A 47 -15.06 32.52 -12.13
N CYS A 48 -15.23 33.77 -11.66
CA CYS A 48 -14.71 34.95 -12.38
C CYS A 48 -13.19 34.98 -12.45
N VAL A 49 -12.53 34.77 -11.31
CA VAL A 49 -11.07 34.83 -11.37
C VAL A 49 -10.54 33.66 -12.18
N GLN A 50 -11.26 32.54 -12.15
CA GLN A 50 -10.84 31.38 -12.93
C GLN A 50 -10.94 31.67 -14.43
N ALA A 51 -12.06 32.25 -14.87
CA ALA A 51 -12.17 32.69 -16.26
C ALA A 51 -11.01 33.60 -16.65
N PHE A 52 -10.73 34.62 -15.83
CA PHE A 52 -9.69 35.58 -16.17
C PHE A 52 -8.32 34.92 -16.27
N PHE A 53 -8.00 34.08 -15.29
CA PHE A 53 -6.69 33.46 -15.26
C PHE A 53 -6.55 32.45 -16.39
N ASN A 54 -7.63 31.74 -16.73
CA ASN A 54 -7.58 30.79 -17.83
C ASN A 54 -7.24 31.51 -19.13
N LYS A 55 -7.88 32.65 -19.39
CA LYS A 55 -7.60 33.31 -20.66
C LYS A 55 -6.22 33.94 -20.66
N GLU A 56 -5.72 34.34 -19.50
CA GLU A 56 -4.35 34.86 -19.48
C GLU A 56 -3.30 33.75 -19.65
N ILE A 57 -3.47 32.60 -18.98
CA ILE A 57 -2.43 31.58 -19.08
C ILE A 57 -2.50 30.87 -20.43
N LYS A 58 -3.69 30.82 -21.05
CA LYS A 58 -3.74 30.30 -22.41
C LYS A 58 -2.94 31.16 -23.38
N LYS A 59 -2.75 32.44 -23.09
CA LYS A 59 -1.89 33.26 -23.93
C LYS A 59 -0.43 32.89 -23.78
N LEU A 60 -0.06 32.34 -22.63
CA LEU A 60 1.27 31.82 -22.37
C LEU A 60 1.44 30.38 -22.86
N ASN A 61 0.44 29.83 -23.53
CA ASN A 61 0.44 28.45 -24.05
C ASN A 61 0.45 27.40 -22.94
N VAL A 62 -0.10 27.74 -21.79
CA VAL A 62 -0.38 26.75 -20.75
C VAL A 62 -1.69 26.07 -21.11
N GLU A 63 -1.78 24.76 -20.86
CA GLU A 63 -3.00 24.03 -21.13
C GLU A 63 -3.55 23.39 -19.87
N ASN A 64 -4.87 23.36 -19.76
CA ASN A 64 -5.48 22.78 -18.59
C ASN A 64 -5.54 21.26 -18.72
N SER A 65 -5.50 20.60 -17.59
CA SER A 65 -5.36 19.16 -17.51
C SER A 65 -6.03 18.75 -16.21
N TYR A 66 -6.08 17.44 -15.95
CA TYR A 66 -6.56 16.96 -14.67
C TYR A 66 -5.83 15.67 -14.33
N PHE A 67 -5.23 15.64 -13.15
CA PHE A 67 -4.45 14.52 -12.64
C PHE A 67 -5.14 13.90 -11.45
N PRO A 68 -4.84 12.64 -11.12
CA PRO A 68 -5.62 11.94 -10.09
C PRO A 68 -5.47 12.57 -8.71
N LEU A 69 -6.52 12.36 -7.91
CA LEU A 69 -6.55 12.86 -6.54
C LEU A 69 -5.60 12.09 -5.61
N PHE A 70 -5.20 10.89 -6.00
CA PHE A 70 -4.46 9.98 -5.12
C PHE A 70 -3.02 9.80 -5.58
N VAL A 71 -2.15 9.48 -4.62
CA VAL A 71 -0.75 9.21 -4.89
C VAL A 71 -0.29 8.10 -3.93
N THR A 72 0.45 7.13 -4.46
CA THR A 72 1.06 6.10 -3.62
C THR A 72 2.16 6.72 -2.76
N LYS A 73 2.57 5.99 -1.72
CA LYS A 73 3.72 6.45 -0.94
C LYS A 73 5.00 6.43 -1.77
N ASN A 74 5.12 5.49 -2.71
CA ASN A 74 6.33 5.39 -3.53
C ASN A 74 6.65 6.70 -4.21
N LYS A 75 5.68 7.30 -4.88
CA LYS A 75 5.95 8.54 -5.61
C LYS A 75 6.09 9.73 -4.67
N LEU A 76 5.33 9.77 -3.58
CA LEU A 76 5.38 10.92 -2.70
C LEU A 76 6.68 10.97 -1.90
N GLU A 77 7.38 9.85 -1.73
CA GLU A 77 8.66 9.84 -1.01
C GLU A 77 9.88 9.90 -1.93
N LYS A 78 9.71 9.95 -3.26
CA LYS A 78 10.83 10.37 -4.09
C LYS A 78 11.32 11.74 -3.67
N GLU A 79 10.46 12.47 -2.99
CA GLU A 79 10.74 13.80 -2.47
C GLU A 79 11.87 13.86 -1.44
N LYS A 80 12.84 14.76 -1.65
CA LYS A 80 13.91 14.94 -0.68
C LYS A 80 13.48 15.79 0.50
N ASN A 81 12.84 16.94 0.22
CA ASN A 81 12.51 17.96 1.21
C ASN A 81 11.03 18.34 1.11
N HIS A 82 10.44 18.08 -0.06
CA HIS A 82 8.99 18.08 -0.22
C HIS A 82 8.30 17.23 0.88
N ILE A 83 8.94 16.11 1.25
CA ILE A 83 8.41 15.26 2.33
C ILE A 83 8.49 15.98 3.67
N GLU A 84 9.67 16.53 4.01
CA GLU A 84 9.78 17.40 5.16
C GLU A 84 8.66 18.44 5.20
N GLY A 85 8.32 19.01 4.05
CA GLY A 85 7.40 20.13 4.04
C GLY A 85 5.94 19.73 4.24
N PHE A 86 5.54 18.59 3.68
CA PHE A 86 4.12 18.25 3.64
C PHE A 86 3.71 17.01 4.43
N SER A 87 4.66 16.25 5.00
CA SER A 87 4.34 14.92 5.51
C SER A 87 3.26 14.89 6.58
N PRO A 88 3.30 15.71 7.63
CA PRO A 88 2.29 15.59 8.70
C PRO A 88 0.90 16.10 8.34
N GLU A 89 0.69 16.65 7.17
CA GLU A 89 -0.62 17.12 6.85
C GLU A 89 -1.28 16.32 5.74
N VAL A 90 -0.67 15.23 5.34
CA VAL A 90 -1.19 14.37 4.28
C VAL A 90 -2.32 13.52 4.82
N ALA A 91 -3.44 13.49 4.11
CA ALA A 91 -4.56 12.61 4.43
C ALA A 91 -4.36 11.26 3.75
N TRP A 92 -4.55 10.18 4.51
CA TRP A 92 -4.31 8.83 4.03
C TRP A 92 -5.60 8.05 3.92
N VAL A 93 -5.80 7.38 2.77
CA VAL A 93 -6.95 6.51 2.55
C VAL A 93 -6.52 5.08 2.85
N THR A 94 -7.16 4.45 3.83
CA THR A 94 -6.81 3.10 4.26
C THR A 94 -7.89 2.07 4.01
N LYS A 95 -9.15 2.46 3.96
CA LYS A 95 -10.24 1.52 3.77
C LYS A 95 -10.93 1.83 2.45
N TYR A 96 -11.42 0.77 1.82
CA TYR A 96 -12.02 0.83 0.49
C TYR A 96 -13.29 0.01 0.56
N GLY A 97 -14.44 0.69 0.55
CA GLY A 97 -15.68 0.02 0.87
C GLY A 97 -15.72 -0.41 2.32
N ASP A 98 -15.75 -1.72 2.55
CA ASP A 98 -15.66 -2.30 3.90
C ASP A 98 -14.44 -3.22 3.93
N SER A 99 -13.26 -2.63 3.77
CA SER A 99 -12.05 -3.41 3.51
C SER A 99 -10.78 -2.56 3.60
N ASN A 100 -9.89 -2.90 4.55
CA ASN A 100 -8.58 -2.27 4.64
C ASN A 100 -7.58 -3.08 3.82
N LEU A 101 -6.91 -2.43 2.89
CA LEU A 101 -5.90 -3.11 2.13
C LEU A 101 -4.54 -2.48 2.40
N PRO A 102 -3.47 -3.29 2.43
CA PRO A 102 -2.14 -2.77 2.82
C PRO A 102 -1.72 -1.53 2.04
N GLU A 103 -1.89 -1.58 0.72
CA GLU A 103 -1.53 -0.47 -0.15
C GLU A 103 -2.35 0.79 0.13
N GLU A 104 -1.92 1.56 1.11
CA GLU A 104 -2.61 2.80 1.46
C GLU A 104 -2.15 3.93 0.54
N ILE A 105 -3.09 4.80 0.19
CA ILE A 105 -2.82 5.89 -0.74
C ILE A 105 -3.15 7.22 -0.08
N ALA A 106 -2.50 8.26 -0.57
CA ALA A 106 -2.59 9.61 -0.01
C ALA A 106 -3.39 10.52 -0.93
N ILE A 107 -4.14 11.44 -0.32
CA ILE A 107 -4.81 12.51 -1.06
C ILE A 107 -3.81 13.61 -1.34
N ARG A 108 -3.84 14.14 -2.55
CA ARG A 108 -2.86 15.15 -2.93
C ARG A 108 -2.93 16.36 -2.01
N PRO A 109 -1.82 16.76 -1.37
CA PRO A 109 -1.73 18.10 -0.80
C PRO A 109 -1.19 19.12 -1.80
N THR A 110 -0.65 18.63 -2.91
CA THR A 110 -0.06 19.35 -4.02
C THR A 110 0.36 18.26 -4.98
N SER A 111 0.53 18.61 -6.25
CA SER A 111 0.54 17.59 -7.30
C SER A 111 1.91 17.39 -7.95
N GLU A 112 2.98 17.89 -7.34
CA GLU A 112 4.31 17.73 -7.90
C GLU A 112 4.65 16.26 -8.12
N THR A 113 4.62 15.47 -7.05
CA THR A 113 5.04 14.07 -7.19
C THR A 113 4.07 13.27 -8.05
N ILE A 114 2.82 13.70 -8.20
CA ILE A 114 1.89 13.02 -9.08
C ILE A 114 2.24 13.26 -10.55
N MET A 115 2.41 14.53 -10.92
CA MET A 115 2.64 14.91 -12.32
C MET A 115 4.07 14.59 -12.78
N TYR A 116 5.07 14.89 -11.94
CA TYR A 116 6.44 14.68 -12.35
C TYR A 116 6.77 13.21 -12.50
N SER A 117 5.98 12.33 -11.89
CA SER A 117 6.20 10.90 -12.05
C SER A 117 5.91 10.43 -13.47
N VAL A 118 5.06 11.15 -14.21
CA VAL A 118 4.81 10.82 -15.62
C VAL A 118 5.47 11.78 -16.58
N PHE A 119 5.98 12.93 -16.12
CA PHE A 119 6.73 13.81 -17.01
C PHE A 119 7.83 13.10 -17.82
N PRO A 120 8.60 12.16 -17.27
CA PRO A 120 9.62 11.50 -18.12
C PRO A 120 9.03 10.80 -19.33
N LYS A 121 7.78 10.33 -19.25
CA LYS A 121 7.14 9.69 -20.38
C LYS A 121 6.81 10.65 -21.51
N TRP A 122 6.63 11.95 -21.21
CA TRP A 122 6.26 12.97 -22.20
C TRP A 122 7.41 13.84 -22.66
N ILE A 123 8.54 13.83 -21.96
CA ILE A 123 9.69 14.66 -22.30
C ILE A 123 10.85 13.72 -22.63
N ARG A 124 11.29 13.76 -23.89
CA ARG A 124 12.44 12.97 -24.29
C ARG A 124 13.44 13.85 -25.04
N SER A 125 12.96 14.87 -25.71
CA SER A 125 13.75 15.70 -26.60
C SER A 125 13.48 17.17 -26.31
N TYR A 126 14.42 18.02 -26.71
CA TYR A 126 14.17 19.46 -26.74
C TYR A 126 12.91 19.79 -27.54
N ARG A 127 12.53 18.94 -28.50
CA ARG A 127 11.33 19.16 -29.29
C ARG A 127 10.05 19.03 -28.48
N ASP A 128 10.13 18.47 -27.28
CA ASP A 128 8.98 18.32 -26.40
C ASP A 128 8.83 19.47 -25.42
N LEU A 129 9.71 20.45 -25.47
CA LEU A 129 9.73 21.53 -24.49
C LEU A 129 9.37 22.86 -25.14
N PRO A 130 8.77 23.80 -24.38
CA PRO A 130 8.43 23.63 -22.97
C PRO A 130 7.11 22.87 -22.79
N LEU A 131 7.01 22.12 -21.69
CA LEU A 131 5.74 21.51 -21.28
C LEU A 131 5.09 22.45 -20.28
N LYS A 132 3.81 22.81 -20.51
CA LYS A 132 3.10 23.81 -19.69
C LYS A 132 1.69 23.33 -19.36
N LEU A 133 1.46 22.92 -18.10
CA LEU A 133 0.20 22.35 -17.67
C LEU A 133 -0.38 23.12 -16.47
N ASN A 134 -1.71 23.09 -16.36
CA ASN A 134 -2.41 23.73 -15.25
C ASN A 134 -3.56 22.83 -14.83
N GLN A 135 -3.88 22.85 -13.54
CA GLN A 135 -5.03 22.15 -13.00
C GLN A 135 -5.85 23.12 -12.15
N TRP A 136 -7.17 23.01 -12.29
CA TRP A 136 -8.12 23.55 -11.33
C TRP A 136 -8.62 22.36 -10.52
N ASN A 137 -8.32 22.33 -9.24
CA ASN A 137 -8.73 21.16 -8.47
C ASN A 137 -8.82 21.51 -7.00
N THR A 138 -9.04 20.48 -6.20
CA THR A 138 -9.12 20.52 -4.76
C THR A 138 -7.89 19.85 -4.16
N VAL A 139 -7.37 20.41 -3.08
CA VAL A 139 -6.33 19.70 -2.33
C VAL A 139 -6.69 19.68 -0.85
N VAL A 140 -6.06 18.75 -0.14
CA VAL A 140 -6.29 18.51 1.28
C VAL A 140 -4.97 18.66 2.01
N ARG A 141 -4.97 19.47 3.07
CA ARG A 141 -3.83 19.68 3.97
C ARG A 141 -4.44 19.69 5.37
N TRP A 142 -4.47 18.51 5.98
CA TRP A 142 -5.16 18.27 7.25
C TRP A 142 -4.25 18.70 8.39
N GLU A 143 -4.26 19.96 8.70
CA GLU A 143 -3.42 20.46 9.71
C GLU A 143 -4.13 20.48 11.03
N PHE A 144 -3.40 20.20 12.09
CA PHE A 144 -3.92 20.14 13.42
C PHE A 144 -4.28 21.48 13.99
N LYS A 145 -3.69 22.57 13.45
CA LYS A 145 -3.91 23.96 13.86
C LYS A 145 -5.35 24.40 13.58
N GLN A 146 -5.85 25.45 14.24
CA GLN A 146 -7.27 25.69 14.02
C GLN A 146 -7.49 26.54 12.77
N PRO A 147 -8.58 26.29 12.05
CA PRO A 147 -8.74 26.85 10.71
C PRO A 147 -9.32 28.26 10.71
N THR A 148 -9.23 28.90 9.55
CA THR A 148 -9.81 30.22 9.31
C THR A 148 -10.50 30.15 7.96
N PRO A 149 -11.82 30.40 7.88
CA PRO A 149 -12.51 30.29 6.59
C PRO A 149 -11.81 31.09 5.50
N PHE A 150 -11.67 30.46 4.33
CA PHE A 150 -10.91 30.94 3.18
C PHE A 150 -9.39 30.95 3.39
N ILE A 151 -8.93 31.49 4.51
CA ILE A 151 -7.50 31.77 4.65
C ILE A 151 -6.71 30.51 4.97
N ARG A 152 -7.20 29.70 5.90
CA ARG A 152 -6.50 28.47 6.32
C ARG A 152 -7.55 27.37 6.45
N THR A 153 -7.69 26.55 5.41
CA THR A 153 -8.67 25.48 5.42
C THR A 153 -8.01 24.14 5.13
N ARG A 154 -8.62 23.05 5.63
CA ARG A 154 -8.05 21.73 5.47
C ARG A 154 -8.29 21.18 4.07
N GLU A 155 -9.36 21.60 3.43
CA GLU A 155 -9.60 21.35 2.02
C GLU A 155 -9.79 22.69 1.34
N PHE A 156 -9.20 22.87 0.16
CA PHE A 156 -9.42 24.13 -0.53
C PHE A 156 -9.27 23.98 -2.04
N LEU A 157 -9.93 24.90 -2.74
CA LEU A 157 -9.85 24.97 -4.19
C LEU A 157 -8.64 25.81 -4.59
N TRP A 158 -8.01 25.42 -5.69
CA TRP A 158 -6.92 26.23 -6.22
C TRP A 158 -6.72 25.91 -7.68
N GLN A 159 -5.83 26.67 -8.29
CA GLN A 159 -5.14 26.25 -9.49
C GLN A 159 -3.68 26.00 -9.12
N GLU A 160 -3.11 24.99 -9.76
CA GLU A 160 -1.68 24.72 -9.73
C GLU A 160 -1.17 24.57 -11.17
N GLY A 161 -0.14 25.35 -11.50
CA GLY A 161 0.49 25.33 -12.79
C GLY A 161 1.90 24.78 -12.64
N HIS A 162 2.33 24.05 -13.66
CA HIS A 162 3.60 23.34 -13.65
C HIS A 162 4.19 23.40 -15.04
N THR A 163 5.41 23.91 -15.15
CA THR A 163 6.08 23.97 -16.44
C THR A 163 7.46 23.34 -16.34
N ALA A 164 7.93 22.87 -17.50
CA ALA A 164 9.30 22.40 -17.70
C ALA A 164 9.87 23.04 -18.95
N HIS A 165 11.11 23.49 -18.85
CA HIS A 165 11.79 24.26 -19.87
C HIS A 165 13.18 23.68 -20.11
N LYS A 166 13.81 24.12 -21.21
CA LYS A 166 15.12 23.64 -21.60
C LYS A 166 16.26 24.39 -20.91
N ASN A 167 15.99 25.46 -20.17
CA ASN A 167 17.05 26.18 -19.48
C ASN A 167 16.44 27.07 -18.39
N GLU A 168 17.32 27.81 -17.72
CA GLU A 168 16.95 28.60 -16.55
C GLU A 168 16.29 29.92 -16.94
N GLU A 169 16.74 30.53 -18.04
CA GLU A 169 16.22 31.82 -18.48
C GLU A 169 14.72 31.75 -18.75
N GLU A 170 14.32 30.80 -19.58
CA GLU A 170 12.90 30.58 -19.89
C GLU A 170 12.08 30.39 -18.62
N ALA A 171 12.57 29.52 -17.72
CA ALA A 171 11.81 29.18 -16.52
C ALA A 171 11.62 30.40 -15.61
N VAL A 172 12.69 31.17 -15.40
CA VAL A 172 12.61 32.34 -14.51
C VAL A 172 11.71 33.41 -15.11
N LYS A 173 11.80 33.60 -16.44
CA LYS A 173 10.90 34.53 -17.10
C LYS A 173 9.45 34.13 -16.86
N LEU A 174 9.15 32.85 -17.00
CA LEU A 174 7.77 32.42 -16.76
C LEU A 174 7.37 32.63 -15.30
N VAL A 175 8.28 32.36 -14.37
CA VAL A 175 7.99 32.58 -12.94
C VAL A 175 7.46 34.00 -12.74
N PHE A 176 8.18 34.98 -13.29
CA PHE A 176 7.74 36.35 -13.04
C PHE A 176 6.57 36.80 -13.91
N ASP A 177 6.38 36.25 -15.11
CA ASP A 177 5.15 36.51 -15.85
C ASP A 177 3.93 36.00 -15.10
N ILE A 178 4.04 34.82 -14.49
CA ILE A 178 2.95 34.31 -13.67
C ILE A 178 2.73 35.20 -12.46
N LEU A 179 3.83 35.66 -11.84
CA LEU A 179 3.68 36.58 -10.73
C LEU A 179 2.88 37.82 -11.14
N ASP A 180 3.14 38.37 -12.33
CA ASP A 180 2.34 39.55 -12.71
C ASP A 180 0.89 39.18 -13.03
N LEU A 181 0.64 37.99 -13.56
CA LEU A 181 -0.74 37.55 -13.70
C LEU A 181 -1.44 37.50 -12.33
N TYR A 182 -0.75 37.03 -11.30
CA TYR A 182 -1.32 37.03 -9.95
C TYR A 182 -1.59 38.46 -9.47
N ARG A 183 -0.64 39.37 -9.70
CA ARG A 183 -0.92 40.76 -9.35
C ARG A 183 -2.18 41.25 -10.05
N ARG A 184 -2.39 40.81 -11.30
CA ARG A 184 -3.55 41.29 -12.04
C ARG A 184 -4.84 40.67 -11.53
N TRP A 185 -4.83 39.37 -11.23
CA TRP A 185 -5.86 38.69 -10.47
C TRP A 185 -6.35 39.55 -9.31
N TYR A 186 -5.40 39.91 -8.42
CA TYR A 186 -5.78 40.60 -7.19
C TYR A 186 -6.22 42.05 -7.46
N GLU A 187 -5.47 42.78 -8.26
CA GLU A 187 -5.73 44.20 -8.41
C GLU A 187 -6.89 44.45 -9.37
N GLU A 188 -6.91 43.77 -10.52
CA GLU A 188 -7.93 44.01 -11.53
C GLU A 188 -9.25 43.36 -11.19
N TYR A 189 -9.27 42.26 -10.40
CA TYR A 189 -10.55 41.63 -10.13
C TYR A 189 -10.98 41.73 -8.68
N LEU A 190 -10.05 41.63 -7.75
CA LEU A 190 -10.38 41.71 -6.34
C LEU A 190 -10.07 43.08 -5.74
N ALA A 191 -9.48 43.98 -6.54
CA ALA A 191 -9.12 45.34 -6.09
C ALA A 191 -8.25 45.31 -4.84
N VAL A 192 -7.39 44.32 -4.72
CA VAL A 192 -6.52 44.15 -3.56
C VAL A 192 -5.08 44.42 -3.98
N PRO A 193 -4.42 45.42 -3.41
CA PRO A 193 -2.99 45.65 -3.72
C PRO A 193 -2.09 44.64 -3.03
N ILE A 194 -1.06 44.18 -3.76
CA ILE A 194 -0.14 43.18 -3.25
C ILE A 194 1.29 43.71 -3.40
N ILE A 195 2.19 43.11 -2.63
CA ILE A 195 3.62 43.40 -2.67
C ILE A 195 4.31 42.18 -3.27
N LYS A 196 5.04 42.38 -4.36
CA LYS A 196 5.82 41.30 -4.95
C LYS A 196 7.12 41.14 -4.20
N GLY A 197 7.50 39.88 -3.93
CA GLY A 197 8.73 39.67 -3.20
C GLY A 197 9.28 38.27 -3.41
N ILE A 198 10.48 38.08 -2.87
CA ILE A 198 11.15 36.78 -2.81
C ILE A 198 11.07 36.26 -1.38
N LYS A 199 10.82 34.96 -1.23
CA LYS A 199 10.71 34.38 0.11
C LYS A 199 12.09 34.07 0.69
N SER A 200 12.16 34.11 2.02
CA SER A 200 13.34 33.70 2.77
C SER A 200 13.64 32.24 2.51
N GLU A 201 14.87 31.84 2.85
CA GLU A 201 15.26 30.45 2.63
C GLU A 201 14.49 29.51 3.55
N GLY A 202 14.18 29.93 4.78
CA GLY A 202 13.39 29.11 5.66
C GLY A 202 11.91 29.10 5.37
N GLU A 203 11.43 30.03 4.55
CA GLU A 203 10.03 30.09 4.19
C GLU A 203 9.74 29.65 2.77
N LYS A 204 10.76 29.37 1.97
CA LYS A 204 10.53 29.01 0.59
C LYS A 204 10.00 27.58 0.47
N PHE A 205 9.29 27.33 -0.63
CA PHE A 205 8.70 26.03 -0.91
C PHE A 205 9.76 24.93 -0.85
N GLY A 206 9.42 23.84 -0.18
CA GLY A 206 10.32 22.70 -0.06
C GLY A 206 10.66 22.13 -1.42
N GLY A 207 11.95 22.13 -1.75
CA GLY A 207 12.42 21.66 -3.03
C GLY A 207 12.63 22.75 -4.07
N ALA A 208 12.17 23.97 -3.79
CA ALA A 208 12.31 25.04 -4.75
C ALA A 208 13.71 25.65 -4.68
N ASN A 209 14.17 26.10 -5.84
CA ASN A 209 15.37 26.94 -5.90
C ASN A 209 15.11 28.29 -5.24
N PHE A 210 14.03 28.97 -5.65
CA PHE A 210 13.55 30.16 -4.94
C PHE A 210 12.04 30.26 -5.10
N THR A 211 11.40 30.93 -4.15
CA THR A 211 9.96 31.16 -4.18
C THR A 211 9.70 32.66 -4.24
N SER A 212 9.04 33.09 -5.32
CA SER A 212 8.50 34.43 -5.38
C SER A 212 7.04 34.40 -4.92
N THR A 213 6.55 35.56 -4.48
CA THR A 213 5.28 35.60 -3.79
C THR A 213 4.64 36.96 -3.94
N ALA A 214 3.32 36.99 -3.86
CA ALA A 214 2.57 38.21 -3.62
C ALA A 214 2.09 38.17 -2.17
N GLU A 215 2.29 39.27 -1.45
CA GLU A 215 1.82 39.37 -0.07
C GLU A 215 0.76 40.46 0.01
N ALA A 216 -0.31 40.19 0.75
CA ALA A 216 -1.30 41.19 1.12
C ALA A 216 -1.22 41.43 2.62
N PHE A 217 -1.87 42.51 3.04
CA PHE A 217 -1.87 42.90 4.46
C PHE A 217 -3.26 43.38 4.84
N ILE A 218 -3.72 42.96 6.02
CA ILE A 218 -4.98 43.40 6.58
C ILE A 218 -4.62 44.37 7.68
N SER A 219 -4.76 45.65 7.35
CA SER A 219 -4.38 46.72 8.24
C SER A 219 -5.31 46.81 9.46
N GLU A 220 -6.52 46.27 9.36
CA GLU A 220 -7.46 46.36 10.47
C GLU A 220 -7.14 45.37 11.60
N ASN A 221 -6.34 44.34 11.34
CA ASN A 221 -5.81 43.52 12.42
C ASN A 221 -4.31 43.29 12.31
N GLY A 222 -3.60 44.06 11.48
CA GLY A 222 -2.16 43.95 11.37
C GLY A 222 -1.64 42.58 10.98
N ARG A 223 -2.31 41.89 10.06
CA ARG A 223 -1.88 40.55 9.70
C ARG A 223 -1.57 40.46 8.21
N ALA A 224 -0.38 39.93 7.88
CA ALA A 224 -0.03 39.63 6.51
C ALA A 224 -0.65 38.30 6.07
N ILE A 225 -0.95 38.20 4.77
CA ILE A 225 -1.46 36.98 4.17
C ILE A 225 -0.75 36.76 2.84
N GLN A 226 -0.08 35.61 2.70
CA GLN A 226 0.50 35.20 1.42
C GLN A 226 -0.60 34.92 0.41
N ALA A 227 -0.63 35.68 -0.69
CA ALA A 227 -1.74 35.68 -1.62
C ALA A 227 -1.58 34.66 -2.72
N ALA A 228 -0.35 34.39 -3.15
CA ALA A 228 -0.01 33.50 -4.26
C ALA A 228 1.51 33.34 -4.30
N THR A 229 1.96 32.24 -4.89
CA THR A 229 3.39 31.97 -5.01
C THR A 229 3.72 31.43 -6.38
N SER A 230 4.94 31.72 -6.82
CA SER A 230 5.50 31.25 -8.09
C SER A 230 6.90 30.76 -7.77
N HIS A 231 7.13 29.46 -7.92
CA HIS A 231 8.40 28.84 -7.56
C HIS A 231 9.23 28.54 -8.79
N TYR A 232 10.53 28.78 -8.69
CA TYR A 232 11.50 28.24 -9.62
C TYR A 232 12.09 27.01 -8.95
N LEU A 233 11.84 25.85 -9.53
CA LEU A 233 12.33 24.62 -8.93
C LEU A 233 13.68 24.20 -9.49
N GLY A 234 14.17 24.90 -10.51
CA GLY A 234 15.40 24.51 -11.16
C GLY A 234 15.32 23.08 -11.61
N THR A 235 16.36 22.32 -11.25
CA THR A 235 16.46 20.92 -11.63
C THR A 235 16.27 19.97 -10.45
N ASN A 236 15.90 20.50 -9.27
CA ASN A 236 15.77 19.68 -8.07
C ASN A 236 14.80 18.51 -8.29
N PHE A 237 13.57 18.83 -8.68
CA PHE A 237 12.59 17.79 -8.98
C PHE A 237 12.98 17.00 -10.23
N ALA A 238 13.71 17.62 -11.16
CA ALA A 238 14.13 16.91 -12.37
C ALA A 238 15.18 15.85 -12.04
N LYS A 239 16.15 16.17 -11.19
CA LYS A 239 17.08 15.15 -10.71
C LYS A 239 16.35 14.06 -9.92
N MET A 240 15.46 14.45 -9.01
CA MET A 240 14.86 13.43 -8.16
C MET A 240 13.87 12.55 -8.92
N PHE A 241 13.26 13.06 -9.99
CA PHE A 241 12.33 12.29 -10.81
C PHE A 241 12.92 11.87 -12.15
N LYS A 242 14.20 12.16 -12.40
CA LYS A 242 14.91 11.87 -13.66
C LYS A 242 14.10 12.31 -14.89
N ILE A 243 13.82 13.61 -14.95
CA ILE A 243 13.15 14.23 -16.10
C ILE A 243 14.25 14.82 -16.97
N GLU A 244 14.80 14.01 -17.86
CA GLU A 244 15.87 14.46 -18.73
C GLU A 244 15.36 14.59 -20.15
N PHE A 245 16.13 15.30 -20.96
CA PHE A 245 15.83 15.45 -22.37
C PHE A 245 17.13 15.52 -23.15
N GLU A 246 17.11 14.98 -24.36
CA GLU A 246 18.22 15.15 -25.29
C GLU A 246 18.13 16.53 -25.90
N ASP A 247 19.19 17.32 -25.76
CA ASP A 247 19.18 18.68 -26.31
C ASP A 247 19.58 18.62 -27.79
N GLU A 248 19.88 19.79 -28.37
CA GLU A 248 20.14 19.86 -29.81
C GLU A 248 21.43 19.15 -30.20
N ASN A 249 22.39 19.00 -29.28
CA ASN A 249 23.62 18.27 -29.52
C ASN A 249 23.53 16.80 -29.11
N GLU A 250 22.34 16.31 -28.80
CA GLU A 250 22.13 14.93 -28.36
C GLU A 250 22.87 14.63 -27.06
N VAL A 251 22.82 15.55 -26.10
CA VAL A 251 23.35 15.28 -24.76
C VAL A 251 22.23 15.46 -23.75
N LYS A 252 22.19 14.57 -22.76
CA LYS A 252 21.15 14.62 -21.75
C LYS A 252 21.29 15.88 -20.90
N GLN A 253 20.15 16.50 -20.63
CA GLN A 253 20.05 17.61 -19.68
C GLN A 253 18.84 17.37 -18.80
N TYR A 254 18.83 18.02 -17.64
CA TYR A 254 17.65 18.07 -16.82
C TYR A 254 16.77 19.25 -17.25
N VAL A 255 15.45 19.05 -17.20
CA VAL A 255 14.54 20.16 -17.44
C VAL A 255 14.63 21.15 -16.28
N HIS A 256 14.32 22.40 -16.56
CA HIS A 256 14.20 23.43 -15.51
C HIS A 256 12.72 23.69 -15.27
N GLN A 257 12.28 23.56 -14.04
CA GLN A 257 10.85 23.54 -13.78
C GLN A 257 10.37 24.76 -12.98
N THR A 258 9.11 25.10 -13.21
CA THR A 258 8.41 26.10 -12.42
C THR A 258 7.12 25.50 -11.90
N SER A 259 6.63 26.09 -10.83
CA SER A 259 5.42 25.67 -10.15
C SER A 259 4.80 26.91 -9.54
N TRP A 260 3.47 27.02 -9.61
CA TRP A 260 2.81 28.23 -9.17
C TRP A 260 1.35 27.94 -8.85
N GLY A 261 0.84 28.55 -7.78
CA GLY A 261 -0.49 28.23 -7.31
C GLY A 261 -1.19 29.44 -6.73
N CYS A 262 -2.52 29.38 -6.76
CA CYS A 262 -3.30 30.37 -6.02
C CYS A 262 -4.66 29.76 -5.70
N THR A 263 -5.17 30.09 -4.50
CA THR A 263 -6.29 29.38 -3.88
C THR A 263 -7.44 30.34 -3.55
N THR A 264 -8.56 29.76 -3.11
CA THR A 264 -9.72 30.51 -2.61
C THR A 264 -9.39 31.42 -1.43
N ARG A 265 -8.21 31.27 -0.84
CA ARG A 265 -7.69 32.30 0.07
C ARG A 265 -7.88 33.71 -0.47
N SER A 266 -7.73 33.90 -1.79
CA SER A 266 -7.87 35.23 -2.36
C SER A 266 -9.23 35.84 -2.00
N ILE A 267 -10.29 35.03 -2.06
CA ILE A 267 -11.63 35.49 -1.68
C ILE A 267 -11.59 36.09 -0.28
N GLY A 268 -11.03 35.33 0.67
CA GLY A 268 -10.94 35.84 2.03
C GLY A 268 -10.18 37.14 2.10
N ILE A 269 -9.06 37.21 1.37
CA ILE A 269 -8.28 38.45 1.36
C ILE A 269 -9.18 39.60 0.90
N MET A 270 -9.91 39.37 -0.19
CA MET A 270 -10.83 40.39 -0.69
C MET A 270 -11.80 40.82 0.40
N ILE A 271 -12.44 39.84 1.05
CA ILE A 271 -13.42 40.15 2.10
C ILE A 271 -12.77 40.97 3.20
N MET A 272 -11.54 40.63 3.57
CA MET A 272 -10.92 41.34 4.69
C MET A 272 -10.46 42.72 4.28
N THR A 273 -10.19 42.93 2.99
CA THR A 273 -9.74 44.24 2.55
C THR A 273 -10.88 45.25 2.49
N HIS A 274 -11.98 44.89 1.82
CA HIS A 274 -13.01 45.88 1.50
C HIS A 274 -14.22 45.81 2.41
N GLY A 275 -14.43 44.71 3.12
CA GLY A 275 -15.60 44.62 3.97
C GLY A 275 -15.61 45.73 5.01
N ASP A 276 -16.81 46.20 5.35
CA ASP A 276 -16.96 47.26 6.33
C ASP A 276 -17.99 46.86 7.38
N ASP A 277 -18.31 47.78 8.30
CA ASP A 277 -19.24 47.46 9.37
C ASP A 277 -20.67 47.25 8.88
N LYS A 278 -20.96 47.49 7.61
CA LYS A 278 -22.26 47.15 7.05
C LYS A 278 -22.24 45.80 6.34
N GLY A 279 -21.08 45.15 6.22
CA GLY A 279 -20.99 43.82 5.66
C GLY A 279 -20.09 43.77 4.43
N LEU A 280 -20.44 42.86 3.53
CA LEU A 280 -19.62 42.59 2.36
C LEU A 280 -19.56 43.82 1.44
N VAL A 281 -18.40 44.03 0.83
CA VAL A 281 -18.21 45.06 -0.19
C VAL A 281 -17.50 44.37 -1.37
N LEU A 282 -18.21 44.17 -2.45
CA LEU A 282 -17.68 43.40 -3.57
C LEU A 282 -17.18 44.33 -4.67
N PRO A 283 -15.98 44.11 -5.19
CA PRO A 283 -15.63 44.69 -6.49
C PRO A 283 -16.65 44.24 -7.53
N PRO A 284 -17.17 45.17 -8.34
CA PRO A 284 -18.26 44.81 -9.27
C PRO A 284 -17.92 43.64 -10.20
N ASN A 285 -16.65 43.45 -10.55
CA ASN A 285 -16.30 42.34 -11.44
C ASN A 285 -16.67 40.98 -10.85
N VAL A 286 -16.72 40.84 -9.52
CA VAL A 286 -16.91 39.53 -8.92
C VAL A 286 -18.25 39.43 -8.19
N SER A 287 -19.16 40.38 -8.41
CA SER A 287 -20.51 40.29 -7.86
C SER A 287 -21.43 39.83 -8.96
N LYS A 288 -22.26 38.82 -8.67
CA LYS A 288 -23.20 38.34 -9.69
C LYS A 288 -24.19 39.43 -10.09
N TYR A 289 -24.71 40.18 -9.12
CA TYR A 289 -25.60 41.29 -9.39
C TYR A 289 -24.81 42.59 -9.27
N LYS A 290 -24.83 43.38 -10.34
CA LYS A 290 -24.16 44.68 -10.30
C LYS A 290 -25.05 45.75 -9.70
N VAL A 291 -26.37 45.61 -9.87
CA VAL A 291 -27.34 46.61 -9.47
C VAL A 291 -28.49 45.89 -8.79
N VAL A 292 -29.00 46.46 -7.69
CA VAL A 292 -30.26 46.05 -7.11
C VAL A 292 -31.20 47.25 -7.15
N ILE A 293 -32.41 47.03 -7.65
CA ILE A 293 -33.42 48.08 -7.74
C ILE A 293 -34.37 47.90 -6.56
N VAL A 294 -34.44 48.91 -5.71
CA VAL A 294 -35.36 48.93 -4.57
C VAL A 294 -36.41 49.99 -4.81
N PRO A 295 -37.70 49.65 -4.80
CA PRO A 295 -38.74 50.68 -4.87
C PRO A 295 -39.04 51.27 -3.51
N ILE A 296 -39.43 52.55 -3.52
CA ILE A 296 -39.75 53.30 -2.30
C ILE A 296 -41.19 53.78 -2.45
N PHE A 297 -42.06 53.32 -1.56
CA PHE A 297 -43.49 53.52 -1.69
C PHE A 297 -43.99 54.56 -0.70
N TYR A 298 -44.67 55.58 -1.22
CA TYR A 298 -45.34 56.58 -0.41
C TYR A 298 -46.80 56.64 -0.84
N LYS A 299 -47.69 56.94 0.11
CA LYS A 299 -49.13 56.85 -0.15
C LYS A 299 -49.60 57.94 -1.12
N THR A 300 -48.67 58.53 -1.87
CA THR A 300 -48.95 59.60 -2.81
C THR A 300 -49.15 59.12 -4.25
N THR A 301 -48.43 58.08 -4.67
CA THR A 301 -48.42 57.62 -6.05
C THR A 301 -48.83 56.14 -6.12
N ASP A 302 -49.29 55.73 -7.30
CA ASP A 302 -49.63 54.34 -7.53
C ASP A 302 -48.38 53.46 -7.44
N GLU A 303 -48.48 52.39 -6.66
CA GLU A 303 -47.37 51.44 -6.55
C GLU A 303 -47.07 50.77 -7.89
N ASN A 304 -48.09 50.62 -8.75
CA ASN A 304 -47.89 49.97 -10.03
C ASN A 304 -47.08 50.84 -10.99
N ALA A 305 -47.26 52.17 -10.93
CA ALA A 305 -46.43 53.08 -11.72
C ALA A 305 -44.95 52.93 -11.37
N ILE A 306 -44.64 52.82 -10.08
CA ILE A 306 -43.27 52.60 -9.64
C ILE A 306 -42.78 51.22 -10.07
N HIS A 307 -43.65 50.20 -9.99
CA HIS A 307 -43.29 48.86 -10.47
C HIS A 307 -42.89 48.91 -11.94
N SER A 308 -43.72 49.53 -12.77
CA SER A 308 -43.42 49.69 -14.19
C SER A 308 -42.09 50.41 -14.38
N TYR A 309 -41.87 51.50 -13.65
CA TYR A 309 -40.64 52.27 -13.80
C TYR A 309 -39.40 51.42 -13.53
N CYS A 310 -39.42 50.64 -12.43
CA CYS A 310 -38.26 49.80 -12.12
C CYS A 310 -38.07 48.67 -13.11
N LYS A 311 -39.17 48.08 -13.59
CA LYS A 311 -39.05 47.03 -14.60
C LYS A 311 -38.44 47.59 -15.88
N ASP A 312 -38.80 48.83 -16.22
CA ASP A 312 -38.13 49.52 -17.34
C ASP A 312 -36.64 49.63 -17.09
N ILE A 313 -36.25 50.09 -15.90
CA ILE A 313 -34.83 50.24 -15.60
C ILE A 313 -34.12 48.88 -15.68
N GLU A 314 -34.75 47.84 -15.14
CA GLU A 314 -34.13 46.52 -15.12
C GLU A 314 -33.94 45.99 -16.54
N LYS A 315 -34.91 46.26 -17.42
CA LYS A 315 -34.76 45.82 -18.80
C LYS A 315 -33.67 46.61 -19.51
N ILE A 316 -33.58 47.91 -19.23
CA ILE A 316 -32.48 48.70 -19.79
C ILE A 316 -31.14 48.11 -19.39
N LEU A 317 -30.98 47.73 -18.13
CA LEU A 317 -29.71 47.20 -17.68
C LEU A 317 -29.43 45.81 -18.24
N LYS A 318 -30.46 44.96 -18.32
CA LYS A 318 -30.22 43.59 -18.76
C LYS A 318 -30.04 43.49 -20.27
N ASN A 319 -30.61 44.40 -21.05
CA ASN A 319 -30.30 44.42 -22.47
C ASN A 319 -28.90 44.96 -22.76
N ALA A 320 -28.20 45.48 -21.75
CA ALA A 320 -26.82 45.92 -21.89
C ALA A 320 -25.85 44.98 -21.20
N GLN A 321 -26.29 43.76 -20.90
CA GLN A 321 -25.45 42.72 -20.32
C GLN A 321 -24.97 43.07 -18.91
N ILE A 322 -25.77 43.81 -18.16
CA ILE A 322 -25.47 44.17 -16.79
C ILE A 322 -26.49 43.48 -15.90
N ASN A 323 -26.05 42.47 -15.15
CA ASN A 323 -27.00 41.69 -14.37
C ASN A 323 -27.51 42.52 -13.19
N CYS A 324 -28.82 42.45 -12.95
CA CYS A 324 -29.43 43.20 -11.86
C CYS A 324 -30.50 42.33 -11.21
N VAL A 325 -31.17 42.90 -10.21
CA VAL A 325 -32.32 42.26 -9.60
C VAL A 325 -33.24 43.35 -9.06
N TYR A 326 -34.53 43.21 -9.34
CA TYR A 326 -35.54 44.15 -8.86
C TYR A 326 -36.20 43.52 -7.65
N ASP A 327 -35.95 44.09 -6.47
CA ASP A 327 -36.49 43.57 -5.21
C ASP A 327 -37.94 44.00 -5.10
N ASP A 328 -38.83 43.21 -5.68
CA ASP A 328 -40.26 43.45 -5.71
C ASP A 328 -40.97 42.98 -4.45
N ARG A 329 -40.23 42.44 -3.47
CA ARG A 329 -40.85 41.77 -2.33
C ARG A 329 -41.72 42.72 -1.53
N ALA A 330 -43.02 42.42 -1.46
CA ALA A 330 -43.97 43.34 -0.86
C ALA A 330 -44.00 43.27 0.67
N SER A 331 -43.46 42.21 1.26
CA SER A 331 -43.57 42.06 2.71
C SER A 331 -42.54 42.86 3.50
N TYR A 332 -41.52 43.42 2.84
CA TYR A 332 -40.46 44.13 3.54
C TYR A 332 -40.38 45.59 3.11
N SER A 333 -39.95 46.42 4.07
CA SER A 333 -39.77 47.85 3.88
C SER A 333 -38.60 48.15 2.95
N PRO A 334 -38.50 49.38 2.47
CA PRO A 334 -37.31 49.78 1.69
C PRO A 334 -36.03 49.73 2.51
N GLY A 335 -36.05 50.20 3.76
CA GLY A 335 -34.84 50.18 4.57
C GLY A 335 -34.32 48.78 4.81
N TYR A 336 -35.24 47.83 5.06
CA TYR A 336 -34.86 46.43 5.17
C TYR A 336 -34.14 45.96 3.91
N LYS A 337 -34.64 46.35 2.73
CA LYS A 337 -34.00 45.93 1.49
C LYS A 337 -32.64 46.59 1.31
N PHE A 338 -32.54 47.89 1.62
CA PHE A 338 -31.24 48.55 1.66
C PHE A 338 -30.24 47.71 2.44
N ASN A 339 -30.62 47.30 3.65
CA ASN A 339 -29.69 46.56 4.51
C ASN A 339 -29.43 45.16 3.97
N HIS A 340 -30.48 44.50 3.47
CA HIS A 340 -30.36 43.15 2.92
C HIS A 340 -29.31 43.12 1.82
N TRP A 341 -29.33 44.11 0.93
CA TRP A 341 -28.41 44.11 -0.21
C TRP A 341 -27.07 44.74 0.10
N GLU A 342 -27.00 45.68 1.04
CA GLU A 342 -25.69 46.14 1.49
C GLU A 342 -24.93 45.03 2.20
N LEU A 343 -25.65 44.23 3.00
CA LEU A 343 -25.02 43.06 3.61
C LEU A 343 -24.37 42.16 2.57
N ARG A 344 -25.02 41.97 1.43
CA ARG A 344 -24.56 41.03 0.41
C ARG A 344 -23.58 41.63 -0.58
N GLY A 345 -23.22 42.91 -0.42
CA GLY A 345 -22.16 43.51 -1.21
C GLY A 345 -22.52 43.91 -2.63
N ILE A 346 -23.79 44.12 -2.94
CA ILE A 346 -24.11 44.61 -4.29
C ILE A 346 -23.49 45.99 -4.48
N PRO A 347 -22.75 46.23 -5.56
CA PRO A 347 -22.02 47.51 -5.68
C PRO A 347 -22.93 48.72 -5.82
N ILE A 348 -24.08 48.61 -6.48
CA ILE A 348 -24.92 49.76 -6.78
C ILE A 348 -26.37 49.44 -6.43
N ARG A 349 -27.04 50.39 -5.80
CA ARG A 349 -28.47 50.29 -5.53
C ARG A 349 -29.18 51.43 -6.27
N ILE A 350 -30.30 51.11 -6.91
CA ILE A 350 -31.13 52.12 -7.56
C ILE A 350 -32.44 52.22 -6.79
N GLU A 351 -32.71 53.40 -6.24
CA GLU A 351 -33.97 53.69 -5.58
C GLU A 351 -34.85 54.54 -6.50
N VAL A 352 -36.11 54.14 -6.64
CA VAL A 352 -37.10 54.99 -7.27
C VAL A 352 -38.28 55.14 -6.31
N GLY A 353 -38.72 56.36 -6.11
CA GLY A 353 -39.90 56.63 -5.34
C GLY A 353 -40.83 57.49 -6.16
N PRO A 354 -41.77 58.19 -5.51
CA PRO A 354 -42.63 59.11 -6.25
C PRO A 354 -41.87 60.26 -6.89
N LYS A 355 -40.98 60.90 -6.13
CA LYS A 355 -40.39 62.16 -6.51
C LYS A 355 -39.43 62.05 -7.70
N ASP A 356 -38.80 60.90 -7.89
CA ASP A 356 -37.98 60.70 -9.08
C ASP A 356 -38.76 60.00 -10.18
N LEU A 357 -39.94 59.46 -9.89
CA LEU A 357 -40.82 59.01 -10.97
C LEU A 357 -41.43 60.21 -11.67
N GLN A 358 -41.70 61.28 -10.93
CA GLN A 358 -42.26 62.48 -11.55
C GLN A 358 -41.27 63.15 -12.48
N ASN A 359 -39.97 62.95 -12.26
CA ASN A 359 -38.93 63.63 -13.03
C ASN A 359 -38.27 62.73 -14.06
N ASN A 360 -38.78 61.51 -14.25
CA ASN A 360 -38.10 60.47 -15.00
C ASN A 360 -36.63 60.36 -14.59
N SER A 361 -36.42 60.15 -13.29
CA SER A 361 -35.08 59.98 -12.77
C SER A 361 -35.07 58.91 -11.68
N CYS A 362 -33.92 58.71 -11.08
CA CYS A 362 -33.77 57.75 -9.99
C CYS A 362 -32.51 58.10 -9.20
N VAL A 363 -32.38 57.47 -8.05
CA VAL A 363 -31.24 57.66 -7.17
C VAL A 363 -30.33 56.47 -7.30
N ILE A 364 -29.04 56.74 -7.51
CA ILE A 364 -28.01 55.71 -7.64
C ILE A 364 -27.08 55.83 -6.45
N VAL A 365 -26.99 54.76 -5.66
CA VAL A 365 -26.21 54.74 -4.42
C VAL A 365 -25.07 53.74 -4.58
N ARG A 366 -23.86 54.16 -4.21
CA ARG A 366 -22.66 53.33 -4.26
C ARG A 366 -22.45 52.61 -2.94
N ARG A 367 -22.19 51.29 -3.01
CA ARG A 367 -21.96 50.50 -1.81
C ARG A 367 -20.69 50.90 -1.08
N ASP A 368 -19.70 51.44 -1.80
CA ASP A 368 -18.39 51.66 -1.17
C ASP A 368 -18.33 52.94 -0.34
N ASN A 369 -19.08 53.99 -0.70
CA ASN A 369 -19.06 55.21 0.11
C ASN A 369 -20.44 55.82 0.36
N ASN A 370 -21.51 55.12 0.01
CA ASN A 370 -22.90 55.54 0.22
C ASN A 370 -23.25 56.82 -0.51
N GLU A 371 -22.36 57.32 -1.39
CA GLU A 371 -22.63 58.54 -2.12
C GLU A 371 -23.82 58.35 -3.05
N LYS A 372 -24.76 59.29 -3.00
CA LYS A 372 -25.99 59.20 -3.76
C LYS A 372 -25.91 60.15 -4.95
N CYS A 373 -26.49 59.72 -6.06
CA CYS A 373 -26.52 60.45 -7.30
C CYS A 373 -27.95 60.50 -7.79
N ASN A 374 -28.31 61.59 -8.48
CA ASN A 374 -29.65 61.70 -9.05
C ASN A 374 -29.50 61.76 -10.56
N VAL A 375 -29.96 60.69 -11.22
CA VAL A 375 -29.70 60.42 -12.63
C VAL A 375 -31.03 60.41 -13.37
N LYS A 376 -31.08 61.03 -14.55
CA LYS A 376 -32.28 60.91 -15.37
C LYS A 376 -32.28 59.57 -16.10
N LYS A 377 -33.49 59.02 -16.33
CA LYS A 377 -33.62 57.63 -16.75
C LYS A 377 -32.81 57.35 -18.02
N GLU A 378 -32.93 58.22 -19.01
CA GLU A 378 -32.27 58.05 -20.30
C GLU A 378 -30.74 57.94 -20.20
N SER A 379 -30.15 58.23 -19.05
CA SER A 379 -28.71 58.10 -18.88
C SER A 379 -28.31 57.08 -17.82
N VAL A 380 -29.27 56.49 -17.10
CA VAL A 380 -29.03 55.52 -16.03
C VAL A 380 -27.91 54.58 -16.46
N LEU A 381 -28.17 53.84 -17.55
CA LEU A 381 -27.22 52.91 -18.16
C LEU A 381 -25.80 53.44 -18.06
N LEU A 382 -25.49 54.53 -18.78
CA LEU A 382 -24.09 54.92 -18.89
C LEU A 382 -23.51 55.29 -17.53
N GLU A 383 -24.28 56.00 -16.71
CA GLU A 383 -23.74 56.38 -15.41
C GLU A 383 -23.49 55.15 -14.55
N THR A 384 -24.42 54.18 -14.59
CA THR A 384 -24.17 52.90 -13.95
C THR A 384 -22.83 52.33 -14.41
N GLN A 385 -22.64 52.27 -15.73
CA GLN A 385 -21.38 51.77 -16.28
C GLN A 385 -20.20 52.49 -15.65
N GLN A 386 -20.21 53.82 -15.70
CA GLN A 386 -19.06 54.56 -15.18
C GLN A 386 -18.92 54.32 -13.69
N MET A 387 -20.05 54.29 -12.98
CA MET A 387 -20.01 54.01 -11.56
C MET A 387 -19.28 52.70 -11.29
N LEU A 388 -19.62 51.66 -12.06
CA LEU A 388 -19.03 50.36 -11.81
C LEU A 388 -17.52 50.42 -11.92
N VAL A 389 -17.00 51.19 -12.88
CA VAL A 389 -15.56 51.36 -13.01
C VAL A 389 -15.02 52.12 -11.79
N ASP A 390 -15.65 53.25 -11.44
CA ASP A 390 -15.08 54.13 -10.43
C ASP A 390 -15.04 53.45 -9.06
N ILE A 391 -16.12 52.72 -8.72
CA ILE A 391 -16.15 51.93 -7.49
C ILE A 391 -14.88 51.08 -7.41
N HIS A 392 -14.60 50.33 -8.47
CA HIS A 392 -13.43 49.44 -8.44
C HIS A 392 -12.17 50.24 -8.09
N LYS A 393 -11.96 51.36 -8.81
CA LYS A 393 -10.72 52.10 -8.60
C LYS A 393 -10.67 52.67 -7.19
N ASN A 394 -11.83 53.11 -6.69
CA ASN A 394 -11.87 53.62 -5.33
C ASN A 394 -11.49 52.54 -4.35
N LEU A 395 -12.11 51.36 -4.51
CA LEU A 395 -11.78 50.25 -3.61
C LEU A 395 -10.29 49.98 -3.68
N PHE A 396 -9.71 49.98 -4.88
CA PHE A 396 -8.28 49.69 -4.99
C PHE A 396 -7.48 50.78 -4.30
N LEU A 397 -7.82 52.04 -4.59
CA LEU A 397 -6.95 53.14 -4.15
C LEU A 397 -6.95 53.23 -2.62
N LYS A 398 -8.15 53.30 -2.02
CA LYS A 398 -8.27 53.19 -0.58
C LYS A 398 -7.40 52.06 -0.05
N ALA A 399 -7.56 50.88 -0.64
CA ALA A 399 -6.83 49.72 -0.15
C ALA A 399 -5.33 49.98 -0.23
N LYS A 400 -4.87 50.47 -1.39
CA LYS A 400 -3.45 50.70 -1.54
C LYS A 400 -2.92 51.64 -0.46
N LYS A 401 -3.68 52.67 -0.08
CA LYS A 401 -3.06 53.62 0.81
C LYS A 401 -3.00 53.08 2.23
N LYS A 402 -4.00 52.29 2.61
CA LYS A 402 -3.89 51.57 3.87
C LYS A 402 -2.74 50.57 3.85
N LEU A 403 -2.37 50.09 2.67
CA LEU A 403 -1.20 49.23 2.56
C LEU A 403 0.08 50.05 2.77
N ASP A 404 0.17 51.20 2.10
CA ASP A 404 1.43 51.95 2.17
C ASP A 404 1.66 52.50 3.57
N ASP A 405 0.59 52.86 4.27
CA ASP A 405 0.70 53.37 5.63
C ASP A 405 0.97 52.27 6.64
N SER A 406 0.95 51.00 6.23
CA SER A 406 1.10 49.91 7.18
C SER A 406 2.53 49.41 7.28
N ILE A 407 3.46 49.99 6.53
CA ILE A 407 4.86 49.56 6.55
C ILE A 407 5.67 50.61 7.30
N VAL A 408 6.26 50.19 8.42
CA VAL A 408 7.23 51.00 9.15
C VAL A 408 8.62 50.48 8.84
N GLN A 409 9.51 51.36 8.41
CA GLN A 409 10.89 51.01 8.10
C GLN A 409 11.76 51.25 9.33
N VAL A 410 12.42 50.18 9.79
CA VAL A 410 13.20 50.22 11.02
C VAL A 410 14.64 49.87 10.70
N THR A 411 15.52 50.19 11.66
CA THR A 411 16.90 49.76 11.60
C THR A 411 17.31 48.92 12.80
N SER A 412 16.45 48.81 13.82
CA SER A 412 16.80 48.14 15.06
C SER A 412 15.61 47.36 15.58
N PHE A 413 15.88 46.23 16.21
CA PHE A 413 14.81 45.45 16.81
C PHE A 413 14.04 46.23 17.88
N SER A 414 14.69 47.22 18.51
CA SER A 414 14.01 48.02 19.53
C SER A 414 12.80 48.76 18.98
N GLU A 415 12.75 49.00 17.68
CA GLU A 415 11.60 49.64 17.04
C GLU A 415 10.50 48.64 16.65
N VAL A 416 10.72 47.35 16.86
CA VAL A 416 9.88 46.37 16.18
C VAL A 416 8.55 46.18 16.89
N MET A 417 8.57 45.92 18.19
CA MET A 417 7.33 45.64 18.91
C MET A 417 6.38 46.83 18.85
N ASN A 418 6.91 48.04 19.03
CA ASN A 418 6.04 49.21 18.95
C ASN A 418 5.39 49.32 17.58
N ALA A 419 6.06 48.81 16.54
CA ALA A 419 5.47 48.79 15.22
C ALA A 419 4.48 47.64 15.09
N LEU A 420 4.79 46.48 15.68
CA LEU A 420 3.87 45.34 15.58
C LEU A 420 2.60 45.59 16.37
N ASN A 421 2.73 46.15 17.58
CA ASN A 421 1.57 46.43 18.40
C ASN A 421 0.75 47.61 17.89
N LYS A 422 1.31 48.43 17.00
CA LYS A 422 0.51 49.40 16.26
C LYS A 422 0.02 48.83 14.93
N LYS A 423 0.02 47.49 14.79
CA LYS A 423 -0.62 46.77 13.67
C LYS A 423 0.04 47.08 12.33
N LYS A 424 1.36 47.19 12.34
CA LYS A 424 2.17 47.41 11.14
C LYS A 424 3.05 46.21 10.88
N MET A 425 3.50 46.09 9.63
CA MET A 425 4.63 45.26 9.28
C MET A 425 5.87 46.14 9.17
N VAL A 426 7.01 45.57 9.51
CA VAL A 426 8.26 46.33 9.51
C VAL A 426 9.05 46.01 8.25
N LEU A 427 9.79 47.00 7.78
CA LEU A 427 10.75 46.83 6.71
C LEU A 427 12.13 46.96 7.34
N ALA A 428 12.89 45.87 7.38
CA ALA A 428 14.08 45.85 8.22
C ALA A 428 15.29 45.34 7.45
N PRO A 429 16.48 45.85 7.77
CA PRO A 429 17.71 45.35 7.14
C PRO A 429 18.08 44.01 7.73
N TRP A 430 18.30 43.02 6.87
CA TRP A 430 18.40 41.65 7.32
C TRP A 430 19.53 40.95 6.59
N CYS A 431 20.24 40.10 7.34
CA CYS A 431 21.33 39.27 6.84
C CYS A 431 20.85 37.99 6.18
N GLU A 432 19.59 37.61 6.40
CA GLU A 432 18.90 36.52 5.70
C GLU A 432 19.40 35.13 6.06
N ASP A 433 20.10 34.98 7.19
CA ASP A 433 20.55 33.66 7.60
C ASP A 433 19.41 32.89 8.24
N ILE A 434 19.20 31.65 7.77
CA ILE A 434 18.00 30.90 8.08
C ILE A 434 17.83 30.69 9.58
N ALA A 435 18.93 30.66 10.33
CA ALA A 435 18.83 30.38 11.76
C ALA A 435 18.15 31.52 12.52
N THR A 436 18.23 32.74 12.00
CA THR A 436 17.66 33.89 12.69
C THR A 436 16.13 33.94 12.59
N GLU A 437 15.53 33.25 11.62
CA GLU A 437 14.08 33.30 11.48
C GLU A 437 13.38 32.78 12.73
N GLU A 438 13.86 31.64 13.26
CA GLU A 438 13.24 31.08 14.46
C GLU A 438 13.49 31.93 15.69
N GLU A 439 14.69 32.50 15.81
CA GLU A 439 14.98 33.39 16.92
C GLU A 439 14.03 34.60 16.91
N ILE A 440 13.83 35.18 15.74
CA ILE A 440 12.92 36.32 15.63
C ILE A 440 11.50 35.89 15.98
N LYS A 441 11.04 34.77 15.41
CA LYS A 441 9.68 34.29 15.68
C LYS A 441 9.46 34.12 17.17
N LYS A 442 10.39 33.43 17.84
CA LYS A 442 10.18 33.12 19.26
C LYS A 442 10.23 34.37 20.11
N GLU A 443 11.13 35.30 19.81
CA GLU A 443 11.23 36.47 20.66
C GLU A 443 10.08 37.44 20.43
N THR A 444 9.56 37.52 19.20
CA THR A 444 8.40 38.38 18.99
C THR A 444 7.12 37.74 19.52
N GLN A 445 7.02 36.41 19.47
CA GLN A 445 5.93 35.74 20.16
C GLN A 445 5.97 36.03 21.65
N ARG A 446 7.15 35.93 22.25
CA ARG A 446 7.29 36.06 23.69
C ARG A 446 6.98 37.46 24.20
N LEU A 447 7.13 38.49 23.36
CA LEU A 447 6.87 39.86 23.78
C LEU A 447 5.50 40.38 23.36
N SER A 448 4.65 39.53 22.80
CA SER A 448 3.32 39.95 22.37
C SER A 448 2.26 39.53 23.39
N LEU A 449 1.20 40.33 23.47
CA LEU A 449 0.09 40.03 24.36
C LEU A 449 -1.15 39.63 23.57
N LEU A 458 -4.53 33.28 17.30
CA LEU A 458 -3.49 33.63 16.35
C LEU A 458 -2.19 34.03 17.05
N SER A 459 -1.07 33.58 16.50
CA SER A 459 0.23 33.74 17.14
C SER A 459 0.70 35.20 17.09
N GLY A 460 1.47 35.60 18.11
CA GLY A 460 2.06 36.92 18.08
C GLY A 460 3.37 37.05 17.32
N ALA A 461 3.93 35.93 16.88
CA ALA A 461 5.20 35.95 16.17
C ALA A 461 5.13 36.77 14.89
N MET A 462 6.21 37.46 14.57
CA MET A 462 6.41 38.01 13.25
C MET A 462 7.40 37.11 12.50
N LYS A 463 7.09 36.83 11.25
CA LYS A 463 7.93 35.99 10.42
C LYS A 463 8.43 36.82 9.26
N PRO A 464 9.47 36.37 8.55
CA PRO A 464 9.80 37.01 7.27
C PRO A 464 8.66 36.80 6.28
N LEU A 465 8.17 37.89 5.69
CA LEU A 465 7.10 37.77 4.72
C LEU A 465 7.67 37.67 3.31
N CYS A 466 8.38 38.69 2.87
CA CYS A 466 9.02 38.64 1.57
C CYS A 466 10.16 39.63 1.58
N ILE A 467 11.18 39.36 0.78
CA ILE A 467 12.22 40.33 0.46
C ILE A 467 11.70 41.04 -0.77
N PRO A 468 11.20 42.27 -0.64
CA PRO A 468 10.49 42.91 -1.75
C PRO A 468 11.39 43.09 -2.97
N LEU A 469 10.80 42.89 -4.15
CA LEU A 469 11.55 43.12 -5.38
C LEU A 469 11.98 44.57 -5.51
N ASP A 470 11.19 45.49 -4.96
CA ASP A 470 11.52 46.91 -4.92
C ASP A 470 12.37 47.16 -3.67
N GLN A 471 13.66 47.35 -3.86
CA GLN A 471 14.52 47.49 -2.70
C GLN A 471 14.84 48.96 -2.47
N PRO A 472 14.69 49.47 -1.25
CA PRO A 472 15.31 50.74 -0.91
C PRO A 472 16.81 50.60 -0.95
N PRO A 473 17.56 51.68 -1.15
CA PRO A 473 19.01 51.60 -1.09
C PRO A 473 19.46 51.12 0.28
N MET A 474 20.58 50.39 0.31
CA MET A 474 21.12 49.88 1.57
C MET A 474 22.44 50.56 1.88
N PRO A 475 22.53 51.28 2.99
CA PRO A 475 23.79 51.93 3.35
C PRO A 475 24.92 50.92 3.46
N PRO A 476 26.17 51.36 3.30
CA PRO A 476 27.27 50.40 3.12
C PRO A 476 27.62 49.62 4.38
N ASN A 477 27.45 50.21 5.56
CA ASN A 477 27.79 49.54 6.81
C ASN A 477 26.57 49.24 7.66
N MET A 478 25.40 49.12 7.05
CA MET A 478 24.18 48.86 7.80
C MET A 478 24.21 47.44 8.36
N LYS A 479 23.86 47.30 9.64
CA LYS A 479 23.86 46.01 10.29
C LYS A 479 22.49 45.33 10.19
N CYS A 480 22.50 44.01 10.31
CA CYS A 480 21.26 43.27 10.45
C CYS A 480 20.58 43.69 11.75
N PHE A 481 19.29 44.03 11.67
CA PHE A 481 18.56 44.50 12.83
C PHE A 481 18.50 43.48 13.95
N TRP A 482 18.75 42.21 13.65
CA TRP A 482 18.64 41.14 14.64
C TRP A 482 19.98 40.60 15.14
N SER A 483 20.94 40.38 14.24
CA SER A 483 22.20 39.74 14.62
C SER A 483 23.37 40.69 14.69
N GLY A 484 23.26 41.89 14.14
CA GLY A 484 24.37 42.81 14.09
C GLY A 484 25.36 42.57 12.98
N LYS A 485 25.22 41.48 12.21
CA LYS A 485 26.09 41.23 11.07
C LYS A 485 25.72 42.14 9.91
N PRO A 486 26.60 42.30 8.91
CA PRO A 486 26.26 43.16 7.77
C PRO A 486 24.95 42.78 7.11
N ALA A 487 24.01 43.73 7.03
CA ALA A 487 22.75 43.44 6.38
C ALA A 487 22.95 43.22 4.90
N LYS A 488 22.20 42.27 4.35
CA LYS A 488 22.22 42.02 2.92
C LYS A 488 21.13 42.80 2.22
N ARG A 489 19.90 42.72 2.71
CA ARG A 489 18.81 43.32 1.95
C ARG A 489 17.71 43.75 2.90
N TRP A 490 16.73 44.45 2.34
CA TRP A 490 15.55 44.83 3.10
C TRP A 490 14.53 43.71 3.03
N CYS A 491 13.87 43.42 4.16
CA CYS A 491 12.88 42.36 4.21
C CYS A 491 11.67 42.81 5.02
N LEU A 492 10.48 42.45 4.55
CA LEU A 492 9.24 42.73 5.27
C LEU A 492 8.97 41.64 6.31
N PHE A 493 8.74 42.07 7.55
CA PHE A 493 8.38 41.19 8.65
C PHE A 493 7.02 41.59 9.17
N GLY A 494 6.24 40.61 9.61
CA GLY A 494 4.94 40.90 10.16
C GLY A 494 4.28 39.67 10.75
N ARG A 495 3.27 39.93 11.57
CA ARG A 495 2.38 38.86 11.98
C ARG A 495 1.52 38.46 10.78
N SER A 496 1.10 37.21 10.75
CA SER A 496 0.41 36.69 9.58
C SER A 496 -0.56 35.59 10.00
N TYR A 497 -1.25 35.04 9.01
CA TYR A 497 -2.16 33.93 9.22
C TYR A 497 -1.48 32.60 8.91
N MET B 3 3.29 7.34 -34.87
CA MET B 3 2.59 6.23 -34.24
C MET B 3 1.32 5.90 -35.03
N ALA B 4 0.73 4.72 -34.78
CA ALA B 4 -0.35 4.24 -35.61
C ALA B 4 -1.24 3.32 -34.80
N ILE B 5 -2.49 3.20 -35.23
CA ILE B 5 -3.46 2.30 -34.62
C ILE B 5 -3.35 0.95 -35.31
N THR B 6 -2.90 -0.07 -34.57
CA THR B 6 -2.65 -1.40 -35.11
C THR B 6 -3.72 -2.42 -34.72
N SER B 7 -4.90 -1.94 -34.34
CA SER B 7 -6.01 -2.83 -34.02
C SER B 7 -7.26 -2.25 -34.65
N LYS B 8 -7.94 -3.04 -35.47
CA LYS B 8 -9.15 -2.55 -36.11
C LYS B 8 -10.28 -2.48 -35.09
N LYS B 9 -11.05 -1.40 -35.17
CA LYS B 9 -12.10 -1.14 -34.19
C LYS B 9 -13.21 -2.19 -34.26
N ILE B 10 -13.53 -2.64 -35.47
CA ILE B 10 -14.61 -3.59 -35.68
C ILE B 10 -14.21 -4.99 -35.26
N GLU B 11 -12.90 -5.26 -35.16
CA GLU B 11 -12.35 -6.59 -34.96
C GLU B 11 -11.81 -6.83 -33.55
N ASN B 12 -11.18 -5.83 -32.95
CA ASN B 12 -10.57 -5.97 -31.62
C ASN B 12 -10.82 -4.66 -30.88
N PHE B 13 -12.06 -4.49 -30.40
CA PHE B 13 -12.54 -3.17 -30.02
C PHE B 13 -11.79 -2.61 -28.83
N SER B 14 -11.61 -3.42 -27.78
CA SER B 14 -11.06 -2.86 -26.55
C SER B 14 -9.60 -2.47 -26.73
N ASP B 15 -8.86 -3.25 -27.53
CA ASP B 15 -7.49 -2.87 -27.83
C ASP B 15 -7.43 -1.65 -28.74
N TRP B 16 -8.31 -1.58 -29.74
CA TRP B 16 -8.41 -0.36 -30.56
C TRP B 16 -8.63 0.85 -29.67
N TYR B 17 -9.47 0.69 -28.64
CA TYR B 17 -9.85 1.81 -27.78
C TYR B 17 -8.66 2.27 -26.93
N THR B 18 -7.96 1.33 -26.29
CA THR B 18 -6.81 1.74 -25.49
C THR B 18 -5.75 2.39 -26.36
N GLN B 19 -5.48 1.78 -27.54
CA GLN B 19 -4.56 2.38 -28.49
C GLN B 19 -4.95 3.82 -28.80
N VAL B 20 -6.21 4.01 -29.20
CA VAL B 20 -6.65 5.33 -29.64
C VAL B 20 -6.52 6.35 -28.52
N ILE B 21 -6.93 5.99 -27.31
CA ILE B 21 -6.99 7.05 -26.30
C ILE B 21 -5.61 7.39 -25.79
N VAL B 22 -4.66 6.45 -25.85
CA VAL B 22 -3.31 6.79 -25.40
C VAL B 22 -2.50 7.45 -26.51
N LYS B 23 -2.63 7.00 -27.76
CA LYS B 23 -1.82 7.56 -28.84
C LYS B 23 -2.34 8.89 -29.36
N SER B 24 -3.63 9.19 -29.19
CA SER B 24 -4.11 10.53 -29.48
C SER B 24 -3.79 11.54 -28.39
N GLU B 25 -3.12 11.12 -27.31
CA GLU B 25 -2.75 11.98 -26.18
C GLU B 25 -3.96 12.49 -25.41
N LEU B 26 -5.02 11.68 -25.33
CA LEU B 26 -6.16 12.01 -24.50
C LEU B 26 -5.94 11.61 -23.04
N ILE B 27 -5.39 10.44 -22.83
CA ILE B 27 -5.36 9.78 -21.53
C ILE B 27 -3.93 9.34 -21.26
N GLU B 28 -3.53 9.38 -20.00
CA GLU B 28 -2.29 8.69 -19.61
C GLU B 28 -2.60 7.77 -18.43
N TYR B 29 -2.04 6.57 -18.49
CA TYR B 29 -2.24 5.59 -17.43
C TYR B 29 -1.47 5.97 -16.18
N TYR B 30 -1.95 5.49 -15.03
CA TYR B 30 -1.45 5.91 -13.74
C TYR B 30 -1.25 4.70 -12.85
N ASP B 31 -0.22 4.76 -12.00
CA ASP B 31 0.13 3.60 -11.16
C ASP B 31 -0.92 3.28 -10.06
N ILE B 32 -2.10 3.86 -10.12
CA ILE B 32 -3.24 3.47 -9.30
C ILE B 32 -4.37 3.15 -10.28
N SER B 33 -4.75 1.88 -10.34
CA SER B 33 -5.64 1.42 -11.40
C SER B 33 -7.05 1.96 -11.19
N GLY B 34 -7.67 2.40 -12.29
CA GLY B 34 -8.96 3.05 -12.25
C GLY B 34 -8.89 4.55 -12.21
N CYS B 35 -7.70 5.12 -12.07
CA CYS B 35 -7.50 6.55 -12.17
C CYS B 35 -6.63 6.81 -13.39
N TYR B 36 -7.01 7.81 -14.17
CA TYR B 36 -6.34 8.14 -15.40
C TYR B 36 -6.10 9.64 -15.45
N ILE B 37 -4.97 10.03 -16.02
CA ILE B 37 -4.65 11.43 -16.24
C ILE B 37 -5.38 11.92 -17.49
N LEU B 38 -6.11 13.02 -17.35
CA LEU B 38 -6.76 13.73 -18.45
C LEU B 38 -5.78 14.74 -19.02
N ARG B 39 -5.20 14.40 -20.16
CA ARG B 39 -4.27 15.27 -20.85
C ARG B 39 -5.03 16.41 -21.51
N PRO B 40 -4.33 17.47 -21.95
CA PRO B 40 -5.03 18.67 -22.45
C PRO B 40 -6.15 18.40 -23.44
N ALA B 41 -5.97 17.43 -24.33
CA ALA B 41 -6.94 17.19 -25.38
C ALA B 41 -8.28 16.72 -24.83
N ALA B 42 -8.26 15.91 -23.75
CA ALA B 42 -9.51 15.44 -23.17
C ALA B 42 -10.13 16.47 -22.22
N TYR B 43 -9.27 17.08 -21.40
CA TYR B 43 -9.78 18.10 -20.49
C TYR B 43 -10.39 19.25 -21.27
N TYR B 44 -9.89 19.52 -22.48
CA TYR B 44 -10.49 20.56 -23.31
C TYR B 44 -11.94 20.23 -23.64
N ILE B 45 -12.20 18.98 -24.03
CA ILE B 45 -13.58 18.56 -24.27
C ILE B 45 -14.44 18.82 -23.03
N TRP B 46 -13.89 18.48 -21.86
CA TRP B 46 -14.63 18.71 -20.62
C TRP B 46 -14.93 20.20 -20.43
N GLU B 47 -13.93 21.06 -20.68
CA GLU B 47 -14.11 22.50 -20.57
C GLU B 47 -15.22 23.00 -21.49
N CYS B 48 -15.28 22.47 -22.72
CA CYS B 48 -16.32 22.90 -23.68
C CYS B 48 -17.71 22.54 -23.20
N VAL B 49 -17.91 21.28 -22.80
CA VAL B 49 -19.27 20.93 -22.41
C VAL B 49 -19.62 21.61 -21.10
N GLN B 50 -18.62 21.90 -20.26
CA GLN B 50 -18.89 22.62 -19.02
C GLN B 50 -19.31 24.06 -19.30
N ALA B 51 -18.66 24.73 -20.24
CA ALA B 51 -19.09 26.07 -20.61
C ALA B 51 -20.52 26.06 -21.16
N PHE B 52 -20.82 25.12 -22.06
CA PHE B 52 -22.18 25.01 -22.60
C PHE B 52 -23.20 24.77 -21.49
N PHE B 53 -22.93 23.78 -20.63
CA PHE B 53 -23.91 23.41 -19.62
C PHE B 53 -24.13 24.53 -18.62
N ASN B 54 -23.06 25.23 -18.23
CA ASN B 54 -23.17 26.39 -17.36
C ASN B 54 -24.08 27.45 -17.97
N LYS B 55 -23.83 27.79 -19.25
CA LYS B 55 -24.67 28.77 -19.92
C LYS B 55 -26.13 28.36 -19.86
N GLU B 56 -26.40 27.06 -20.07
CA GLU B 56 -27.78 26.60 -20.17
C GLU B 56 -28.48 26.45 -18.82
N ILE B 57 -27.77 26.07 -17.76
CA ILE B 57 -28.45 25.92 -16.48
C ILE B 57 -28.57 27.25 -15.76
N LYS B 58 -27.75 28.25 -16.10
CA LYS B 58 -28.01 29.56 -15.51
C LYS B 58 -29.32 30.14 -16.03
N LYS B 59 -29.75 29.73 -17.22
CA LYS B 59 -31.06 30.17 -17.71
C LYS B 59 -32.20 29.53 -16.92
N LEU B 60 -31.96 28.37 -16.32
CA LEU B 60 -32.90 27.76 -15.40
C LEU B 60 -32.73 28.29 -13.98
N ASN B 61 -31.86 29.29 -13.78
CA ASN B 61 -31.57 29.87 -12.47
C ASN B 61 -30.88 28.88 -11.53
N VAL B 62 -30.14 27.90 -12.07
CA VAL B 62 -29.29 27.08 -11.22
C VAL B 62 -28.00 27.83 -10.96
N GLU B 63 -27.51 27.77 -9.71
CA GLU B 63 -26.27 28.44 -9.36
C GLU B 63 -25.20 27.42 -8.97
N ASN B 64 -23.95 27.72 -9.30
CA ASN B 64 -22.85 26.82 -9.01
C ASN B 64 -22.37 27.05 -7.57
N SER B 65 -21.81 26.00 -6.99
CA SER B 65 -21.36 26.02 -5.61
C SER B 65 -20.30 24.94 -5.45
N TYR B 66 -19.71 24.86 -4.26
CA TYR B 66 -18.75 23.81 -3.98
C TYR B 66 -18.98 23.30 -2.57
N PHE B 67 -19.27 22.02 -2.44
CA PHE B 67 -19.44 21.38 -1.14
C PHE B 67 -18.23 20.52 -0.80
N PRO B 68 -18.02 20.20 0.47
CA PRO B 68 -16.82 19.45 0.87
C PRO B 68 -16.66 18.11 0.18
N LEU B 69 -15.40 17.68 0.11
CA LEU B 69 -15.00 16.39 -0.39
C LEU B 69 -15.30 15.24 0.58
N PHE B 70 -15.52 15.56 1.86
CA PHE B 70 -15.63 14.57 2.91
C PHE B 70 -17.02 14.54 3.53
N VAL B 71 -17.46 13.34 3.89
CA VAL B 71 -18.72 13.12 4.61
C VAL B 71 -18.41 12.26 5.83
N THR B 72 -19.05 12.55 6.96
CA THR B 72 -18.81 11.75 8.15
C THR B 72 -19.49 10.39 8.04
N LYS B 73 -18.97 9.42 8.80
CA LYS B 73 -19.45 8.04 8.71
C LYS B 73 -20.94 7.95 9.00
N ASN B 74 -21.38 8.56 10.10
CA ASN B 74 -22.79 8.47 10.50
C ASN B 74 -23.71 9.12 9.46
N LYS B 75 -23.31 10.27 8.93
CA LYS B 75 -24.07 11.03 7.94
C LYS B 75 -24.14 10.33 6.57
N LEU B 76 -23.59 9.11 6.47
CA LEU B 76 -23.69 8.30 5.27
C LEU B 76 -24.49 7.04 5.56
N GLU B 77 -25.66 7.20 6.19
CA GLU B 77 -26.51 6.07 6.56
C GLU B 77 -27.99 6.39 6.35
N SER B 87 -22.04 2.69 -1.04
CA SER B 87 -21.58 2.55 0.34
C SER B 87 -20.48 1.47 0.53
N PRO B 88 -20.67 0.24 -0.01
CA PRO B 88 -19.52 -0.69 -0.08
C PRO B 88 -18.61 -0.36 -1.25
N GLU B 89 -18.48 0.94 -1.55
CA GLU B 89 -17.75 1.42 -2.72
C GLU B 89 -17.02 2.72 -2.41
N VAL B 90 -16.74 3.01 -1.13
CA VAL B 90 -16.33 4.33 -0.69
C VAL B 90 -14.90 4.27 -0.16
N ALA B 91 -14.08 5.23 -0.57
CA ALA B 91 -12.75 5.38 -0.01
C ALA B 91 -12.84 6.07 1.36
N TRP B 92 -12.20 5.47 2.36
CA TRP B 92 -12.24 5.99 3.73
C TRP B 92 -10.88 6.57 4.11
N VAL B 93 -10.89 7.81 4.59
CA VAL B 93 -9.71 8.46 5.14
C VAL B 93 -9.67 8.17 6.64
N THR B 94 -8.48 7.84 7.15
CA THR B 94 -8.31 7.45 8.54
C THR B 94 -7.18 8.16 9.27
N LYS B 95 -6.15 8.61 8.56
CA LYS B 95 -4.99 9.19 9.20
C LYS B 95 -4.64 10.50 8.52
N TYR B 96 -4.03 11.39 9.30
CA TYR B 96 -3.27 12.51 8.76
C TYR B 96 -1.83 12.33 9.24
N GLY B 97 -0.91 12.23 8.29
CA GLY B 97 0.46 11.87 8.59
C GLY B 97 0.55 10.52 9.28
N ASP B 98 0.91 10.53 10.55
CA ASP B 98 0.97 9.30 11.33
C ASP B 98 -0.09 9.21 12.41
N SER B 99 -0.86 10.27 12.63
CA SER B 99 -1.90 10.28 13.65
C SER B 99 -3.21 9.78 13.06
N ASN B 100 -3.99 9.11 13.89
CA ASN B 100 -5.27 8.55 13.47
C ASN B 100 -6.37 9.58 13.66
N LEU B 101 -7.28 9.65 12.67
CA LEU B 101 -8.43 10.53 12.81
C LEU B 101 -9.30 10.06 13.95
N PRO B 102 -9.91 10.98 14.72
CA PRO B 102 -10.84 10.55 15.78
C PRO B 102 -11.93 9.62 15.25
N GLU B 103 -12.53 9.95 14.11
CA GLU B 103 -13.37 8.99 13.40
C GLU B 103 -13.22 9.17 11.90
N GLU B 104 -13.26 8.03 11.19
CA GLU B 104 -13.09 8.00 9.75
C GLU B 104 -14.06 8.92 9.04
N ILE B 105 -13.60 9.49 7.93
CA ILE B 105 -14.41 10.32 7.04
C ILE B 105 -14.30 9.71 5.65
N ALA B 106 -15.36 9.85 4.88
CA ALA B 106 -15.47 9.21 3.59
C ALA B 106 -15.33 10.25 2.48
N ILE B 107 -14.69 9.86 1.39
CA ILE B 107 -14.64 10.70 0.21
C ILE B 107 -15.96 10.56 -0.53
N ARG B 108 -16.50 11.69 -0.98
CA ARG B 108 -17.84 11.69 -1.57
C ARG B 108 -17.94 10.73 -2.75
N PRO B 109 -18.92 9.83 -2.75
CA PRO B 109 -19.24 9.08 -3.98
C PRO B 109 -20.34 9.77 -4.79
N THR B 110 -20.99 10.74 -4.16
CA THR B 110 -22.11 11.57 -4.58
C THR B 110 -22.37 12.45 -3.36
N SER B 111 -23.06 13.57 -3.55
CA SER B 111 -23.13 14.58 -2.49
C SER B 111 -24.55 14.84 -1.97
N GLU B 112 -25.47 13.87 -2.14
CA GLU B 112 -26.82 14.03 -1.58
C GLU B 112 -26.77 14.21 -0.07
N THR B 113 -26.10 13.30 0.63
CA THR B 113 -26.08 13.39 2.10
C THR B 113 -25.17 14.50 2.59
N ILE B 114 -24.31 15.04 1.73
CA ILE B 114 -23.50 16.18 2.13
C ILE B 114 -24.29 17.47 2.02
N MET B 115 -25.11 17.59 0.98
CA MET B 115 -25.83 18.83 0.72
C MET B 115 -27.17 18.89 1.45
N TYR B 116 -27.89 17.78 1.48
CA TYR B 116 -29.25 17.79 2.00
C TYR B 116 -29.26 17.94 3.52
N SER B 117 -28.11 17.72 4.18
CA SER B 117 -28.06 17.90 5.62
C SER B 117 -27.82 19.34 6.02
N VAL B 118 -27.50 20.20 5.06
CA VAL B 118 -27.46 21.64 5.31
C VAL B 118 -28.60 22.38 4.59
N PHE B 119 -29.27 21.75 3.63
CA PHE B 119 -30.46 22.36 3.05
C PHE B 119 -31.45 22.91 4.08
N PRO B 120 -31.75 22.23 5.20
CA PRO B 120 -32.73 22.79 6.14
C PRO B 120 -32.32 24.13 6.73
N LYS B 121 -31.03 24.46 6.76
CA LYS B 121 -30.63 25.76 7.26
C LYS B 121 -30.95 26.87 6.27
N TRP B 122 -31.28 26.52 5.03
CA TRP B 122 -31.58 27.50 4.01
C TRP B 122 -33.05 27.56 3.63
N ILE B 123 -33.85 26.55 4.02
CA ILE B 123 -35.21 26.42 3.54
C ILE B 123 -36.13 26.44 4.76
N ARG B 124 -36.94 27.49 4.86
CA ARG B 124 -37.87 27.73 5.95
C ARG B 124 -39.31 27.88 5.48
N SER B 125 -39.51 28.55 4.34
CA SER B 125 -40.85 28.79 3.82
C SER B 125 -40.79 28.68 2.31
N TYR B 126 -41.99 28.75 1.72
CA TYR B 126 -42.14 28.70 0.27
C TYR B 126 -41.37 29.81 -0.44
N ARG B 127 -41.01 30.89 0.26
CA ARG B 127 -40.24 31.96 -0.36
C ARG B 127 -38.75 31.65 -0.46
N ASP B 128 -38.31 30.49 0.01
CA ASP B 128 -36.94 30.05 -0.16
C ASP B 128 -36.78 29.08 -1.33
N LEU B 129 -37.87 28.81 -2.05
CA LEU B 129 -37.89 27.82 -3.12
C LEU B 129 -38.21 28.49 -4.44
N PRO B 130 -37.69 27.94 -5.56
CA PRO B 130 -36.84 26.74 -5.58
C PRO B 130 -35.38 27.00 -5.30
N LEU B 131 -34.74 26.05 -4.64
CA LEU B 131 -33.30 26.08 -4.42
C LEU B 131 -32.65 25.21 -5.50
N LYS B 132 -31.74 25.81 -6.27
CA LYS B 132 -31.15 25.16 -7.43
C LYS B 132 -29.63 25.32 -7.39
N LEU B 133 -28.93 24.24 -7.05
CA LEU B 133 -27.48 24.25 -6.94
C LEU B 133 -26.86 23.25 -7.91
N ASN B 134 -25.62 23.53 -8.30
CA ASN B 134 -24.85 22.64 -9.15
C ASN B 134 -23.41 22.65 -8.68
N GLN B 135 -22.75 21.49 -8.79
CA GLN B 135 -21.35 21.33 -8.48
C GLN B 135 -20.61 20.76 -9.68
N TRP B 136 -19.45 21.34 -9.98
CA TRP B 136 -18.45 20.75 -10.86
C TRP B 136 -17.38 20.19 -9.96
N ASN B 137 -17.34 18.86 -9.80
CA ASN B 137 -16.34 18.36 -8.86
C ASN B 137 -15.90 16.96 -9.27
N THR B 138 -15.17 16.33 -8.36
CA THR B 138 -14.65 14.98 -8.50
C THR B 138 -15.32 14.10 -7.47
N VAL B 139 -15.69 12.88 -7.87
CA VAL B 139 -16.13 11.88 -6.92
C VAL B 139 -15.30 10.61 -7.09
N VAL B 140 -15.35 9.79 -6.04
CA VAL B 140 -14.58 8.55 -5.95
C VAL B 140 -15.57 7.43 -5.69
N ARG B 141 -15.55 6.42 -6.57
CA ARG B 141 -16.40 5.24 -6.42
C ARG B 141 -15.47 4.04 -6.62
N TRP B 142 -15.05 3.46 -5.50
CA TRP B 142 -13.99 2.44 -5.49
C TRP B 142 -14.60 1.05 -5.62
N GLU B 143 -15.10 0.77 -6.82
CA GLU B 143 -15.59 -0.57 -7.14
C GLU B 143 -14.40 -1.46 -7.49
N PHE B 144 -14.46 -2.71 -7.05
CA PHE B 144 -13.36 -3.63 -7.27
C PHE B 144 -13.54 -4.47 -8.53
N LYS B 145 -14.46 -4.08 -9.40
CA LYS B 145 -14.54 -4.67 -10.73
C LYS B 145 -13.52 -3.99 -11.65
N GLN B 146 -13.48 -4.43 -12.88
CA GLN B 146 -12.43 -3.98 -13.78
C GLN B 146 -12.79 -2.62 -14.38
N PRO B 147 -11.83 -1.70 -14.45
CA PRO B 147 -12.09 -0.37 -15.00
C PRO B 147 -11.96 -0.31 -16.51
N THR B 148 -12.61 0.72 -17.06
CA THR B 148 -12.52 1.09 -18.46
C THR B 148 -12.32 2.60 -18.47
N PRO B 149 -11.24 3.10 -19.06
CA PRO B 149 -11.02 4.55 -19.10
C PRO B 149 -12.25 5.31 -19.58
N PHE B 150 -12.51 6.46 -18.97
CA PHE B 150 -13.69 7.29 -19.21
C PHE B 150 -14.99 6.61 -18.84
N ILE B 151 -15.24 5.40 -19.35
CA ILE B 151 -16.54 4.76 -19.17
C ILE B 151 -16.77 4.36 -17.72
N ARG B 152 -15.76 3.75 -17.07
CA ARG B 152 -15.96 3.21 -15.74
C ARG B 152 -14.66 3.29 -14.95
N THR B 153 -14.53 4.33 -14.11
CA THR B 153 -13.28 4.68 -13.42
C THR B 153 -13.55 4.95 -11.94
N ARG B 154 -12.51 4.80 -11.12
CA ARG B 154 -12.70 4.92 -9.68
C ARG B 154 -12.77 6.37 -9.22
N GLU B 155 -12.12 7.27 -9.95
CA GLU B 155 -12.23 8.69 -9.69
C GLU B 155 -12.67 9.33 -10.98
N PHE B 156 -13.70 10.18 -10.92
CA PHE B 156 -14.06 10.87 -12.15
C PHE B 156 -14.59 12.27 -11.88
N LEU B 157 -14.49 13.10 -12.90
CA LEU B 157 -15.05 14.43 -12.93
C LEU B 157 -16.51 14.35 -13.33
N TRP B 158 -17.32 15.27 -12.79
CA TRP B 158 -18.70 15.34 -13.21
C TRP B 158 -19.29 16.68 -12.78
N GLN B 159 -20.55 16.81 -13.07
CA GLN B 159 -21.36 17.84 -12.53
C GLN B 159 -22.55 17.14 -11.91
N GLU B 160 -22.94 17.59 -10.76
CA GLU B 160 -24.13 17.09 -10.08
C GLU B 160 -24.97 18.30 -9.67
N GLY B 161 -26.22 18.31 -10.11
CA GLY B 161 -27.15 19.36 -9.78
C GLY B 161 -28.23 18.81 -8.85
N HIS B 162 -28.70 19.68 -7.96
CA HIS B 162 -29.67 19.35 -6.94
C HIS B 162 -30.63 20.50 -6.78
N THR B 163 -31.92 20.20 -6.86
CA THR B 163 -32.94 21.23 -6.67
C THR B 163 -34.00 20.74 -5.69
N ALA B 164 -34.56 21.71 -4.97
CA ALA B 164 -35.69 21.54 -4.08
C ALA B 164 -36.80 22.51 -4.49
N HIS B 165 -38.02 21.98 -4.64
CA HIS B 165 -39.16 22.73 -5.13
C HIS B 165 -40.33 22.58 -4.17
N LYS B 166 -41.35 23.42 -4.38
CA LYS B 166 -42.50 23.42 -3.47
C LYS B 166 -43.52 22.34 -3.80
N ASN B 167 -43.43 21.72 -4.98
CA ASN B 167 -44.35 20.66 -5.33
C ASN B 167 -43.67 19.72 -6.33
N GLU B 168 -44.43 18.74 -6.81
CA GLU B 168 -43.93 17.72 -7.70
C GLU B 168 -43.90 18.17 -9.15
N GLU B 169 -44.86 19.01 -9.56
CA GLU B 169 -44.91 19.45 -10.94
C GLU B 169 -43.64 20.19 -11.32
N GLU B 170 -43.26 21.19 -10.52
CA GLU B 170 -42.04 21.96 -10.81
C GLU B 170 -40.82 21.04 -10.87
N ALA B 171 -40.73 20.10 -9.94
CA ALA B 171 -39.55 19.24 -9.89
C ALA B 171 -39.47 18.33 -11.12
N VAL B 172 -40.59 17.71 -11.49
CA VAL B 172 -40.59 16.85 -12.68
C VAL B 172 -40.29 17.65 -13.94
N LYS B 173 -40.87 18.85 -14.05
CA LYS B 173 -40.56 19.71 -15.19
C LYS B 173 -39.06 19.98 -15.29
N LEU B 174 -38.41 20.24 -14.14
CA LEU B 174 -36.98 20.48 -14.20
C LEU B 174 -36.21 19.20 -14.56
N VAL B 175 -36.65 18.05 -14.04
CA VAL B 175 -35.99 16.78 -14.37
C VAL B 175 -35.92 16.61 -15.89
N PHE B 176 -37.02 16.93 -16.57
CA PHE B 176 -37.04 16.73 -18.01
C PHE B 176 -36.40 17.88 -18.81
N ASP B 177 -36.35 19.08 -18.23
CA ASP B 177 -35.55 20.15 -18.83
C ASP B 177 -34.07 19.79 -18.79
N ILE B 178 -33.61 19.29 -17.64
CA ILE B 178 -32.22 18.87 -17.55
C ILE B 178 -31.96 17.73 -18.53
N LEU B 179 -32.89 16.78 -18.63
CA LEU B 179 -32.70 15.67 -19.56
C LEU B 179 -32.53 16.17 -21.00
N ASP B 180 -33.28 17.21 -21.38
CA ASP B 180 -33.07 17.72 -22.75
C ASP B 180 -31.75 18.47 -22.88
N LEU B 181 -31.31 19.15 -21.83
CA LEU B 181 -29.97 19.74 -21.87
C LEU B 181 -28.90 18.66 -22.05
N TYR B 182 -29.08 17.48 -21.46
CA TYR B 182 -28.13 16.39 -21.68
C TYR B 182 -28.20 15.90 -23.11
N ARG B 183 -29.41 15.84 -23.67
CA ARG B 183 -29.54 15.52 -25.09
C ARG B 183 -28.71 16.49 -25.93
N ARG B 184 -28.82 17.79 -25.66
CA ARG B 184 -28.10 18.78 -26.45
C ARG B 184 -26.59 18.70 -26.20
N TRP B 185 -26.19 18.44 -24.95
CA TRP B 185 -24.78 18.17 -24.63
C TRP B 185 -24.22 17.08 -25.53
N TYR B 186 -24.97 15.97 -25.70
CA TYR B 186 -24.44 14.87 -26.48
C TYR B 186 -24.56 15.11 -27.99
N GLU B 187 -25.68 15.69 -28.44
CA GLU B 187 -25.96 15.77 -29.86
C GLU B 187 -25.30 16.99 -30.51
N GLU B 188 -25.30 18.12 -29.82
CA GLU B 188 -24.84 19.38 -30.39
C GLU B 188 -23.37 19.62 -30.16
N TYR B 189 -22.76 18.96 -29.16
CA TYR B 189 -21.33 19.11 -28.89
C TYR B 189 -20.54 17.85 -29.14
N LEU B 190 -21.05 16.68 -28.76
CA LEU B 190 -20.34 15.43 -28.98
C LEU B 190 -20.80 14.68 -30.23
N ALA B 191 -21.85 15.16 -30.89
CA ALA B 191 -22.38 14.55 -32.11
C ALA B 191 -22.80 13.10 -31.86
N VAL B 192 -23.23 12.80 -30.65
CA VAL B 192 -23.68 11.46 -30.26
C VAL B 192 -25.19 11.50 -30.10
N PRO B 193 -25.93 10.58 -30.71
CA PRO B 193 -27.38 10.50 -30.45
C PRO B 193 -27.68 9.60 -29.27
N ILE B 194 -28.71 9.96 -28.50
CA ILE B 194 -29.04 9.20 -27.32
C ILE B 194 -30.52 8.88 -27.33
N ILE B 195 -30.89 7.91 -26.52
CA ILE B 195 -32.26 7.47 -26.35
C ILE B 195 -32.70 7.95 -24.98
N LYS B 196 -33.77 8.74 -24.93
CA LYS B 196 -34.35 9.17 -23.67
C LYS B 196 -35.26 8.08 -23.12
N GLY B 197 -35.19 7.84 -21.82
CA GLY B 197 -36.04 6.82 -21.25
C GLY B 197 -36.11 6.91 -19.74
N ILE B 198 -36.91 6.01 -19.18
CA ILE B 198 -37.12 5.86 -17.75
C ILE B 198 -36.47 4.55 -17.32
N LYS B 199 -35.77 4.58 -16.20
CA LYS B 199 -35.11 3.38 -15.71
C LYS B 199 -36.13 2.49 -15.01
N SER B 200 -35.94 1.19 -15.13
CA SER B 200 -36.75 0.25 -14.38
C SER B 200 -36.47 0.41 -12.88
N GLU B 201 -37.33 -0.18 -12.06
CA GLU B 201 -37.24 0.10 -10.64
C GLU B 201 -36.15 -0.73 -9.96
N GLY B 202 -35.64 -1.75 -10.64
CA GLY B 202 -34.44 -2.41 -10.18
C GLY B 202 -33.19 -1.60 -10.42
N GLU B 203 -33.18 -0.79 -11.48
CA GLU B 203 -32.00 -0.04 -11.89
C GLU B 203 -32.06 1.44 -11.58
N LYS B 204 -33.15 1.92 -10.98
CA LYS B 204 -33.26 3.34 -10.68
C LYS B 204 -32.39 3.70 -9.48
N PHE B 205 -32.08 4.99 -9.38
CA PHE B 205 -31.20 5.51 -8.35
C PHE B 205 -31.77 5.21 -6.96
N GLY B 206 -30.89 4.81 -6.05
CA GLY B 206 -31.30 4.45 -4.71
C GLY B 206 -31.93 5.61 -3.98
N GLY B 207 -33.23 5.50 -3.71
CA GLY B 207 -33.98 6.55 -3.07
C GLY B 207 -34.74 7.44 -4.02
N ALA B 208 -34.63 7.22 -5.31
CA ALA B 208 -35.35 8.06 -6.25
C ALA B 208 -36.80 7.61 -6.35
N ASN B 209 -37.69 8.57 -6.63
CA ASN B 209 -39.04 8.22 -7.06
C ASN B 209 -38.97 7.54 -8.43
N PHE B 210 -38.45 8.26 -9.42
CA PHE B 210 -38.07 7.65 -10.69
C PHE B 210 -36.77 8.28 -11.16
N THR B 211 -36.06 7.53 -11.99
CA THR B 211 -34.82 7.97 -12.64
C THR B 211 -35.07 8.05 -14.13
N SER B 212 -34.85 9.22 -14.72
CA SER B 212 -34.85 9.37 -16.17
C SER B 212 -33.40 9.33 -16.66
N THR B 213 -33.24 9.05 -17.94
CA THR B 213 -31.91 8.67 -18.41
C THR B 213 -31.78 8.92 -19.90
N ALA B 214 -30.54 9.13 -20.30
CA ALA B 214 -30.15 9.07 -21.70
C ALA B 214 -29.20 7.89 -21.86
N GLU B 215 -29.48 7.05 -22.85
CA GLU B 215 -28.68 5.87 -23.14
C GLU B 215 -27.99 6.04 -24.48
N ALA B 216 -26.78 5.50 -24.59
CA ALA B 216 -26.05 5.45 -25.83
C ALA B 216 -25.71 4.00 -26.16
N PHE B 217 -25.37 3.74 -27.41
CA PHE B 217 -25.04 2.39 -27.82
C PHE B 217 -23.80 2.41 -28.68
N ILE B 218 -22.82 1.58 -28.32
CA ILE B 218 -21.62 1.34 -29.11
C ILE B 218 -21.90 0.08 -29.93
N SER B 219 -22.13 0.30 -31.23
CA SER B 219 -22.59 -0.77 -32.11
C SER B 219 -21.45 -1.69 -32.55
N GLU B 220 -20.21 -1.19 -32.58
CA GLU B 220 -19.10 -2.03 -32.99
C GLU B 220 -18.79 -3.10 -31.96
N ASN B 221 -19.22 -2.93 -30.70
CA ASN B 221 -19.09 -4.00 -29.72
C ASN B 221 -20.40 -4.35 -29.02
N GLY B 222 -21.52 -3.75 -29.41
CA GLY B 222 -22.83 -4.19 -28.96
C GLY B 222 -23.22 -3.78 -27.55
N ARG B 223 -22.63 -2.72 -27.00
CA ARG B 223 -22.80 -2.41 -25.59
C ARG B 223 -23.53 -1.09 -25.41
N ALA B 224 -24.47 -1.05 -24.48
CA ALA B 224 -25.09 0.20 -24.10
C ALA B 224 -24.27 0.89 -23.00
N ILE B 225 -24.37 2.22 -22.94
CA ILE B 225 -23.71 3.02 -21.91
C ILE B 225 -24.70 4.08 -21.45
N GLN B 226 -24.96 4.13 -20.15
CA GLN B 226 -25.78 5.21 -19.61
C GLN B 226 -25.02 6.53 -19.68
N ALA B 227 -25.50 7.46 -20.50
CA ALA B 227 -24.78 8.71 -20.78
C ALA B 227 -24.98 9.80 -19.72
N ALA B 228 -26.16 9.89 -19.11
CA ALA B 228 -26.49 10.92 -18.12
C ALA B 228 -27.79 10.53 -17.45
N THR B 229 -28.03 11.08 -16.26
CA THR B 229 -29.20 10.70 -15.48
C THR B 229 -29.81 11.94 -14.83
N SER B 230 -31.14 11.97 -14.80
CA SER B 230 -31.89 13.02 -14.11
C SER B 230 -32.93 12.32 -13.25
N HIS B 231 -32.81 12.47 -11.93
CA HIS B 231 -33.66 11.76 -10.98
C HIS B 231 -34.72 12.68 -10.39
N TYR B 232 -35.93 12.15 -10.25
CA TYR B 232 -36.96 12.76 -9.42
C TYR B 232 -36.92 12.05 -8.06
N LEU B 233 -36.39 12.74 -7.05
CA LEU B 233 -36.31 12.15 -5.72
C LEU B 233 -37.59 12.34 -4.93
N GLY B 234 -38.44 13.28 -5.35
CA GLY B 234 -39.70 13.46 -4.63
C GLY B 234 -39.47 13.95 -3.22
N THR B 235 -40.21 13.38 -2.28
CA THR B 235 -40.04 13.71 -0.87
C THR B 235 -39.22 12.68 -0.11
N ASN B 236 -38.60 11.73 -0.81
CA ASN B 236 -37.89 10.64 -0.13
C ASN B 236 -36.71 11.16 0.69
N PHE B 237 -35.81 11.88 0.03
CA PHE B 237 -34.71 12.50 0.76
C PHE B 237 -35.20 13.62 1.67
N ALA B 238 -36.32 14.28 1.30
CA ALA B 238 -36.88 15.29 2.19
C ALA B 238 -37.27 14.68 3.52
N LYS B 239 -37.87 13.48 3.50
CA LYS B 239 -38.25 12.83 4.76
C LYS B 239 -37.03 12.26 5.48
N MET B 240 -36.01 11.80 4.75
CA MET B 240 -34.82 11.30 5.44
C MET B 240 -34.07 12.42 6.15
N PHE B 241 -33.96 13.59 5.53
CA PHE B 241 -33.20 14.71 6.07
C PHE B 241 -34.08 15.80 6.65
N LYS B 242 -35.40 15.59 6.73
CA LYS B 242 -36.35 16.57 7.26
C LYS B 242 -36.12 17.94 6.62
N ILE B 243 -36.25 17.98 5.31
CA ILE B 243 -36.24 19.24 4.57
C ILE B 243 -37.69 19.65 4.39
N GLU B 244 -38.18 20.46 5.32
CA GLU B 244 -39.55 20.92 5.38
C GLU B 244 -39.60 22.43 5.20
N PHE B 245 -40.77 22.93 4.81
CA PHE B 245 -40.95 24.35 4.59
C PHE B 245 -42.39 24.72 4.89
N GLU B 246 -42.57 25.94 5.36
CA GLU B 246 -43.90 26.48 5.64
C GLU B 246 -44.50 26.98 4.33
N ASP B 247 -45.58 26.33 3.89
CA ASP B 247 -46.20 26.70 2.63
C ASP B 247 -47.01 27.99 2.80
N GLU B 248 -47.73 28.37 1.76
CA GLU B 248 -48.55 29.56 1.78
C GLU B 248 -49.82 29.41 2.66
N ASN B 249 -49.98 28.28 3.37
CA ASN B 249 -51.07 28.04 4.32
C ASN B 249 -50.58 27.81 5.74
N GLU B 250 -49.34 28.19 6.04
CA GLU B 250 -48.74 27.89 7.34
C GLU B 250 -48.54 26.39 7.56
N VAL B 251 -48.88 25.55 6.58
CA VAL B 251 -48.71 24.11 6.71
C VAL B 251 -47.28 23.74 6.35
N LYS B 252 -46.66 22.90 7.18
CA LYS B 252 -45.35 22.38 6.84
C LYS B 252 -45.49 21.28 5.80
N GLN B 253 -44.63 21.33 4.78
CA GLN B 253 -44.63 20.37 3.70
C GLN B 253 -43.19 19.95 3.44
N TYR B 254 -43.05 18.83 2.75
CA TYR B 254 -41.74 18.35 2.32
C TYR B 254 -41.40 18.94 0.95
N VAL B 255 -40.16 19.36 0.78
CA VAL B 255 -39.71 19.78 -0.54
C VAL B 255 -39.75 18.59 -1.48
N HIS B 256 -39.97 18.86 -2.77
CA HIS B 256 -39.85 17.85 -3.82
C HIS B 256 -38.52 18.05 -4.53
N GLN B 257 -37.70 17.01 -4.58
CA GLN B 257 -36.30 17.15 -4.93
C GLN B 257 -35.98 16.42 -6.23
N THR B 258 -34.96 16.98 -6.92
CA THR B 258 -34.33 16.39 -8.09
C THR B 258 -32.81 16.41 -7.92
N SER B 259 -32.16 15.40 -8.49
CA SER B 259 -30.72 15.50 -8.73
C SER B 259 -30.42 14.91 -10.09
N TRP B 260 -29.38 15.44 -10.71
CA TRP B 260 -29.04 15.08 -12.08
C TRP B 260 -27.54 15.19 -12.25
N GLY B 261 -26.97 14.34 -13.08
CA GLY B 261 -25.52 14.31 -13.18
C GLY B 261 -25.03 13.88 -14.53
N CYS B 262 -23.79 14.27 -14.82
CA CYS B 262 -23.14 13.84 -16.05
C CYS B 262 -21.63 13.94 -15.85
N THR B 263 -20.91 12.93 -16.32
CA THR B 263 -19.49 12.73 -16.04
C THR B 263 -18.67 12.70 -17.34
N THR B 264 -17.35 12.61 -17.17
CA THR B 264 -16.42 12.53 -18.31
C THR B 264 -16.53 11.22 -19.07
N ARG B 265 -17.35 10.28 -18.59
CA ARG B 265 -17.79 9.17 -19.42
C ARG B 265 -18.30 9.64 -20.78
N SER B 266 -18.84 10.86 -20.84
CA SER B 266 -19.34 11.39 -22.10
C SER B 266 -18.22 11.46 -23.14
N ILE B 267 -17.04 11.91 -22.71
CA ILE B 267 -15.89 11.89 -23.61
C ILE B 267 -15.66 10.48 -24.12
N GLY B 268 -15.68 9.51 -23.22
CA GLY B 268 -15.50 8.12 -23.63
C GLY B 268 -16.50 7.71 -24.69
N ILE B 269 -17.78 8.04 -24.47
CA ILE B 269 -18.80 7.61 -25.44
C ILE B 269 -18.50 8.25 -26.78
N MET B 270 -18.08 9.51 -26.74
CA MET B 270 -17.76 10.21 -27.98
C MET B 270 -16.68 9.45 -28.74
N ILE B 271 -15.60 9.06 -28.04
CA ILE B 271 -14.50 8.39 -28.72
C ILE B 271 -14.98 7.10 -29.33
N MET B 272 -15.84 6.36 -28.60
CA MET B 272 -16.26 5.07 -29.11
C MET B 272 -17.24 5.22 -30.26
N THR B 273 -17.89 6.38 -30.40
CA THR B 273 -18.84 6.56 -31.48
C THR B 273 -18.12 6.93 -32.77
N HIS B 274 -17.28 7.95 -32.74
CA HIS B 274 -16.74 8.55 -33.95
C HIS B 274 -15.36 8.04 -34.34
N GLY B 275 -14.63 7.42 -33.42
CA GLY B 275 -13.29 6.97 -33.72
C GLY B 275 -13.27 6.01 -34.90
N ASP B 276 -12.19 6.07 -35.68
CA ASP B 276 -11.99 5.13 -36.78
C ASP B 276 -10.66 4.39 -36.66
N ASP B 277 -10.20 3.79 -37.75
CA ASP B 277 -8.95 3.05 -37.71
C ASP B 277 -7.74 3.96 -37.89
N LYS B 278 -7.92 5.17 -38.43
CA LYS B 278 -6.87 6.16 -38.41
C LYS B 278 -6.68 6.77 -37.02
N GLY B 279 -7.67 6.69 -36.15
CA GLY B 279 -7.54 7.22 -34.81
C GLY B 279 -8.72 8.06 -34.34
N LEU B 280 -8.43 9.03 -33.48
CA LEU B 280 -9.47 9.87 -32.91
C LEU B 280 -10.13 10.73 -33.99
N VAL B 281 -11.45 10.83 -33.92
CA VAL B 281 -12.23 11.73 -34.76
C VAL B 281 -13.02 12.64 -33.83
N LEU B 282 -12.80 13.95 -33.93
CA LEU B 282 -13.34 14.89 -32.94
C LEU B 282 -14.41 15.79 -33.54
N PRO B 283 -15.60 15.87 -32.95
CA PRO B 283 -16.56 16.89 -33.38
C PRO B 283 -15.92 18.27 -33.26
N PRO B 284 -16.13 19.14 -34.24
CA PRO B 284 -15.39 20.42 -34.24
C PRO B 284 -15.53 21.22 -32.95
N ASN B 285 -16.72 21.26 -32.34
CA ASN B 285 -16.94 22.09 -31.16
C ASN B 285 -16.02 21.74 -29.99
N VAL B 286 -15.52 20.51 -29.91
CA VAL B 286 -14.76 20.06 -28.74
C VAL B 286 -13.30 19.80 -29.06
N SER B 287 -12.80 20.28 -30.21
CA SER B 287 -11.39 20.13 -30.56
C SER B 287 -10.69 21.47 -30.40
N LYS B 288 -9.58 21.49 -29.64
CA LYS B 288 -8.90 22.75 -29.39
C LYS B 288 -8.43 23.40 -30.69
N TYR B 289 -7.85 22.63 -31.59
CA TYR B 289 -7.51 23.11 -32.92
C TYR B 289 -8.59 22.63 -33.89
N LYS B 290 -9.25 23.54 -34.57
CA LYS B 290 -10.25 23.12 -35.54
C LYS B 290 -9.56 22.87 -36.88
N VAL B 291 -8.42 23.53 -37.10
CA VAL B 291 -7.72 23.45 -38.38
C VAL B 291 -6.23 23.31 -38.09
N VAL B 292 -5.56 22.46 -38.85
CA VAL B 292 -4.10 22.40 -38.86
C VAL B 292 -3.64 22.79 -40.25
N ILE B 293 -2.70 23.73 -40.30
CA ILE B 293 -2.09 24.16 -41.55
C ILE B 293 -0.75 23.45 -41.69
N VAL B 294 -0.59 22.72 -42.79
CA VAL B 294 0.60 21.92 -43.07
C VAL B 294 1.25 22.46 -44.33
N PRO B 295 2.47 22.99 -44.24
CA PRO B 295 3.16 23.44 -45.45
C PRO B 295 3.88 22.29 -46.12
N ILE B 296 4.00 22.41 -47.44
CA ILE B 296 4.83 21.51 -48.23
C ILE B 296 5.91 22.38 -48.84
N PHE B 297 7.15 22.19 -48.39
CA PHE B 297 8.27 23.03 -48.78
C PHE B 297 9.01 22.51 -49.99
N TYR B 298 8.85 21.24 -50.37
CA TYR B 298 9.61 20.73 -51.49
C TYR B 298 9.23 21.45 -52.77
N LYS B 299 10.24 21.83 -53.55
CA LYS B 299 10.11 22.51 -54.84
C LYS B 299 9.61 23.95 -54.69
N THR B 300 9.90 24.58 -53.57
CA THR B 300 9.54 25.99 -53.38
C THR B 300 10.63 26.89 -53.93
N THR B 301 10.26 28.14 -54.17
CA THR B 301 11.16 29.17 -54.66
C THR B 301 11.48 30.21 -53.59
N ASP B 302 10.79 30.14 -52.46
CA ASP B 302 10.83 31.16 -51.42
C ASP B 302 10.16 30.60 -50.17
N GLU B 303 10.89 29.79 -49.41
CA GLU B 303 10.34 29.15 -48.21
C GLU B 303 9.59 30.15 -47.34
N ASN B 304 10.11 31.37 -47.23
CA ASN B 304 9.47 32.38 -46.40
C ASN B 304 8.15 32.85 -46.99
N ALA B 305 7.97 32.69 -48.30
CA ALA B 305 6.68 32.99 -48.92
C ALA B 305 5.63 31.95 -48.52
N ILE B 306 6.02 30.67 -48.52
CA ILE B 306 5.11 29.63 -48.01
C ILE B 306 4.79 29.89 -46.55
N HIS B 307 5.78 30.31 -45.77
CA HIS B 307 5.54 30.64 -44.37
C HIS B 307 4.50 31.74 -44.27
N SER B 308 4.73 32.87 -44.97
CA SER B 308 3.83 34.01 -44.89
C SER B 308 2.42 33.65 -45.33
N TYR B 309 2.32 32.80 -46.35
CA TYR B 309 1.02 32.38 -46.86
C TYR B 309 0.26 31.58 -45.79
N CYS B 310 0.91 30.55 -45.23
CA CYS B 310 0.29 29.79 -44.15
C CYS B 310 -0.07 30.68 -42.98
N LYS B 311 0.82 31.60 -42.61
CA LYS B 311 0.58 32.44 -41.45
C LYS B 311 -0.57 33.39 -41.68
N ASP B 312 -0.79 33.83 -42.92
CA ASP B 312 -1.94 34.69 -43.16
C ASP B 312 -3.24 33.90 -43.20
N ILE B 313 -3.20 32.65 -43.67
CA ILE B 313 -4.36 31.78 -43.49
C ILE B 313 -4.67 31.63 -41.99
N GLU B 314 -3.63 31.38 -41.20
CA GLU B 314 -3.79 31.29 -39.74
C GLU B 314 -4.40 32.57 -39.17
N LYS B 315 -3.92 33.74 -39.62
CA LYS B 315 -4.45 35.01 -39.11
C LYS B 315 -5.91 35.19 -39.47
N ILE B 316 -6.29 34.84 -40.70
CA ILE B 316 -7.70 34.88 -41.09
C ILE B 316 -8.54 34.03 -40.14
N LEU B 317 -8.13 32.78 -39.96
CA LEU B 317 -8.94 31.86 -39.17
C LEU B 317 -9.09 32.37 -37.72
N LYS B 318 -7.97 32.67 -37.05
CA LYS B 318 -8.17 33.02 -35.65
C LYS B 318 -8.73 34.43 -35.47
N ASN B 319 -8.54 35.34 -36.43
CA ASN B 319 -9.31 36.58 -36.45
C ASN B 319 -10.80 36.31 -36.58
N ALA B 320 -11.18 35.14 -37.11
CA ALA B 320 -12.56 34.72 -37.09
C ALA B 320 -12.87 33.75 -35.94
N GLN B 321 -12.05 33.76 -34.89
CA GLN B 321 -12.27 32.97 -33.68
C GLN B 321 -12.17 31.46 -33.92
N ILE B 322 -11.57 31.05 -35.04
CA ILE B 322 -11.35 29.64 -35.36
C ILE B 322 -9.91 29.31 -34.99
N ASN B 323 -9.72 28.56 -33.90
CA ASN B 323 -8.37 28.28 -33.46
C ASN B 323 -7.72 27.23 -34.35
N CYS B 324 -6.48 27.49 -34.76
CA CYS B 324 -5.74 26.57 -35.60
C CYS B 324 -4.28 26.54 -35.15
N VAL B 325 -3.57 25.52 -35.61
CA VAL B 325 -2.14 25.40 -35.39
C VAL B 325 -1.47 25.29 -36.75
N TYR B 326 -0.32 25.96 -36.89
CA TYR B 326 0.51 25.89 -38.08
C TYR B 326 1.69 24.98 -37.75
N ASP B 327 1.77 23.84 -38.42
CA ASP B 327 2.79 22.82 -38.12
C ASP B 327 3.95 23.03 -39.09
N ASP B 328 4.89 23.89 -38.69
CA ASP B 328 6.04 24.24 -39.52
C ASP B 328 7.29 23.43 -39.18
N ARG B 329 7.14 22.30 -38.47
CA ARG B 329 8.29 21.49 -38.10
C ARG B 329 9.04 21.02 -39.35
N ALA B 330 10.33 21.36 -39.44
CA ALA B 330 11.03 21.21 -40.72
C ALA B 330 11.53 19.78 -40.98
N SER B 331 11.68 18.96 -39.93
CA SER B 331 12.29 17.65 -40.12
C SER B 331 11.32 16.61 -40.66
N TYR B 332 10.03 16.80 -40.43
CA TYR B 332 9.07 15.75 -40.71
C TYR B 332 8.43 15.91 -42.08
N SER B 333 8.18 14.78 -42.74
CA SER B 333 7.52 14.78 -44.03
C SER B 333 6.09 15.30 -43.88
N PRO B 334 5.51 15.81 -44.97
CA PRO B 334 4.07 16.13 -44.92
C PRO B 334 3.21 14.94 -44.55
N GLY B 335 3.55 13.73 -45.00
CA GLY B 335 2.75 12.57 -44.65
C GLY B 335 2.76 12.26 -43.17
N TYR B 336 3.93 12.37 -42.55
CA TYR B 336 4.03 12.21 -41.10
C TYR B 336 3.14 13.20 -40.37
N LYS B 337 3.09 14.45 -40.83
CA LYS B 337 2.26 15.44 -40.13
C LYS B 337 0.77 15.17 -40.39
N PHE B 338 0.44 14.73 -41.61
CA PHE B 338 -0.94 14.35 -41.90
C PHE B 338 -1.39 13.30 -40.90
N ASN B 339 -0.56 12.26 -40.73
CA ASN B 339 -0.93 11.19 -39.79
C ASN B 339 -0.92 11.69 -38.35
N HIS B 340 0.02 12.57 -38.00
CA HIS B 340 0.11 13.09 -36.65
C HIS B 340 -1.20 13.78 -36.25
N TRP B 341 -1.72 14.63 -37.13
CA TRP B 341 -2.93 15.38 -36.77
C TRP B 341 -4.20 14.57 -36.99
N GLU B 342 -4.17 13.60 -37.92
CA GLU B 342 -5.34 12.73 -38.08
C GLU B 342 -5.54 11.87 -36.85
N LEU B 343 -4.44 11.25 -36.37
CA LEU B 343 -4.48 10.45 -35.15
C LEU B 343 -5.09 11.25 -34.01
N ARG B 344 -4.79 12.53 -33.93
CA ARG B 344 -5.26 13.39 -32.86
C ARG B 344 -6.62 14.01 -33.13
N GLY B 345 -7.23 13.69 -34.26
CA GLY B 345 -8.61 14.05 -34.48
C GLY B 345 -8.92 15.47 -34.90
N ILE B 346 -7.93 16.22 -35.39
CA ILE B 346 -8.19 17.56 -35.93
C ILE B 346 -9.17 17.46 -37.09
N PRO B 347 -10.31 18.16 -37.04
CA PRO B 347 -11.35 17.92 -38.05
C PRO B 347 -10.96 18.35 -39.45
N ILE B 348 -10.19 19.42 -39.61
CA ILE B 348 -9.84 19.96 -40.91
C ILE B 348 -8.34 20.18 -40.99
N ARG B 349 -7.78 19.83 -42.14
CA ARG B 349 -6.39 20.15 -42.46
C ARG B 349 -6.35 21.02 -43.72
N ILE B 350 -5.50 22.06 -43.70
CA ILE B 350 -5.22 22.86 -44.89
C ILE B 350 -3.81 22.56 -45.34
N GLU B 351 -3.66 21.97 -46.53
CA GLU B 351 -2.38 21.78 -47.19
C GLU B 351 -2.10 22.92 -48.16
N VAL B 352 -0.89 23.46 -48.10
CA VAL B 352 -0.45 24.50 -49.02
C VAL B 352 0.95 24.14 -49.53
N GLY B 353 1.05 23.80 -50.81
CA GLY B 353 2.32 23.57 -51.45
C GLY B 353 2.59 24.66 -52.46
N PRO B 354 3.76 24.59 -53.12
CA PRO B 354 4.15 25.69 -54.02
C PRO B 354 3.19 25.90 -55.18
N LYS B 355 2.55 24.83 -55.68
CA LYS B 355 1.57 25.01 -56.76
C LYS B 355 0.40 25.86 -56.30
N ASP B 356 -0.01 25.71 -55.04
CA ASP B 356 -1.20 26.43 -54.61
C ASP B 356 -0.88 27.83 -54.08
N LEU B 357 0.37 28.09 -53.70
CA LEU B 357 0.77 29.48 -53.55
C LEU B 357 0.83 30.16 -54.91
N GLN B 358 1.11 29.39 -55.93
CA GLN B 358 1.15 29.92 -57.28
C GLN B 358 -0.21 30.13 -57.79
N ASN B 359 -1.17 29.43 -57.26
CA ASN B 359 -2.56 29.57 -57.69
C ASN B 359 -3.42 30.39 -56.74
N ASN B 360 -2.87 30.83 -55.61
CA ASN B 360 -3.66 31.43 -54.53
C ASN B 360 -4.85 30.56 -54.17
N SER B 361 -4.56 29.29 -53.93
CA SER B 361 -5.53 28.33 -53.44
C SER B 361 -4.88 27.52 -52.33
N CYS B 362 -5.63 26.54 -51.82
CA CYS B 362 -5.12 25.59 -50.85
C CYS B 362 -6.05 24.39 -50.84
N VAL B 363 -5.54 23.26 -50.36
CA VAL B 363 -6.31 22.03 -50.28
C VAL B 363 -6.88 21.90 -48.87
N ILE B 364 -8.18 21.65 -48.78
CA ILE B 364 -8.87 21.46 -47.50
C ILE B 364 -9.29 20.00 -47.42
N VAL B 365 -8.93 19.35 -46.32
CA VAL B 365 -9.16 17.93 -46.11
C VAL B 365 -10.00 17.77 -44.85
N ARG B 366 -11.19 17.17 -45.01
CA ARG B 366 -12.04 16.83 -43.87
C ARG B 366 -11.53 15.55 -43.21
N ARG B 367 -11.45 15.57 -41.88
CA ARG B 367 -11.00 14.38 -41.17
C ARG B 367 -12.00 13.22 -41.30
N ASP B 368 -13.31 13.52 -41.40
CA ASP B 368 -14.29 12.44 -41.29
C ASP B 368 -14.43 11.63 -42.58
N ASN B 369 -14.22 12.23 -43.75
CA ASN B 369 -14.28 11.48 -44.99
C ASN B 369 -13.02 11.58 -45.84
N ASN B 370 -12.05 12.41 -45.46
CA ASN B 370 -10.77 12.54 -46.16
C ASN B 370 -10.93 13.11 -47.58
N GLU B 371 -12.06 13.76 -47.86
CA GLU B 371 -12.29 14.41 -49.14
C GLU B 371 -11.36 15.61 -49.30
N LYS B 372 -10.44 15.54 -50.26
CA LYS B 372 -9.61 16.68 -50.62
C LYS B 372 -10.40 17.64 -51.51
N CYS B 373 -10.31 18.93 -51.20
CA CYS B 373 -11.06 19.94 -51.92
C CYS B 373 -10.13 21.12 -52.22
N ASN B 374 -10.12 21.60 -53.45
CA ASN B 374 -9.31 22.75 -53.83
C ASN B 374 -10.13 24.02 -53.66
N VAL B 375 -9.74 24.90 -52.72
CA VAL B 375 -10.48 26.15 -52.50
C VAL B 375 -9.54 27.32 -52.70
N LYS B 376 -10.04 28.35 -53.37
CA LYS B 376 -9.28 29.60 -53.47
C LYS B 376 -9.14 30.23 -52.10
N LYS B 377 -7.99 30.87 -51.85
CA LYS B 377 -7.76 31.47 -50.54
C LYS B 377 -8.82 32.52 -50.20
N GLU B 378 -9.34 33.19 -51.23
CA GLU B 378 -10.32 34.27 -51.03
C GLU B 378 -11.53 33.80 -50.24
N SER B 379 -11.87 32.52 -50.33
CA SER B 379 -13.02 31.99 -49.60
C SER B 379 -12.63 30.95 -48.57
N VAL B 380 -11.37 30.97 -48.08
CA VAL B 380 -10.93 29.94 -47.14
C VAL B 380 -11.83 29.94 -45.90
N LEU B 381 -11.95 31.09 -45.24
CA LEU B 381 -12.69 31.16 -43.99
C LEU B 381 -14.10 30.60 -44.15
N LEU B 382 -14.88 31.21 -45.04
CA LEU B 382 -16.23 30.73 -45.30
C LEU B 382 -16.26 29.23 -45.53
N GLU B 383 -15.43 28.72 -46.44
CA GLU B 383 -15.46 27.29 -46.73
C GLU B 383 -15.15 26.49 -45.48
N THR B 384 -14.09 26.88 -44.75
CA THR B 384 -13.77 26.24 -43.48
C THR B 384 -15.00 26.19 -42.58
N GLN B 385 -15.65 27.35 -42.38
CA GLN B 385 -16.78 27.39 -41.46
C GLN B 385 -17.86 26.44 -41.92
N GLN B 386 -18.17 26.46 -43.22
CA GLN B 386 -19.20 25.56 -43.73
C GLN B 386 -18.81 24.12 -43.45
N MET B 387 -17.55 23.78 -43.74
CA MET B 387 -17.15 22.40 -43.58
C MET B 387 -17.24 21.98 -42.12
N LEU B 388 -16.90 22.88 -41.20
CA LEU B 388 -16.96 22.50 -39.79
C LEU B 388 -18.38 22.09 -39.45
N VAL B 389 -19.34 22.91 -39.87
CA VAL B 389 -20.74 22.58 -39.64
C VAL B 389 -21.08 21.24 -40.26
N ASP B 390 -20.70 21.04 -41.53
CA ASP B 390 -21.09 19.80 -42.17
C ASP B 390 -20.42 18.60 -41.51
N ILE B 391 -19.17 18.78 -41.03
CA ILE B 391 -18.52 17.67 -40.35
C ILE B 391 -19.40 17.22 -39.19
N HIS B 392 -19.88 18.18 -38.40
CA HIS B 392 -20.72 17.83 -37.27
C HIS B 392 -21.95 17.08 -37.74
N LYS B 393 -22.64 17.63 -38.75
CA LYS B 393 -23.86 16.98 -39.23
C LYS B 393 -23.57 15.53 -39.58
N ASN B 394 -22.48 15.31 -40.34
CA ASN B 394 -22.25 13.97 -40.85
C ASN B 394 -21.93 13.03 -39.72
N LEU B 395 -21.12 13.51 -38.77
CA LEU B 395 -20.75 12.66 -37.65
C LEU B 395 -22.01 12.23 -36.90
N PHE B 396 -22.96 13.15 -36.74
CA PHE B 396 -24.18 12.82 -36.04
C PHE B 396 -25.03 11.86 -36.86
N LEU B 397 -25.14 12.12 -38.16
CA LEU B 397 -26.06 11.33 -38.97
C LEU B 397 -25.58 9.89 -39.07
N LYS B 398 -24.29 9.71 -39.40
CA LYS B 398 -23.71 8.37 -39.38
C LYS B 398 -23.98 7.68 -38.07
N ALA B 399 -23.87 8.43 -36.96
CA ALA B 399 -24.05 7.80 -35.66
C ALA B 399 -25.52 7.46 -35.44
N LYS B 400 -26.41 8.36 -35.88
CA LYS B 400 -27.83 8.14 -35.63
C LYS B 400 -28.31 6.87 -36.32
N LYS B 401 -28.03 6.73 -37.62
CA LYS B 401 -28.44 5.51 -38.31
C LYS B 401 -27.81 4.29 -37.66
N LYS B 402 -26.54 4.40 -37.23
CA LYS B 402 -25.91 3.27 -36.56
C LYS B 402 -26.69 2.91 -35.30
N LEU B 403 -27.17 3.93 -34.57
CA LEU B 403 -27.97 3.66 -33.39
C LEU B 403 -29.28 2.97 -33.76
N ASP B 404 -29.93 3.45 -34.82
CA ASP B 404 -31.29 2.99 -35.09
C ASP B 404 -31.29 1.64 -35.79
N ASP B 405 -30.21 1.30 -36.47
CA ASP B 405 -30.04 -0.05 -36.97
C ASP B 405 -29.58 -1.02 -35.89
N SER B 406 -29.43 -0.57 -34.65
CA SER B 406 -29.00 -1.47 -33.59
C SER B 406 -30.14 -1.99 -32.72
N ILE B 407 -31.37 -1.50 -32.92
CA ILE B 407 -32.51 -1.93 -32.11
C ILE B 407 -33.38 -2.83 -32.96
N VAL B 408 -33.63 -4.05 -32.48
CA VAL B 408 -34.54 -4.97 -33.13
C VAL B 408 -35.69 -5.24 -32.17
N GLN B 409 -36.93 -5.07 -32.65
CA GLN B 409 -38.12 -5.43 -31.90
C GLN B 409 -38.26 -6.95 -31.83
N VAL B 410 -38.50 -7.47 -30.63
CA VAL B 410 -38.78 -8.89 -30.46
C VAL B 410 -40.04 -9.04 -29.62
N THR B 411 -40.78 -10.13 -29.86
CA THR B 411 -41.97 -10.45 -29.08
C THR B 411 -41.75 -11.57 -28.08
N SER B 412 -40.65 -12.30 -28.20
CA SER B 412 -40.38 -13.45 -27.35
C SER B 412 -38.89 -13.50 -26.99
N PHE B 413 -38.60 -14.18 -25.89
CA PHE B 413 -37.22 -14.34 -25.46
C PHE B 413 -36.41 -15.19 -26.43
N SER B 414 -37.07 -16.10 -27.16
CA SER B 414 -36.35 -16.98 -28.10
C SER B 414 -35.66 -16.22 -29.21
N GLU B 415 -36.08 -14.98 -29.50
CA GLU B 415 -35.42 -14.16 -30.50
C GLU B 415 -34.27 -13.33 -29.92
N VAL B 416 -34.06 -13.36 -28.60
CA VAL B 416 -33.19 -12.36 -27.97
C VAL B 416 -31.72 -12.72 -28.17
N MET B 417 -31.32 -13.95 -27.83
CA MET B 417 -29.91 -14.33 -27.86
C MET B 417 -29.30 -14.04 -29.23
N ASN B 418 -29.97 -14.48 -30.30
CA ASN B 418 -29.54 -14.16 -31.65
C ASN B 418 -29.28 -12.66 -31.79
N ALA B 419 -30.28 -11.84 -31.46
CA ALA B 419 -30.11 -10.39 -31.55
C ALA B 419 -28.94 -9.92 -30.70
N LEU B 420 -28.76 -10.50 -29.50
CA LEU B 420 -27.65 -10.09 -28.65
C LEU B 420 -26.31 -10.45 -29.27
N ASN B 421 -26.25 -11.57 -30.00
CA ASN B 421 -24.97 -12.03 -30.54
C ASN B 421 -24.60 -11.31 -31.82
N LYS B 422 -25.57 -10.68 -32.50
CA LYS B 422 -25.29 -9.76 -33.60
C LYS B 422 -25.01 -8.34 -33.10
N LYS B 423 -24.69 -8.19 -31.82
CA LYS B 423 -24.31 -6.90 -31.24
C LYS B 423 -25.44 -5.87 -31.38
N LYS B 424 -26.65 -6.29 -31.01
CA LYS B 424 -27.82 -5.42 -31.08
C LYS B 424 -28.44 -5.22 -29.70
N MET B 425 -29.40 -4.31 -29.67
CA MET B 425 -30.30 -4.09 -28.54
C MET B 425 -31.68 -4.62 -28.89
N VAL B 426 -32.37 -5.20 -27.91
CA VAL B 426 -33.73 -5.68 -28.16
C VAL B 426 -34.73 -4.72 -27.55
N LEU B 427 -35.76 -4.39 -28.32
CA LEU B 427 -36.91 -3.65 -27.82
C LEU B 427 -38.00 -4.67 -27.58
N ALA B 428 -38.26 -4.98 -26.31
CA ALA B 428 -39.16 -6.07 -26.00
C ALA B 428 -40.34 -5.59 -25.18
N PRO B 429 -41.51 -6.21 -25.32
CA PRO B 429 -42.63 -5.89 -24.44
C PRO B 429 -42.43 -6.56 -23.09
N TRP B 430 -42.61 -5.79 -22.02
CA TRP B 430 -42.19 -6.21 -20.70
C TRP B 430 -43.24 -5.80 -19.68
N CYS B 431 -43.38 -6.65 -18.66
CA CYS B 431 -44.32 -6.45 -17.56
C CYS B 431 -43.72 -5.65 -16.42
N GLU B 432 -42.44 -5.30 -16.50
CA GLU B 432 -41.75 -4.40 -15.58
C GLU B 432 -41.70 -4.92 -14.15
N ASP B 433 -42.06 -6.18 -13.91
CA ASP B 433 -41.94 -6.68 -12.54
C ASP B 433 -40.48 -6.87 -12.17
N ILE B 434 -40.13 -6.37 -10.99
CA ILE B 434 -38.72 -6.21 -10.63
C ILE B 434 -38.00 -7.53 -10.49
N ALA B 435 -38.71 -8.58 -10.04
CA ALA B 435 -38.07 -9.88 -9.84
C ALA B 435 -37.52 -10.44 -11.14
N THR B 436 -38.11 -10.06 -12.28
CA THR B 436 -37.69 -10.59 -13.57
C THR B 436 -36.39 -9.98 -14.07
N GLU B 437 -35.99 -8.81 -13.56
CA GLU B 437 -34.73 -8.20 -13.97
C GLU B 437 -33.55 -9.13 -13.70
N GLU B 438 -33.46 -9.63 -12.47
CA GLU B 438 -32.36 -10.51 -12.11
C GLU B 438 -32.46 -11.85 -12.83
N GLU B 439 -33.67 -12.37 -13.00
CA GLU B 439 -33.84 -13.63 -13.72
C GLU B 439 -33.35 -13.51 -15.15
N ILE B 440 -33.76 -12.42 -15.83
CA ILE B 440 -33.31 -12.17 -17.20
C ILE B 440 -31.80 -12.03 -17.25
N LYS B 441 -31.23 -11.28 -16.30
CA LYS B 441 -29.79 -11.09 -16.27
C LYS B 441 -29.05 -12.42 -16.19
N LYS B 442 -29.46 -13.29 -15.25
CA LYS B 442 -28.72 -14.53 -15.07
C LYS B 442 -28.95 -15.51 -16.21
N GLU B 443 -30.14 -15.52 -16.81
CA GLU B 443 -30.37 -16.42 -17.93
C GLU B 443 -29.53 -16.02 -19.14
N THR B 444 -29.54 -14.73 -19.49
CA THR B 444 -28.69 -14.29 -20.58
C THR B 444 -27.21 -14.48 -20.23
N GLN B 445 -26.85 -14.33 -18.94
CA GLN B 445 -25.47 -14.54 -18.53
C GLN B 445 -25.03 -15.97 -18.80
N ARG B 446 -25.88 -16.93 -18.43
CA ARG B 446 -25.51 -18.34 -18.57
C ARG B 446 -25.48 -18.76 -20.03
N LEU B 447 -26.45 -18.32 -20.83
CA LEU B 447 -26.45 -18.67 -22.23
C LEU B 447 -25.27 -18.04 -22.97
N SER B 448 -24.85 -16.83 -22.57
CA SER B 448 -23.70 -16.18 -23.20
C SER B 448 -22.40 -16.92 -22.92
N LEU B 449 -22.29 -17.57 -21.77
CA LEU B 449 -21.10 -18.36 -21.45
C LEU B 449 -20.92 -19.52 -22.41
N ASN B 450 -20.67 -19.24 -23.68
CA ASN B 450 -20.50 -20.30 -24.68
C ASN B 450 -19.58 -19.87 -25.82
N GLN B 451 -19.07 -18.63 -25.78
CA GLN B 451 -18.06 -18.12 -26.73
C GLN B 451 -17.17 -17.07 -26.04
N THR B 457 -14.62 -11.19 -20.70
CA THR B 457 -13.82 -10.06 -20.26
C THR B 457 -14.71 -8.94 -19.71
N LEU B 458 -15.87 -8.78 -20.31
CA LEU B 458 -17.02 -8.07 -19.74
C LEU B 458 -18.20 -9.04 -19.69
N SER B 459 -19.33 -8.58 -19.16
CA SER B 459 -20.41 -9.48 -18.76
C SER B 459 -21.29 -9.86 -19.95
N GLY B 460 -21.70 -11.14 -19.99
CA GLY B 460 -22.70 -11.52 -20.99
C GLY B 460 -24.10 -11.04 -20.68
N ALA B 461 -24.35 -10.59 -19.45
CA ALA B 461 -25.71 -10.32 -19.00
C ALA B 461 -26.38 -9.24 -19.84
N MET B 462 -27.71 -9.30 -19.88
CA MET B 462 -28.54 -8.30 -20.52
C MET B 462 -29.43 -7.70 -19.45
N LYS B 463 -29.56 -6.39 -19.45
CA LYS B 463 -30.32 -5.70 -18.41
C LYS B 463 -31.27 -4.71 -19.07
N PRO B 464 -32.32 -4.30 -18.35
CA PRO B 464 -33.14 -3.19 -18.85
C PRO B 464 -32.29 -1.93 -18.94
N LEU B 465 -32.20 -1.38 -20.15
CA LEU B 465 -31.45 -0.13 -20.30
C LEU B 465 -32.32 1.07 -19.96
N CYS B 466 -33.53 1.10 -20.52
CA CYS B 466 -34.53 2.10 -20.16
C CYS B 466 -35.83 1.74 -20.85
N ILE B 467 -36.92 2.26 -20.29
CA ILE B 467 -38.21 2.31 -20.99
C ILE B 467 -38.22 3.59 -21.79
N PRO B 468 -38.15 3.53 -23.13
CA PRO B 468 -38.01 4.75 -23.93
C PRO B 468 -39.23 5.66 -23.77
N LEU B 469 -38.95 6.97 -23.70
CA LEU B 469 -40.03 7.95 -23.64
C LEU B 469 -40.89 7.93 -24.90
N ASP B 470 -40.29 7.64 -26.05
CA ASP B 470 -41.05 7.51 -27.29
C ASP B 470 -41.48 6.05 -27.44
N GLN B 471 -42.77 5.80 -27.25
CA GLN B 471 -43.19 4.42 -27.20
C GLN B 471 -43.83 3.97 -28.51
N PRO B 472 -43.50 2.78 -29.00
CA PRO B 472 -44.32 2.16 -30.03
C PRO B 472 -45.69 1.83 -29.47
N PRO B 473 -46.68 1.57 -30.32
CA PRO B 473 -47.99 1.15 -29.80
C PRO B 473 -47.89 -0.19 -29.11
N MET B 474 -48.64 -0.33 -28.01
CA MET B 474 -48.75 -1.61 -27.32
C MET B 474 -49.97 -2.35 -27.86
N PRO B 475 -49.78 -3.43 -28.62
CA PRO B 475 -50.93 -4.22 -29.12
C PRO B 475 -51.79 -4.73 -27.98
N PRO B 476 -53.07 -5.05 -28.24
CA PRO B 476 -54.04 -5.28 -27.15
C PRO B 476 -53.59 -6.21 -26.03
N ASN B 477 -53.60 -7.52 -26.26
CA ASN B 477 -53.19 -8.48 -25.22
C ASN B 477 -51.78 -9.01 -25.52
N MET B 478 -50.85 -8.06 -25.54
CA MET B 478 -49.44 -8.35 -25.73
C MET B 478 -48.86 -8.95 -24.45
N LYS B 479 -48.30 -10.15 -24.55
CA LYS B 479 -47.70 -10.80 -23.40
C LYS B 479 -46.25 -10.38 -23.21
N CYS B 480 -45.79 -10.42 -21.96
CA CYS B 480 -44.41 -10.05 -21.67
C CYS B 480 -43.48 -11.11 -22.25
N PHE B 481 -42.45 -10.66 -22.98
CA PHE B 481 -41.56 -11.57 -23.70
C PHE B 481 -40.86 -12.57 -22.78
N TRP B 482 -40.81 -12.31 -21.48
CA TRP B 482 -40.19 -13.18 -20.50
C TRP B 482 -41.20 -13.89 -19.60
N SER B 483 -42.20 -13.16 -19.15
CA SER B 483 -43.15 -13.63 -18.16
C SER B 483 -44.39 -14.28 -18.75
N GLY B 484 -44.72 -13.98 -20.00
CA GLY B 484 -46.01 -14.35 -20.54
C GLY B 484 -47.19 -13.60 -19.96
N LYS B 485 -46.99 -12.71 -19.00
CA LYS B 485 -48.08 -11.95 -18.41
C LYS B 485 -48.32 -10.69 -19.24
N PRO B 486 -49.43 -9.98 -19.01
CA PRO B 486 -49.66 -8.75 -19.78
C PRO B 486 -48.45 -7.83 -19.76
N ALA B 487 -48.07 -7.35 -20.94
CA ALA B 487 -46.90 -6.47 -21.06
C ALA B 487 -47.29 -5.03 -20.71
N LYS B 488 -46.58 -4.45 -19.74
CA LYS B 488 -46.83 -3.06 -19.41
C LYS B 488 -46.38 -2.14 -20.53
N ARG B 489 -45.09 -2.21 -20.90
CA ARG B 489 -44.55 -1.24 -21.85
C ARG B 489 -43.40 -1.86 -22.63
N TRP B 490 -42.93 -1.13 -23.63
CA TRP B 490 -41.74 -1.52 -24.38
C TRP B 490 -40.49 -1.08 -23.63
N CYS B 491 -39.51 -1.97 -23.53
CA CYS B 491 -38.27 -1.69 -22.83
C CYS B 491 -37.08 -2.09 -23.69
N LEU B 492 -35.98 -1.34 -23.56
CA LEU B 492 -34.74 -1.67 -24.24
C LEU B 492 -33.89 -2.55 -23.34
N PHE B 493 -33.34 -3.61 -23.92
CA PHE B 493 -32.46 -4.54 -23.22
C PHE B 493 -31.19 -4.70 -24.04
N GLY B 494 -30.08 -4.89 -23.35
CA GLY B 494 -28.84 -5.13 -24.03
C GLY B 494 -27.72 -5.30 -23.03
N ARG B 495 -26.60 -5.84 -23.53
CA ARG B 495 -25.36 -5.81 -22.79
C ARG B 495 -24.91 -4.36 -22.62
N SER B 496 -24.14 -4.10 -21.56
CA SER B 496 -23.73 -2.73 -21.30
C SER B 496 -22.42 -2.73 -20.52
N TYR B 497 -21.93 -1.53 -20.23
CA TYR B 497 -20.66 -1.36 -19.53
C TYR B 497 -20.86 -1.26 -18.02
N MET C 3 -4.24 2.95 17.87
CA MET C 3 -5.05 2.10 17.01
C MET C 3 -6.16 1.38 17.75
N ALA C 4 -7.23 1.04 17.02
CA ALA C 4 -8.32 0.23 17.54
C ALA C 4 -8.86 -0.61 16.40
N ILE C 5 -9.81 -1.50 16.70
CA ILE C 5 -10.36 -2.40 15.71
C ILE C 5 -11.64 -1.77 15.16
N THR C 6 -11.61 -1.41 13.87
CA THR C 6 -12.66 -0.62 13.23
C THR C 6 -13.63 -1.49 12.43
N SER C 7 -13.77 -2.77 12.78
CA SER C 7 -14.64 -3.69 12.07
C SER C 7 -14.99 -4.85 13.00
N LYS C 8 -16.28 -5.16 13.06
CA LYS C 8 -16.75 -6.22 13.95
C LYS C 8 -16.59 -7.59 13.30
N LYS C 9 -16.16 -8.56 14.13
CA LYS C 9 -15.85 -9.91 13.65
C LYS C 9 -17.04 -10.54 12.91
N ILE C 10 -18.27 -10.20 13.30
CA ILE C 10 -19.44 -10.82 12.68
C ILE C 10 -19.94 -10.03 11.48
N GLU C 11 -19.95 -8.69 11.55
CA GLU C 11 -20.50 -7.93 10.44
C GLU C 11 -19.49 -7.72 9.32
N ASN C 12 -18.20 -7.94 9.57
CA ASN C 12 -17.19 -7.86 8.52
C ASN C 12 -15.95 -8.71 8.85
N PHE C 13 -16.04 -10.03 8.63
CA PHE C 13 -15.03 -10.93 9.17
C PHE C 13 -13.64 -10.68 8.57
N SER C 14 -13.55 -10.53 7.25
CA SER C 14 -12.23 -10.41 6.62
C SER C 14 -11.53 -9.12 7.01
N ASP C 15 -12.25 -8.01 7.00
CA ASP C 15 -11.63 -6.76 7.42
C ASP C 15 -11.18 -6.82 8.88
N TRP C 16 -12.03 -7.38 9.75
CA TRP C 16 -11.66 -7.60 11.14
C TRP C 16 -10.38 -8.44 11.25
N TYR C 17 -10.26 -9.46 10.41
CA TYR C 17 -9.10 -10.35 10.47
C TYR C 17 -7.82 -9.64 10.07
N THR C 18 -7.83 -8.94 8.93
CA THR C 18 -6.65 -8.19 8.52
C THR C 18 -6.26 -7.17 9.60
N GLN C 19 -7.26 -6.45 10.13
CA GLN C 19 -7.00 -5.48 11.17
C GLN C 19 -6.34 -6.13 12.37
N VAL C 20 -6.93 -7.21 12.86
CA VAL C 20 -6.41 -7.85 14.07
C VAL C 20 -4.99 -8.33 13.86
N ILE C 21 -4.70 -8.93 12.70
CA ILE C 21 -3.38 -9.53 12.55
C ILE C 21 -2.31 -8.48 12.34
N VAL C 22 -2.65 -7.30 11.82
CA VAL C 22 -1.60 -6.29 11.65
C VAL C 22 -1.46 -5.42 12.89
N LYS C 23 -2.55 -4.90 13.45
CA LYS C 23 -2.42 -3.96 14.55
C LYS C 23 -1.98 -4.63 15.85
N SER C 24 -2.18 -5.95 15.99
CA SER C 24 -1.58 -6.70 17.09
C SER C 24 -0.10 -7.00 16.87
N GLU C 25 0.45 -6.58 15.72
CA GLU C 25 1.87 -6.78 15.36
C GLU C 25 2.22 -8.25 15.14
N LEU C 26 1.26 -9.05 14.68
CA LEU C 26 1.57 -10.43 14.32
C LEU C 26 2.26 -10.50 12.96
N ILE C 27 1.81 -9.68 12.02
CA ILE C 27 2.10 -9.84 10.61
C ILE C 27 2.52 -8.50 10.05
N GLU C 28 3.43 -8.53 9.07
CA GLU C 28 3.73 -7.36 8.25
C GLU C 28 3.56 -7.74 6.79
N TYR C 29 2.78 -6.95 6.06
CA TYR C 29 2.62 -7.16 4.64
C TYR C 29 3.92 -6.85 3.91
N TYR C 30 4.08 -7.45 2.73
CA TYR C 30 5.32 -7.43 1.99
C TYR C 30 5.03 -7.04 0.55
N ASP C 31 6.04 -6.50 -0.13
CA ASP C 31 5.80 -5.98 -1.47
C ASP C 31 5.70 -7.07 -2.53
N ILE C 32 5.83 -8.34 -2.17
CA ILE C 32 5.42 -9.45 -3.02
C ILE C 32 4.13 -10.03 -2.45
N SER C 33 3.11 -10.15 -3.30
CA SER C 33 1.77 -10.54 -2.86
C SER C 33 1.76 -11.98 -2.38
N GLY C 34 1.03 -12.22 -1.27
CA GLY C 34 0.95 -13.55 -0.71
C GLY C 34 2.11 -13.98 0.16
N CYS C 35 3.08 -13.10 0.40
CA CYS C 35 4.20 -13.36 1.32
C CYS C 35 4.14 -12.34 2.45
N TYR C 36 4.27 -12.83 3.68
CA TYR C 36 4.06 -12.02 4.87
C TYR C 36 5.21 -12.23 5.83
N ILE C 37 5.75 -11.11 6.34
CA ILE C 37 6.71 -11.15 7.43
C ILE C 37 6.00 -11.59 8.70
N LEU C 38 6.51 -12.65 9.33
CA LEU C 38 6.01 -13.07 10.65
C LEU C 38 6.87 -12.40 11.72
N ARG C 39 6.31 -11.35 12.32
CA ARG C 39 6.97 -10.59 13.37
C ARG C 39 7.06 -11.42 14.65
N PRO C 40 7.85 -10.99 15.66
CA PRO C 40 8.12 -11.88 16.81
C PRO C 40 6.88 -12.46 17.48
N ALA C 41 5.77 -11.72 17.52
CA ALA C 41 4.57 -12.20 18.22
C ALA C 41 4.01 -13.48 17.58
N ALA C 42 3.98 -13.55 16.24
CA ALA C 42 3.49 -14.77 15.60
C ALA C 42 4.54 -15.88 15.63
N TYR C 43 5.81 -15.51 15.39
CA TYR C 43 6.85 -16.52 15.36
C TYR C 43 6.99 -17.21 16.71
N TYR C 44 6.65 -16.51 17.79
CA TYR C 44 6.63 -17.13 19.11
C TYR C 44 5.67 -18.31 19.16
N ILE C 45 4.45 -18.12 18.67
CA ILE C 45 3.47 -19.20 18.59
C ILE C 45 4.05 -20.37 17.81
N TRP C 46 4.66 -20.06 16.66
CA TRP C 46 5.28 -21.12 15.87
C TRP C 46 6.32 -21.87 16.68
N GLU C 47 7.14 -21.13 17.44
CA GLU C 47 8.20 -21.76 18.22
C GLU C 47 7.63 -22.67 19.30
N CYS C 48 6.55 -22.23 19.97
CA CYS C 48 5.91 -23.05 21.00
C CYS C 48 5.42 -24.37 20.46
N VAL C 49 4.64 -24.33 19.38
CA VAL C 49 4.06 -25.59 18.96
C VAL C 49 5.11 -26.44 18.25
N GLN C 50 6.17 -25.82 17.75
CA GLN C 50 7.28 -26.60 17.25
C GLN C 50 7.96 -27.36 18.39
N ALA C 51 8.18 -26.70 19.53
CA ALA C 51 8.75 -27.39 20.68
C ALA C 51 7.90 -28.58 21.08
N PHE C 52 6.59 -28.37 21.20
CA PHE C 52 5.70 -29.46 21.59
C PHE C 52 5.75 -30.63 20.59
N PHE C 53 5.61 -30.31 19.30
CA PHE C 53 5.54 -31.36 18.29
C PHE C 53 6.86 -32.11 18.20
N ASN C 54 7.98 -31.41 18.38
CA ASN C 54 9.27 -32.07 18.39
C ASN C 54 9.36 -33.09 19.50
N LYS C 55 8.92 -32.70 20.71
CA LYS C 55 8.98 -33.64 21.83
C LYS C 55 8.14 -34.88 21.53
N GLU C 56 6.94 -34.68 20.97
CA GLU C 56 6.05 -35.81 20.75
C GLU C 56 6.55 -36.73 19.63
N ILE C 57 7.02 -36.15 18.52
CA ILE C 57 7.42 -37.04 17.43
C ILE C 57 8.72 -37.75 17.78
N LYS C 58 9.57 -37.13 18.63
CA LYS C 58 10.73 -37.85 19.13
C LYS C 58 10.33 -39.00 20.04
N LYS C 59 9.24 -38.84 20.80
CA LYS C 59 8.69 -40.02 21.46
C LYS C 59 8.32 -41.09 20.46
N LEU C 60 7.91 -40.70 19.25
CA LEU C 60 7.53 -41.67 18.22
C LEU C 60 8.72 -42.17 17.37
N ASN C 61 9.96 -41.85 17.75
CA ASN C 61 11.19 -42.24 17.04
C ASN C 61 11.39 -41.48 15.74
N VAL C 62 10.77 -40.33 15.58
CA VAL C 62 10.96 -39.52 14.38
C VAL C 62 12.14 -38.60 14.60
N GLU C 63 13.03 -38.53 13.62
CA GLU C 63 14.23 -37.71 13.70
C GLU C 63 14.15 -36.55 12.72
N ASN C 64 14.60 -35.38 13.16
CA ASN C 64 14.55 -34.22 12.31
C ASN C 64 15.73 -34.22 11.34
N SER C 65 15.54 -33.58 10.19
CA SER C 65 16.52 -33.58 9.11
C SER C 65 16.27 -32.36 8.25
N TYR C 66 17.13 -32.18 7.23
CA TYR C 66 16.95 -31.09 6.29
C TYR C 66 17.37 -31.54 4.90
N PHE C 67 16.45 -31.38 3.94
CA PHE C 67 16.61 -31.73 2.54
C PHE C 67 16.65 -30.46 1.68
N PRO C 68 17.20 -30.54 0.47
CA PRO C 68 17.45 -29.31 -0.29
C PRO C 68 16.17 -28.58 -0.69
N LEU C 69 16.32 -27.27 -0.87
CA LEU C 69 15.24 -26.41 -1.34
C LEU C 69 14.84 -26.73 -2.79
N PHE C 70 15.76 -27.27 -3.58
CA PHE C 70 15.59 -27.38 -5.02
C PHE C 70 15.38 -28.82 -5.46
N VAL C 71 14.65 -28.96 -6.56
CA VAL C 71 14.37 -30.25 -7.18
C VAL C 71 14.46 -30.08 -8.69
N THR C 72 15.05 -31.07 -9.38
CA THR C 72 15.10 -30.97 -10.84
C THR C 72 13.78 -31.42 -11.44
N LYS C 73 13.51 -30.91 -12.65
CA LYS C 73 12.37 -31.36 -13.42
C LYS C 73 12.37 -32.89 -13.54
N ASN C 74 13.55 -33.48 -13.62
CA ASN C 74 13.69 -34.94 -13.64
C ASN C 74 13.05 -35.57 -12.41
N LYS C 75 13.57 -35.25 -11.21
CA LYS C 75 13.07 -35.89 -10.00
C LYS C 75 11.62 -35.52 -9.69
N LEU C 76 11.19 -34.32 -10.11
CA LEU C 76 9.83 -33.92 -9.77
C LEU C 76 8.81 -34.52 -10.73
N GLU C 77 9.23 -34.95 -11.92
CA GLU C 77 8.27 -35.46 -12.89
C GLU C 77 7.68 -36.80 -12.51
N LYS C 78 8.43 -37.67 -11.82
CA LYS C 78 7.93 -39.00 -11.48
C LYS C 78 6.69 -38.93 -10.59
N PHE C 86 0.16 -30.91 -9.59
CA PHE C 86 0.78 -30.06 -8.58
C PHE C 86 1.69 -29.01 -9.23
N SER C 87 1.91 -29.15 -10.54
CA SER C 87 2.94 -28.37 -11.24
C SER C 87 2.54 -26.95 -11.61
N PRO C 88 1.22 -26.62 -11.86
CA PRO C 88 0.88 -25.20 -12.11
C PRO C 88 1.06 -24.30 -10.88
N GLU C 89 1.62 -24.84 -9.80
CA GLU C 89 1.90 -24.07 -8.60
C GLU C 89 3.38 -23.92 -8.32
N VAL C 90 4.26 -24.43 -9.20
CA VAL C 90 5.67 -24.62 -8.90
C VAL C 90 6.47 -23.45 -9.43
N ALA C 91 7.27 -22.82 -8.57
CA ALA C 91 8.13 -21.70 -8.93
C ALA C 91 9.47 -22.21 -9.45
N TRP C 92 9.90 -21.68 -10.60
CA TRP C 92 11.07 -22.18 -11.32
C TRP C 92 12.19 -21.15 -11.29
N VAL C 93 13.37 -21.58 -10.87
CA VAL C 93 14.57 -20.75 -10.93
C VAL C 93 15.24 -20.97 -12.28
N THR C 94 15.55 -19.89 -12.98
CA THR C 94 16.07 -20.02 -14.34
C THR C 94 17.37 -19.26 -14.56
N LYS C 95 17.55 -18.13 -13.89
CA LYS C 95 18.73 -17.29 -14.08
C LYS C 95 19.59 -17.27 -12.84
N TYR C 96 20.89 -17.14 -13.05
CA TYR C 96 21.87 -17.07 -11.97
C TYR C 96 22.57 -15.72 -12.02
N GLY C 97 21.85 -14.66 -11.66
CA GLY C 97 22.40 -13.32 -11.68
C GLY C 97 22.18 -12.65 -13.03
N ASP C 98 23.06 -12.94 -13.97
CA ASP C 98 22.97 -12.38 -15.32
C ASP C 98 23.28 -13.47 -16.34
N SER C 99 23.17 -14.71 -15.89
CA SER C 99 23.45 -15.88 -16.72
C SER C 99 22.31 -16.87 -16.57
N ASN C 100 21.78 -17.34 -17.71
CA ASN C 100 20.76 -18.38 -17.67
C ASN C 100 21.38 -19.67 -17.19
N LEU C 101 20.82 -20.24 -16.13
CA LEU C 101 21.35 -21.47 -15.58
C LEU C 101 21.29 -22.58 -16.63
N PRO C 102 22.19 -23.57 -16.52
CA PRO C 102 22.21 -24.64 -17.53
C PRO C 102 20.86 -25.29 -17.80
N GLU C 103 20.16 -25.76 -16.76
CA GLU C 103 18.78 -26.22 -16.89
C GLU C 103 18.00 -25.89 -15.62
N GLU C 104 16.71 -25.64 -15.80
CA GLU C 104 15.85 -25.09 -14.74
C GLU C 104 15.68 -26.05 -13.58
N ILE C 105 15.58 -25.47 -12.38
CA ILE C 105 15.29 -26.21 -11.16
C ILE C 105 14.14 -25.52 -10.46
N ALA C 106 13.47 -26.26 -9.59
CA ALA C 106 12.21 -25.84 -9.00
C ALA C 106 12.35 -25.74 -7.48
N ILE C 107 11.63 -24.78 -6.90
CA ILE C 107 11.54 -24.67 -5.45
C ILE C 107 10.48 -25.64 -4.94
N ARG C 108 10.80 -26.33 -3.85
CA ARG C 108 9.93 -27.40 -3.38
C ARG C 108 8.55 -26.86 -3.06
N PRO C 109 7.48 -27.42 -3.65
CA PRO C 109 6.14 -27.24 -3.08
C PRO C 109 5.85 -28.22 -1.96
N THR C 110 6.73 -29.21 -1.79
CA THR C 110 6.60 -30.35 -0.89
C THR C 110 7.77 -31.26 -1.24
N SER C 111 8.23 -32.11 -0.32
CA SER C 111 9.54 -32.72 -0.48
C SER C 111 9.49 -34.22 -0.78
N GLU C 112 8.33 -34.75 -1.15
CA GLU C 112 8.23 -36.17 -1.51
C GLU C 112 9.26 -36.54 -2.57
N THR C 113 9.25 -35.81 -3.70
CA THR C 113 10.15 -36.18 -4.80
C THR C 113 11.60 -35.93 -4.42
N ILE C 114 11.84 -34.97 -3.53
CA ILE C 114 13.21 -34.67 -3.10
C ILE C 114 13.76 -35.79 -2.22
N MET C 115 12.97 -36.26 -1.24
CA MET C 115 13.46 -37.23 -0.26
C MET C 115 13.39 -38.68 -0.75
N TYR C 116 12.34 -39.03 -1.47
CA TYR C 116 12.18 -40.41 -1.90
C TYR C 116 13.20 -40.76 -2.97
N SER C 117 13.81 -39.76 -3.59
CA SER C 117 14.85 -39.99 -4.59
C SER C 117 16.15 -40.51 -3.98
N VAL C 118 16.34 -40.38 -2.67
CA VAL C 118 17.50 -40.96 -2.01
C VAL C 118 17.13 -42.02 -0.97
N PHE C 119 15.85 -42.15 -0.60
CA PHE C 119 15.43 -43.29 0.24
C PHE C 119 16.00 -44.65 -0.22
N PRO C 120 16.11 -44.94 -1.53
CA PRO C 120 16.67 -46.25 -1.90
C PRO C 120 18.10 -46.47 -1.43
N LYS C 121 18.91 -45.43 -1.28
CA LYS C 121 20.28 -45.67 -0.81
C LYS C 121 20.34 -45.90 0.70
N TRP C 122 19.24 -45.65 1.43
CA TRP C 122 19.20 -45.89 2.86
C TRP C 122 18.44 -47.15 3.25
N ILE C 123 17.60 -47.67 2.36
CA ILE C 123 16.75 -48.82 2.64
C ILE C 123 17.18 -49.96 1.73
N ARG C 124 17.65 -51.06 2.34
CA ARG C 124 17.98 -52.25 1.56
C ARG C 124 17.29 -53.48 2.13
N SER C 125 17.05 -53.50 3.45
CA SER C 125 16.40 -54.63 4.09
C SER C 125 15.48 -54.12 5.20
N TYR C 126 14.69 -55.05 5.75
CA TYR C 126 13.81 -54.74 6.87
C TYR C 126 14.56 -54.20 8.06
N ARG C 127 15.86 -54.38 8.09
CA ARG C 127 16.65 -53.94 9.18
C ARG C 127 16.82 -52.46 9.19
N ASP C 128 16.52 -51.82 8.10
CA ASP C 128 16.55 -50.37 7.97
C ASP C 128 15.18 -49.73 8.20
N LEU C 129 14.18 -50.52 8.61
CA LEU C 129 12.83 -50.01 8.77
C LEU C 129 12.40 -50.07 10.23
N PRO C 130 11.52 -49.15 10.68
CA PRO C 130 10.98 -48.08 9.84
C PRO C 130 11.94 -46.88 9.73
N LEU C 131 11.93 -46.21 8.59
CA LEU C 131 12.64 -44.96 8.42
C LEU C 131 11.68 -43.82 8.73
N LYS C 132 12.11 -42.87 9.58
CA LYS C 132 11.23 -41.83 10.13
C LYS C 132 11.93 -40.48 10.10
N LEU C 133 11.54 -39.60 9.19
CA LEU C 133 12.19 -38.31 9.06
C LEU C 133 11.17 -37.19 9.17
N ASN C 134 11.63 -36.04 9.64
CA ASN C 134 10.81 -34.85 9.71
C ASN C 134 11.66 -33.63 9.34
N GLN C 135 11.01 -32.65 8.72
CA GLN C 135 11.64 -31.41 8.31
C GLN C 135 10.81 -30.24 8.81
N TRP C 136 11.50 -29.24 9.37
CA TRP C 136 10.92 -27.92 9.64
C TRP C 136 11.49 -26.99 8.57
N ASN C 137 10.66 -26.57 7.62
CA ASN C 137 11.22 -25.79 6.52
C ASN C 137 10.14 -24.90 5.88
N THR C 138 10.56 -24.19 4.84
CA THR C 138 9.65 -23.37 4.04
C THR C 138 9.32 -24.07 2.73
N VAL C 139 8.08 -23.93 2.27
CA VAL C 139 7.74 -24.34 0.92
C VAL C 139 6.99 -23.22 0.21
N VAL C 140 7.00 -23.32 -1.13
CA VAL C 140 6.47 -22.29 -2.01
C VAL C 140 5.42 -22.94 -2.90
N ARG C 141 4.21 -22.38 -2.87
CA ARG C 141 3.10 -22.85 -3.70
C ARG C 141 2.47 -21.61 -4.33
N TRP C 142 2.87 -21.35 -5.57
CA TRP C 142 2.58 -20.08 -6.25
C TRP C 142 1.27 -20.16 -7.03
N GLU C 143 0.17 -20.31 -6.29
CA GLU C 143 -1.15 -20.09 -6.87
C GLU C 143 -1.35 -18.60 -7.13
N PHE C 144 -2.17 -18.27 -8.13
CA PHE C 144 -2.51 -16.87 -8.36
C PHE C 144 -3.95 -16.55 -8.00
N LYS C 145 -4.65 -17.47 -7.34
CA LYS C 145 -5.86 -17.13 -6.62
C LYS C 145 -5.52 -16.19 -5.48
N GLN C 146 -6.53 -15.74 -4.75
CA GLN C 146 -6.13 -14.60 -3.93
C GLN C 146 -5.69 -15.05 -2.52
N PRO C 147 -4.59 -14.52 -2.01
CA PRO C 147 -4.05 -15.03 -0.74
C PRO C 147 -4.80 -14.51 0.47
N THR C 148 -4.78 -15.31 1.53
CA THR C 148 -5.25 -14.92 2.83
C THR C 148 -4.13 -15.16 3.82
N PRO C 149 -3.73 -14.15 4.60
CA PRO C 149 -2.59 -14.33 5.52
C PRO C 149 -2.79 -15.53 6.44
N PHE C 150 -1.72 -16.29 6.64
CA PHE C 150 -1.72 -17.53 7.41
C PHE C 150 -2.46 -18.66 6.71
N ILE C 151 -3.64 -18.37 6.17
CA ILE C 151 -4.51 -19.43 5.66
C ILE C 151 -4.00 -19.95 4.32
N ARG C 152 -3.88 -19.05 3.34
CA ARG C 152 -3.49 -19.38 1.96
C ARG C 152 -2.42 -18.39 1.54
N THR C 153 -1.16 -18.81 1.60
CA THR C 153 -0.04 -17.95 1.27
C THR C 153 0.88 -18.67 0.28
N ARG C 154 1.58 -17.87 -0.54
CA ARG C 154 2.44 -18.45 -1.56
C ARG C 154 3.71 -19.04 -0.96
N GLU C 155 4.11 -18.54 0.21
CA GLU C 155 5.25 -19.07 0.94
C GLU C 155 4.79 -19.36 2.35
N PHE C 156 5.07 -20.57 2.86
CA PHE C 156 4.74 -20.80 4.25
C PHE C 156 5.72 -21.74 4.92
N LEU C 157 5.86 -21.54 6.24
CA LEU C 157 6.60 -22.43 7.12
C LEU C 157 5.73 -23.61 7.48
N TRP C 158 6.34 -24.80 7.56
CA TRP C 158 5.60 -25.98 7.98
C TRP C 158 6.57 -27.01 8.53
N GLN C 159 6.00 -28.09 9.04
CA GLN C 159 6.72 -29.34 9.19
C GLN C 159 6.11 -30.36 8.24
N GLU C 160 6.99 -31.19 7.68
CA GLU C 160 6.57 -32.35 6.89
C GLU C 160 7.34 -33.56 7.39
N GLY C 161 6.61 -34.60 7.76
CA GLY C 161 7.19 -35.85 8.19
C GLY C 161 6.89 -36.91 7.15
N HIS C 162 7.85 -37.83 6.98
CA HIS C 162 7.80 -38.92 6.02
C HIS C 162 8.33 -40.18 6.68
N THR C 163 7.54 -41.26 6.62
CA THR C 163 7.98 -42.55 7.14
C THR C 163 7.82 -43.64 6.10
N ALA C 164 8.62 -44.68 6.28
CA ALA C 164 8.60 -45.89 5.48
C ALA C 164 8.59 -47.08 6.42
N HIS C 165 7.68 -48.02 6.18
CA HIS C 165 7.46 -49.18 7.03
C HIS C 165 7.46 -50.45 6.18
N LYS C 166 7.61 -51.58 6.87
CA LYS C 166 7.70 -52.88 6.23
C LYS C 166 6.34 -53.45 5.83
N ASN C 167 5.25 -52.93 6.39
CA ASN C 167 3.92 -53.40 6.00
C ASN C 167 2.93 -52.24 6.14
N GLU C 168 1.64 -52.54 5.92
CA GLU C 168 0.61 -51.52 5.97
C GLU C 168 0.19 -51.18 7.40
N GLU C 169 0.17 -52.18 8.30
CA GLU C 169 -0.31 -51.97 9.66
C GLU C 169 0.50 -50.87 10.35
N GLU C 170 1.82 -50.96 10.26
CA GLU C 170 2.69 -49.95 10.87
C GLU C 170 2.41 -48.57 10.31
N ALA C 171 2.36 -48.46 8.98
CA ALA C 171 2.16 -47.18 8.33
C ALA C 171 0.84 -46.54 8.76
N VAL C 172 -0.24 -47.32 8.78
CA VAL C 172 -1.55 -46.73 9.07
C VAL C 172 -1.67 -46.39 10.56
N LYS C 173 -1.10 -47.23 11.43
CA LYS C 173 -1.07 -46.92 12.85
C LYS C 173 -0.36 -45.59 13.09
N LEU C 174 0.76 -45.36 12.41
CA LEU C 174 1.46 -44.09 12.58
C LEU C 174 0.68 -42.93 11.98
N VAL C 175 0.02 -43.14 10.83
CA VAL C 175 -0.87 -42.11 10.27
C VAL C 175 -1.80 -41.57 11.34
N PHE C 176 -2.48 -42.48 12.06
CA PHE C 176 -3.45 -41.99 13.03
C PHE C 176 -2.84 -41.54 14.35
N ASP C 177 -1.63 -42.02 14.69
CA ASP C 177 -0.91 -41.45 15.83
C ASP C 177 -0.50 -40.00 15.58
N ILE C 178 0.03 -39.72 14.39
CA ILE C 178 0.34 -38.34 14.02
C ILE C 178 -0.94 -37.50 13.99
N LEU C 179 -2.04 -38.08 13.53
CA LEU C 179 -3.30 -37.32 13.51
C LEU C 179 -3.75 -36.95 14.92
N ASP C 180 -3.60 -37.86 15.89
CA ASP C 180 -3.95 -37.46 17.26
C ASP C 180 -2.95 -36.43 17.80
N LEU C 181 -1.70 -36.47 17.33
CA LEU C 181 -0.76 -35.42 17.74
C LEU C 181 -1.21 -34.05 17.21
N TYR C 182 -1.76 -34.00 16.00
CA TYR C 182 -2.28 -32.74 15.47
C TYR C 182 -3.51 -32.29 16.27
N ARG C 183 -4.36 -33.25 16.64
CA ARG C 183 -5.43 -32.97 17.58
C ARG C 183 -4.90 -32.27 18.84
N ARG C 184 -3.86 -32.83 19.45
CA ARG C 184 -3.32 -32.24 20.68
C ARG C 184 -2.67 -30.88 20.41
N TRP C 185 -1.96 -30.76 19.29
CA TRP C 185 -1.40 -29.48 18.85
C TRP C 185 -2.47 -28.39 18.85
N TYR C 186 -3.62 -28.69 18.28
CA TYR C 186 -4.63 -27.65 18.17
C TYR C 186 -5.36 -27.41 19.50
N GLU C 187 -5.76 -28.47 20.20
CA GLU C 187 -6.63 -28.31 21.36
C GLU C 187 -5.85 -27.94 22.61
N GLU C 188 -4.71 -28.59 22.85
CA GLU C 188 -3.96 -28.32 24.08
C GLU C 188 -3.08 -27.08 23.97
N TYR C 189 -2.72 -26.65 22.77
CA TYR C 189 -1.83 -25.51 22.63
C TYR C 189 -2.48 -24.29 22.02
N LEU C 190 -3.32 -24.47 21.01
CA LEU C 190 -4.03 -23.35 20.42
C LEU C 190 -5.48 -23.25 20.88
N ALA C 191 -5.93 -24.17 21.74
CA ALA C 191 -7.30 -24.18 22.28
C ALA C 191 -8.34 -24.18 21.17
N VAL C 192 -8.05 -24.89 20.07
CA VAL C 192 -8.93 -25.00 18.92
C VAL C 192 -9.46 -26.43 18.85
N PRO C 193 -10.78 -26.65 18.84
CA PRO C 193 -11.31 -27.99 18.62
C PRO C 193 -11.32 -28.35 17.14
N ILE C 194 -10.90 -29.58 16.83
CA ILE C 194 -10.89 -30.02 15.44
C ILE C 194 -11.73 -31.29 15.31
N ILE C 195 -12.05 -31.64 14.06
CA ILE C 195 -12.79 -32.85 13.72
C ILE C 195 -11.87 -33.75 12.91
N LYS C 196 -11.69 -34.99 13.37
CA LYS C 196 -10.90 -35.96 12.63
C LYS C 196 -11.76 -36.60 11.55
N GLY C 197 -11.22 -36.71 10.34
CA GLY C 197 -11.99 -37.19 9.21
C GLY C 197 -11.11 -37.82 8.16
N ILE C 198 -11.75 -38.55 7.25
CA ILE C 198 -11.09 -39.09 6.05
C ILE C 198 -11.51 -38.25 4.87
N LYS C 199 -10.54 -37.79 4.09
CA LYS C 199 -10.87 -36.98 2.93
C LYS C 199 -11.51 -37.82 1.83
N SER C 200 -12.36 -37.18 1.05
CA SER C 200 -12.95 -37.84 -0.11
C SER C 200 -11.90 -37.99 -1.20
N GLU C 201 -12.17 -38.91 -2.13
CA GLU C 201 -11.19 -39.22 -3.16
C GLU C 201 -10.88 -38.04 -4.07
N GLY C 202 -11.82 -37.12 -4.26
CA GLY C 202 -11.53 -35.95 -5.07
C GLY C 202 -10.64 -34.94 -4.40
N GLU C 203 -10.68 -34.87 -3.08
CA GLU C 203 -9.85 -33.91 -2.33
C GLU C 203 -8.63 -34.57 -1.70
N LYS C 204 -8.46 -35.88 -1.84
CA LYS C 204 -7.33 -36.55 -1.21
C LYS C 204 -6.01 -36.18 -1.88
N PHE C 205 -4.92 -36.48 -1.19
CA PHE C 205 -3.60 -36.09 -1.65
C PHE C 205 -3.22 -36.83 -2.93
N GLY C 206 -2.37 -36.20 -3.72
CA GLY C 206 -1.96 -36.76 -4.99
C GLY C 206 -1.15 -38.02 -4.77
N GLY C 207 -1.65 -39.15 -5.24
CA GLY C 207 -0.95 -40.42 -5.11
C GLY C 207 -0.97 -41.04 -3.73
N ALA C 208 -1.85 -40.58 -2.84
CA ALA C 208 -2.04 -41.23 -1.55
C ALA C 208 -3.12 -42.30 -1.64
N ASN C 209 -2.97 -43.34 -0.81
CA ASN C 209 -4.05 -44.30 -0.65
C ASN C 209 -5.29 -43.63 -0.08
N PHE C 210 -5.16 -43.06 1.11
CA PHE C 210 -6.20 -42.20 1.66
C PHE C 210 -5.55 -41.03 2.37
N THR C 211 -6.34 -39.99 2.58
CA THR C 211 -5.93 -38.81 3.32
C THR C 211 -6.78 -38.70 4.56
N SER C 212 -6.14 -38.63 5.71
CA SER C 212 -6.84 -38.27 6.94
C SER C 212 -6.52 -36.83 7.28
N THR C 213 -7.46 -36.17 7.92
CA THR C 213 -7.40 -34.73 8.08
C THR C 213 -8.02 -34.32 9.41
N ALA C 214 -7.50 -33.23 9.96
CA ALA C 214 -8.21 -32.47 10.99
C ALA C 214 -8.86 -31.27 10.30
N GLU C 215 -10.13 -31.03 10.59
CA GLU C 215 -10.82 -29.87 10.04
C GLU C 215 -11.34 -29.01 11.18
N ALA C 216 -11.09 -27.72 11.06
CA ALA C 216 -11.62 -26.73 11.98
C ALA C 216 -12.69 -25.93 11.25
N PHE C 217 -13.54 -25.25 12.00
CA PHE C 217 -14.60 -24.45 11.41
C PHE C 217 -14.62 -23.08 12.04
N ILE C 218 -14.67 -22.03 11.22
CA ILE C 218 -14.87 -20.67 11.69
C ILE C 218 -16.36 -20.38 11.58
N SER C 219 -16.99 -20.18 12.73
CA SER C 219 -18.43 -20.07 12.79
C SER C 219 -18.93 -18.66 12.49
N GLU C 220 -18.07 -17.65 12.55
CA GLU C 220 -18.50 -16.27 12.32
C GLU C 220 -18.47 -15.86 10.86
N ASN C 221 -17.81 -16.63 9.98
CA ASN C 221 -18.04 -16.48 8.55
C ASN C 221 -18.42 -17.80 7.90
N GLY C 222 -18.66 -18.85 8.69
CA GLY C 222 -19.23 -20.08 8.17
C GLY C 222 -18.34 -20.84 7.23
N ARG C 223 -17.04 -20.92 7.52
CA ARG C 223 -16.12 -21.53 6.57
C ARG C 223 -15.24 -22.55 7.27
N ALA C 224 -15.07 -23.70 6.63
CA ALA C 224 -14.19 -24.74 7.13
C ALA C 224 -12.76 -24.51 6.68
N ILE C 225 -11.82 -24.93 7.52
CA ILE C 225 -10.39 -24.84 7.21
C ILE C 225 -9.76 -26.18 7.51
N GLN C 226 -9.02 -26.70 6.54
CA GLN C 226 -8.24 -27.92 6.72
C GLN C 226 -7.03 -27.61 7.60
N ALA C 227 -7.06 -28.10 8.84
CA ALA C 227 -6.05 -27.74 9.83
C ALA C 227 -4.75 -28.52 9.66
N ALA C 228 -4.82 -29.77 9.20
CA ALA C 228 -3.66 -30.65 9.05
C ALA C 228 -4.08 -31.91 8.31
N THR C 229 -3.11 -32.60 7.73
CA THR C 229 -3.36 -33.87 7.08
C THR C 229 -2.27 -34.87 7.42
N SER C 230 -2.61 -36.14 7.21
CA SER C 230 -1.72 -37.26 7.50
C SER C 230 -2.07 -38.36 6.50
N HIS C 231 -1.20 -38.57 5.52
CA HIS C 231 -1.48 -39.43 4.36
C HIS C 231 -0.88 -40.81 4.54
N TYR C 232 -1.64 -41.83 4.13
CA TYR C 232 -1.11 -43.16 3.86
C TYR C 232 -0.84 -43.26 2.37
N LEU C 233 0.42 -43.25 1.99
CA LEU C 233 0.78 -43.35 0.57
C LEU C 233 0.80 -44.79 0.07
N GLY C 234 0.81 -45.76 0.97
CA GLY C 234 0.98 -47.15 0.57
C GLY C 234 2.30 -47.35 -0.15
N THR C 235 2.23 -48.08 -1.26
CA THR C 235 3.39 -48.41 -2.08
C THR C 235 3.47 -47.57 -3.35
N ASN C 236 2.57 -46.60 -3.52
CA ASN C 236 2.53 -45.83 -4.76
C ASN C 236 3.85 -45.13 -5.03
N PHE C 237 4.33 -44.37 -4.05
CA PHE C 237 5.60 -43.68 -4.22
C PHE C 237 6.76 -44.64 -4.21
N ALA C 238 6.66 -45.72 -3.43
CA ALA C 238 7.71 -46.74 -3.43
C ALA C 238 7.86 -47.36 -4.81
N LYS C 239 6.74 -47.64 -5.48
CA LYS C 239 6.81 -48.10 -6.86
C LYS C 239 7.43 -47.04 -7.75
N MET C 240 6.99 -45.78 -7.60
CA MET C 240 7.52 -44.71 -8.45
C MET C 240 9.04 -44.59 -8.31
N PHE C 241 9.57 -44.65 -7.09
CA PHE C 241 10.99 -44.39 -6.84
C PHE C 241 11.79 -45.65 -6.56
N LYS C 242 11.19 -46.83 -6.66
CA LYS C 242 11.89 -48.10 -6.49
C LYS C 242 12.58 -48.16 -5.12
N ILE C 243 11.77 -47.95 -4.08
CA ILE C 243 12.26 -48.14 -2.72
C ILE C 243 11.89 -49.55 -2.29
N GLU C 244 12.52 -50.54 -2.92
CA GLU C 244 12.40 -51.93 -2.52
C GLU C 244 13.23 -52.20 -1.27
N PHE C 245 12.85 -53.23 -0.54
CA PHE C 245 13.66 -53.73 0.56
C PHE C 245 13.50 -55.25 0.64
N GLU C 246 14.54 -55.93 1.09
CA GLU C 246 14.48 -57.36 1.32
C GLU C 246 13.88 -57.64 2.68
N ASP C 247 12.85 -58.49 2.73
CA ASP C 247 12.13 -58.71 3.97
C ASP C 247 12.79 -59.86 4.75
N GLU C 248 12.16 -60.26 5.85
CA GLU C 248 12.73 -61.28 6.74
C GLU C 248 12.78 -62.66 6.09
N ASN C 249 12.04 -62.88 5.00
CA ASN C 249 12.11 -64.10 4.22
C ASN C 249 12.99 -63.96 2.98
N GLU C 250 13.68 -62.81 2.86
CA GLU C 250 14.56 -62.52 1.72
C GLU C 250 13.78 -62.41 0.41
N VAL C 251 12.64 -61.73 0.47
CA VAL C 251 11.83 -61.41 -0.70
C VAL C 251 11.78 -59.89 -0.85
N LYS C 252 11.97 -59.40 -2.06
CA LYS C 252 11.86 -57.98 -2.32
C LYS C 252 10.42 -57.53 -2.15
N GLN C 253 10.23 -56.48 -1.35
CA GLN C 253 8.93 -55.88 -1.09
C GLN C 253 9.06 -54.37 -1.28
N TYR C 254 7.91 -53.71 -1.47
CA TYR C 254 7.88 -52.26 -1.47
C TYR C 254 7.64 -51.76 -0.05
N VAL C 255 8.21 -50.59 0.26
CA VAL C 255 7.92 -49.98 1.55
C VAL C 255 6.52 -49.39 1.50
N HIS C 256 5.89 -49.29 2.66
CA HIS C 256 4.63 -48.59 2.81
C HIS C 256 4.90 -47.25 3.48
N GLN C 257 4.53 -46.15 2.83
CA GLN C 257 4.96 -44.83 3.26
C GLN C 257 3.81 -44.05 3.87
N THR C 258 4.18 -43.10 4.72
CA THR C 258 3.26 -42.10 5.26
C THR C 258 3.87 -40.72 5.07
N SER C 259 2.98 -39.73 4.97
CA SER C 259 3.31 -38.34 4.76
C SER C 259 2.37 -37.50 5.62
N TRP C 260 2.92 -36.53 6.33
CA TRP C 260 2.08 -35.75 7.23
C TRP C 260 2.65 -34.35 7.37
N GLY C 261 1.77 -33.36 7.42
CA GLY C 261 2.24 -31.98 7.45
C GLY C 261 1.31 -31.07 8.20
N CYS C 262 1.89 -29.99 8.74
CA CYS C 262 1.11 -28.93 9.37
C CYS C 262 1.89 -27.62 9.28
N THR C 263 1.16 -26.54 9.00
CA THR C 263 1.74 -25.26 8.58
C THR C 263 1.37 -24.16 9.56
N THR C 264 1.93 -22.97 9.32
CA THR C 264 1.59 -21.77 10.08
C THR C 264 0.12 -21.40 9.97
N ARG C 265 -0.63 -22.05 9.07
CA ARG C 265 -2.07 -21.84 9.01
C ARG C 265 -2.72 -22.08 10.36
N SER C 266 -2.15 -22.96 11.18
CA SER C 266 -2.66 -23.18 12.53
C SER C 266 -2.81 -21.86 13.28
N ILE C 267 -1.76 -21.03 13.27
CA ILE C 267 -1.85 -19.69 13.87
C ILE C 267 -3.10 -18.98 13.39
N GLY C 268 -3.27 -18.88 12.06
CA GLY C 268 -4.43 -18.19 11.51
C GLY C 268 -5.73 -18.74 12.05
N ILE C 269 -5.86 -20.08 12.07
CA ILE C 269 -7.08 -20.69 12.58
C ILE C 269 -7.32 -20.21 14.00
N MET C 270 -6.27 -20.26 14.81
CA MET C 270 -6.39 -19.83 16.20
C MET C 270 -6.87 -18.38 16.29
N ILE C 271 -6.28 -17.49 15.48
CA ILE C 271 -6.69 -16.08 15.50
C ILE C 271 -8.17 -15.97 15.15
N MET C 272 -8.61 -16.74 14.16
CA MET C 272 -10.00 -16.65 13.77
C MET C 272 -10.93 -17.26 14.81
N THR C 273 -10.43 -18.20 15.61
CA THR C 273 -11.30 -18.86 16.58
C THR C 273 -11.51 -18.00 17.83
N HIS C 274 -10.45 -17.38 18.36
CA HIS C 274 -10.51 -16.74 19.67
C HIS C 274 -10.58 -15.23 19.64
N GLY C 275 -10.20 -14.59 18.53
CA GLY C 275 -10.22 -13.14 18.49
C GLY C 275 -11.62 -12.60 18.69
N ASP C 276 -11.69 -11.45 19.35
CA ASP C 276 -12.91 -10.66 19.51
C ASP C 276 -12.70 -9.29 18.87
N ASP C 277 -13.64 -8.38 19.08
CA ASP C 277 -13.50 -7.06 18.46
C ASP C 277 -12.62 -6.12 19.27
N LYS C 278 -12.24 -6.49 20.50
CA LYS C 278 -11.11 -5.84 21.14
C LYS C 278 -9.80 -6.19 20.44
N GLY C 279 -9.76 -7.30 19.70
CA GLY C 279 -8.55 -7.70 19.02
C GLY C 279 -8.08 -9.10 19.34
N LEU C 280 -6.76 -9.27 19.47
CA LEU C 280 -6.17 -10.58 19.61
C LEU C 280 -6.50 -11.20 20.97
N VAL C 281 -6.85 -12.49 20.97
CA VAL C 281 -6.97 -13.27 22.20
C VAL C 281 -6.06 -14.48 22.07
N LEU C 282 -5.12 -14.62 22.99
CA LEU C 282 -4.10 -15.66 22.89
C LEU C 282 -4.28 -16.70 23.98
N PRO C 283 -4.35 -17.98 23.64
CA PRO C 283 -4.16 -19.02 24.66
C PRO C 283 -2.82 -18.82 25.35
N PRO C 284 -2.80 -18.80 26.68
CA PRO C 284 -1.57 -18.38 27.39
C PRO C 284 -0.30 -19.12 26.98
N ASN C 285 -0.39 -20.41 26.64
CA ASN C 285 0.78 -21.17 26.21
C ASN C 285 1.56 -20.47 25.11
N VAL C 286 0.88 -19.77 24.20
CA VAL C 286 1.56 -19.24 23.03
C VAL C 286 1.73 -17.73 23.09
N SER C 287 1.56 -17.13 24.28
CA SER C 287 1.84 -15.73 24.51
C SER C 287 3.21 -15.55 25.16
N LYS C 288 4.09 -14.77 24.52
CA LYS C 288 5.40 -14.49 25.12
C LYS C 288 5.26 -13.87 26.50
N TYR C 289 4.38 -12.89 26.68
CA TYR C 289 4.10 -12.33 27.99
C TYR C 289 2.76 -12.86 28.47
N LYS C 290 2.74 -13.45 29.67
CA LYS C 290 1.48 -13.95 30.22
C LYS C 290 0.74 -12.89 31.03
N VAL C 291 1.45 -11.91 31.56
CA VAL C 291 0.88 -10.88 32.42
C VAL C 291 1.49 -9.54 32.01
N VAL C 292 0.68 -8.48 32.03
CA VAL C 292 1.17 -7.12 31.90
C VAL C 292 0.74 -6.31 33.12
N ILE C 293 1.67 -5.55 33.69
CA ILE C 293 1.41 -4.71 34.86
C ILE C 293 1.22 -3.28 34.39
N VAL C 294 0.09 -2.67 34.74
CA VAL C 294 -0.24 -1.31 34.34
C VAL C 294 -0.39 -0.43 35.58
N PRO C 295 0.42 0.62 35.73
CA PRO C 295 0.29 1.49 36.90
C PRO C 295 -0.68 2.64 36.63
N ILE C 296 -1.50 2.92 37.62
CA ILE C 296 -2.42 4.06 37.58
C ILE C 296 -2.01 5.02 38.68
N PHE C 297 -1.71 6.26 38.31
CA PHE C 297 -1.42 7.32 39.26
C PHE C 297 -2.51 8.38 39.23
N TYR C 298 -2.54 9.21 40.28
CA TYR C 298 -3.35 10.41 40.39
C TYR C 298 -2.42 11.57 40.76
N LYS C 299 -3.00 12.76 40.96
CA LYS C 299 -2.15 13.95 41.09
C LYS C 299 -1.28 13.89 42.33
N THR C 300 -1.87 13.58 43.48
CA THR C 300 -1.13 13.52 44.73
C THR C 300 -0.19 12.32 44.81
N THR C 301 -0.50 11.24 44.10
CA THR C 301 0.24 9.99 44.26
C THR C 301 1.74 10.17 44.07
N ASP C 302 2.52 9.54 44.94
CA ASP C 302 3.95 9.45 44.69
C ASP C 302 4.23 8.21 43.86
N GLU C 303 4.69 8.46 42.63
CA GLU C 303 4.78 7.41 41.63
C GLU C 303 5.79 6.33 42.01
N ASN C 304 6.71 6.62 42.93
CA ASN C 304 7.77 5.65 43.21
C ASN C 304 7.28 4.49 44.06
N ALA C 305 6.35 4.74 44.98
CA ALA C 305 5.74 3.65 45.72
C ALA C 305 5.02 2.69 44.78
N ILE C 306 4.29 3.24 43.82
CA ILE C 306 3.63 2.41 42.82
C ILE C 306 4.64 1.65 41.98
N HIS C 307 5.71 2.33 41.54
CA HIS C 307 6.72 1.68 40.73
C HIS C 307 7.32 0.49 41.46
N SER C 308 7.68 0.68 42.73
CA SER C 308 8.26 -0.41 43.52
C SER C 308 7.26 -1.54 43.74
N TYR C 309 5.99 -1.21 43.94
CA TYR C 309 5.00 -2.27 44.14
C TYR C 309 4.85 -3.12 42.86
N CYS C 310 4.73 -2.46 41.71
CA CYS C 310 4.64 -3.20 40.44
C CYS C 310 5.91 -3.98 40.13
N LYS C 311 7.07 -3.44 40.50
CA LYS C 311 8.30 -4.18 40.26
C LYS C 311 8.41 -5.37 41.19
N ASP C 312 7.83 -5.29 42.39
CA ASP C 312 7.79 -6.45 43.28
C ASP C 312 6.86 -7.53 42.73
N ILE C 313 5.73 -7.14 42.14
CA ILE C 313 4.87 -8.14 41.50
C ILE C 313 5.60 -8.78 40.30
N GLU C 314 6.30 -7.95 39.53
CA GLU C 314 7.05 -8.45 38.39
C GLU C 314 8.12 -9.45 38.84
N LYS C 315 8.79 -9.17 39.97
CA LYS C 315 9.73 -10.14 40.54
C LYS C 315 9.02 -11.43 40.94
N ILE C 316 7.88 -11.30 41.64
CA ILE C 316 7.15 -12.49 42.10
C ILE C 316 6.86 -13.41 40.93
N LEU C 317 6.36 -12.83 39.85
CA LEU C 317 5.95 -13.64 38.71
C LEU C 317 7.15 -14.17 37.91
N LYS C 318 8.16 -13.34 37.66
CA LYS C 318 9.30 -13.81 36.89
C LYS C 318 10.10 -14.87 37.64
N ASN C 319 10.06 -14.85 38.97
CA ASN C 319 10.72 -15.90 39.75
C ASN C 319 9.92 -17.20 39.75
N ALA C 320 8.66 -17.17 39.34
CA ALA C 320 7.90 -18.39 39.07
C ALA C 320 7.98 -18.81 37.62
N GLN C 321 8.95 -18.27 36.87
CA GLN C 321 9.12 -18.55 35.44
C GLN C 321 7.84 -18.25 34.66
N ILE C 322 7.13 -17.19 35.07
CA ILE C 322 5.97 -16.66 34.35
C ILE C 322 6.40 -15.33 33.75
N ASN C 323 6.53 -15.29 32.44
CA ASN C 323 7.04 -14.08 31.79
C ASN C 323 5.99 -12.98 31.84
N CYS C 324 6.44 -11.75 32.04
CA CYS C 324 5.54 -10.63 32.14
C CYS C 324 6.28 -9.35 31.75
N VAL C 325 5.52 -8.27 31.69
CA VAL C 325 6.05 -6.95 31.32
C VAL C 325 5.38 -5.92 32.21
N TYR C 326 6.19 -5.03 32.79
CA TYR C 326 5.69 -3.89 33.54
C TYR C 326 5.74 -2.68 32.62
N ASP C 327 4.57 -2.22 32.16
CA ASP C 327 4.49 -1.07 31.25
C ASP C 327 4.55 0.20 32.07
N ASP C 328 5.77 0.67 32.36
CA ASP C 328 5.96 1.93 33.06
C ASP C 328 6.22 3.11 32.11
N ARG C 329 5.86 2.96 30.83
CA ARG C 329 6.06 4.02 29.86
C ARG C 329 5.39 5.31 30.36
N ALA C 330 6.19 6.34 30.63
CA ALA C 330 5.68 7.52 31.31
C ALA C 330 4.73 8.33 30.44
N SER C 331 4.94 8.34 29.12
CA SER C 331 4.23 9.31 28.29
C SER C 331 2.84 8.86 27.88
N TYR C 332 2.40 7.66 28.24
CA TYR C 332 1.11 7.14 27.81
C TYR C 332 0.15 6.98 28.97
N SER C 333 -1.14 7.21 28.68
CA SER C 333 -2.24 7.03 29.62
C SER C 333 -2.34 5.57 30.09
N PRO C 334 -2.98 5.32 31.24
CA PRO C 334 -3.24 3.93 31.62
C PRO C 334 -4.27 3.25 30.74
N GLY C 335 -5.32 3.97 30.31
CA GLY C 335 -6.29 3.39 29.39
C GLY C 335 -5.68 3.09 28.03
N TYR C 336 -4.79 3.97 27.56
CA TYR C 336 -3.99 3.67 26.39
C TYR C 336 -3.31 2.31 26.53
N LYS C 337 -2.66 2.07 27.67
CA LYS C 337 -1.92 0.83 27.87
C LYS C 337 -2.87 -0.36 27.93
N PHE C 338 -3.99 -0.20 28.64
CA PHE C 338 -5.04 -1.21 28.64
C PHE C 338 -5.29 -1.70 27.22
N ASN C 339 -5.66 -0.77 26.33
CA ASN C 339 -6.04 -1.23 24.99
C ASN C 339 -4.83 -1.68 24.17
N HIS C 340 -3.66 -1.09 24.39
CA HIS C 340 -2.43 -1.55 23.75
C HIS C 340 -2.24 -3.06 23.96
N TRP C 341 -2.29 -3.49 25.22
CA TRP C 341 -2.04 -4.89 25.49
C TRP C 341 -3.25 -5.78 25.25
N GLU C 342 -4.48 -5.26 25.38
CA GLU C 342 -5.64 -6.05 24.99
C GLU C 342 -5.58 -6.35 23.50
N LEU C 343 -5.24 -5.34 22.70
CA LEU C 343 -5.01 -5.52 21.27
C LEU C 343 -3.98 -6.61 21.02
N ARG C 344 -2.82 -6.52 21.71
CA ARG C 344 -1.80 -7.55 21.51
C ARG C 344 -2.16 -8.89 22.16
N GLY C 345 -3.29 -8.99 22.85
CA GLY C 345 -3.77 -10.27 23.34
C GLY C 345 -3.10 -10.84 24.57
N ILE C 346 -2.48 -10.00 25.41
CA ILE C 346 -1.89 -10.49 26.67
C ILE C 346 -3.01 -11.10 27.52
N PRO C 347 -2.86 -12.34 28.00
CA PRO C 347 -4.03 -12.99 28.65
C PRO C 347 -4.46 -12.33 29.95
N ILE C 348 -3.52 -11.82 30.75
CA ILE C 348 -3.84 -11.28 32.05
C ILE C 348 -3.23 -9.88 32.16
N ARG C 349 -4.02 -8.93 32.64
CA ARG C 349 -3.51 -7.60 32.96
C ARG C 349 -3.65 -7.37 34.46
N ILE C 350 -2.59 -6.85 35.08
CA ILE C 350 -2.62 -6.49 36.50
C ILE C 350 -2.56 -4.97 36.61
N GLU C 351 -3.57 -4.38 37.25
CA GLU C 351 -3.62 -2.95 37.47
C GLU C 351 -3.33 -2.64 38.92
N VAL C 352 -2.47 -1.64 39.13
CA VAL C 352 -2.06 -1.17 40.45
C VAL C 352 -2.30 0.34 40.51
N GLY C 353 -3.15 0.77 41.43
CA GLY C 353 -3.34 2.17 41.72
C GLY C 353 -3.09 2.46 43.18
N PRO C 354 -3.39 3.69 43.62
CA PRO C 354 -3.05 4.06 45.01
C PRO C 354 -3.82 3.26 46.05
N LYS C 355 -5.10 2.98 45.80
CA LYS C 355 -5.87 2.18 46.76
C LYS C 355 -5.34 0.76 46.83
N ASP C 356 -5.08 0.16 45.68
CA ASP C 356 -4.48 -1.17 45.66
C ASP C 356 -3.14 -1.16 46.39
N LEU C 357 -2.36 -0.08 46.22
CA LEU C 357 -1.07 -0.02 46.89
C LEU C 357 -1.24 0.01 48.41
N GLN C 358 -2.17 0.83 48.91
CA GLN C 358 -2.31 0.91 50.36
C GLN C 358 -3.19 -0.20 50.94
N ASN C 359 -3.85 -1.00 50.12
CA ASN C 359 -4.52 -2.20 50.61
C ASN C 359 -3.69 -3.47 50.37
N ASN C 360 -2.43 -3.32 49.95
CA ASN C 360 -1.56 -4.44 49.59
C ASN C 360 -2.24 -5.40 48.62
N SER C 361 -2.94 -4.85 47.64
CA SER C 361 -3.70 -5.64 46.68
C SER C 361 -3.46 -5.07 45.28
N CYS C 362 -4.12 -5.69 44.31
CA CYS C 362 -4.10 -5.28 42.91
C CYS C 362 -5.33 -5.87 42.25
N VAL C 363 -5.60 -5.49 41.01
CA VAL C 363 -6.72 -6.08 40.30
C VAL C 363 -6.22 -6.83 39.08
N ILE C 364 -6.61 -8.09 38.97
CA ILE C 364 -6.28 -8.96 37.87
C ILE C 364 -7.49 -9.00 36.93
N VAL C 365 -7.26 -8.80 35.63
CA VAL C 365 -8.35 -8.84 34.66
C VAL C 365 -7.97 -9.80 33.54
N ARG C 366 -8.87 -10.75 33.28
CA ARG C 366 -8.72 -11.70 32.17
C ARG C 366 -8.99 -11.00 30.85
N ARG C 367 -8.19 -11.35 29.84
CA ARG C 367 -8.41 -10.83 28.49
C ARG C 367 -9.65 -11.43 27.84
N ASP C 368 -9.96 -12.70 28.14
CA ASP C 368 -10.95 -13.43 27.35
C ASP C 368 -12.38 -12.98 27.65
N ASN C 369 -12.69 -12.69 28.92
CA ASN C 369 -14.04 -12.28 29.31
C ASN C 369 -14.06 -11.05 30.22
N ASN C 370 -12.93 -10.37 30.39
CA ASN C 370 -12.85 -9.10 31.12
C ASN C 370 -13.28 -9.22 32.59
N GLU C 371 -13.37 -10.42 33.14
CA GLU C 371 -13.66 -10.56 34.57
C GLU C 371 -12.50 -9.99 35.38
N LYS C 372 -12.85 -9.25 36.44
CA LYS C 372 -11.88 -8.53 37.27
C LYS C 372 -11.92 -9.07 38.69
N CYS C 373 -10.74 -9.35 39.24
CA CYS C 373 -10.57 -10.04 40.52
C CYS C 373 -9.65 -9.19 41.37
N ASN C 374 -10.10 -8.81 42.56
CA ASN C 374 -9.26 -8.06 43.47
C ASN C 374 -8.48 -9.01 44.36
N VAL C 375 -7.15 -8.97 44.27
CA VAL C 375 -6.28 -9.97 44.85
C VAL C 375 -5.28 -9.30 45.78
N LYS C 376 -5.11 -9.86 46.97
CA LYS C 376 -4.02 -9.42 47.83
C LYS C 376 -2.69 -9.85 47.23
N LYS C 377 -1.67 -8.99 47.39
CA LYS C 377 -0.35 -9.24 46.82
C LYS C 377 0.12 -10.67 47.10
N GLU C 378 -0.04 -11.12 48.34
CA GLU C 378 0.44 -12.44 48.75
C GLU C 378 -0.19 -13.57 47.95
N SER C 379 -1.33 -13.35 47.31
CA SER C 379 -2.04 -14.37 46.56
C SER C 379 -1.96 -14.17 45.05
N VAL C 380 -1.19 -13.19 44.58
CA VAL C 380 -1.14 -12.93 43.15
C VAL C 380 -0.70 -14.18 42.39
N LEU C 381 0.47 -14.73 42.75
CA LEU C 381 1.07 -15.83 42.01
C LEU C 381 0.05 -16.93 41.73
N LEU C 382 -0.44 -17.60 42.77
CA LEU C 382 -1.36 -18.71 42.57
C LEU C 382 -2.60 -18.26 41.81
N GLU C 383 -3.14 -17.08 42.16
CA GLU C 383 -4.27 -16.55 41.42
C GLU C 383 -3.95 -16.49 39.93
N THR C 384 -2.83 -15.84 39.58
CA THR C 384 -2.38 -15.77 38.20
C THR C 384 -2.33 -17.16 37.59
N GLN C 385 -1.70 -18.10 38.31
CA GLN C 385 -1.58 -19.45 37.80
C GLN C 385 -2.95 -20.03 37.50
N GLN C 386 -3.84 -20.00 38.51
CA GLN C 386 -5.16 -20.58 38.33
C GLN C 386 -5.89 -19.92 37.16
N MET C 387 -5.58 -18.65 36.91
CA MET C 387 -6.28 -17.94 35.85
C MET C 387 -5.80 -18.39 34.47
N LEU C 388 -4.47 -18.53 34.30
CA LEU C 388 -3.95 -18.88 32.98
C LEU C 388 -4.53 -20.20 32.52
N VAL C 389 -4.35 -21.24 33.34
CA VAL C 389 -5.04 -22.51 33.23
C VAL C 389 -6.47 -22.27 32.79
N ASP C 390 -7.24 -21.56 33.62
CA ASP C 390 -8.67 -21.53 33.36
C ASP C 390 -9.01 -20.74 32.10
N ILE C 391 -8.21 -19.71 31.79
CA ILE C 391 -8.46 -19.00 30.54
C ILE C 391 -8.39 -19.99 29.39
N HIS C 392 -7.34 -20.82 29.39
CA HIS C 392 -7.18 -21.82 28.34
C HIS C 392 -8.42 -22.69 28.25
N LYS C 393 -8.85 -23.21 29.40
CA LYS C 393 -10.05 -24.06 29.41
C LYS C 393 -11.22 -23.31 28.81
N ASN C 394 -11.46 -22.07 29.27
CA ASN C 394 -12.58 -21.31 28.76
C ASN C 394 -12.50 -21.20 27.25
N LEU C 395 -11.31 -20.84 26.75
CA LEU C 395 -11.17 -20.62 25.31
C LEU C 395 -11.59 -21.87 24.55
N PHE C 396 -11.23 -23.06 25.06
CA PHE C 396 -11.53 -24.28 24.34
C PHE C 396 -13.03 -24.56 24.40
N LEU C 397 -13.62 -24.45 25.60
CA LEU C 397 -15.01 -24.88 25.77
C LEU C 397 -15.92 -24.02 24.93
N LYS C 398 -15.80 -22.70 25.08
CA LYS C 398 -16.39 -21.72 24.18
C LYS C 398 -16.31 -22.24 22.75
N ALA C 399 -15.07 -22.40 22.26
CA ALA C 399 -14.86 -22.76 20.87
C ALA C 399 -15.60 -24.06 20.55
N LYS C 400 -15.47 -25.07 21.42
CA LYS C 400 -16.09 -26.35 21.13
C LYS C 400 -17.58 -26.17 20.91
N LYS C 401 -18.26 -25.44 21.81
CA LYS C 401 -19.70 -25.34 21.70
C LYS C 401 -20.09 -24.76 20.35
N LYS C 402 -19.36 -23.73 19.93
CA LYS C 402 -19.67 -23.09 18.65
C LYS C 402 -19.50 -24.08 17.51
N LEU C 403 -18.41 -24.86 17.55
CA LEU C 403 -18.22 -25.90 16.55
C LEU C 403 -19.42 -26.83 16.51
N ASP C 404 -19.84 -27.32 17.68
CA ASP C 404 -20.96 -28.25 17.72
C ASP C 404 -22.25 -27.57 17.26
N ASP C 405 -22.37 -26.27 17.51
CA ASP C 405 -23.56 -25.56 17.09
C ASP C 405 -23.52 -25.18 15.62
N SER C 406 -22.43 -25.49 14.92
CA SER C 406 -22.28 -25.11 13.53
C SER C 406 -22.61 -26.24 12.56
N ILE C 407 -22.91 -27.43 13.08
CA ILE C 407 -23.14 -28.62 12.26
C ILE C 407 -24.61 -29.01 12.34
N VAL C 408 -25.30 -28.96 11.21
CA VAL C 408 -26.69 -29.39 11.09
C VAL C 408 -26.75 -30.64 10.22
N GLN C 409 -27.41 -31.67 10.72
CA GLN C 409 -27.62 -32.90 9.96
C GLN C 409 -28.74 -32.69 8.95
N VAL C 410 -28.48 -33.02 7.69
CA VAL C 410 -29.51 -32.98 6.66
C VAL C 410 -29.59 -34.36 6.02
N THR C 411 -30.78 -34.68 5.50
CA THR C 411 -31.01 -35.95 4.81
C THR C 411 -31.26 -35.78 3.32
N SER C 412 -31.37 -34.56 2.82
CA SER C 412 -31.52 -34.30 1.39
C SER C 412 -31.06 -32.88 1.10
N PHE C 413 -30.76 -32.62 -0.18
CA PHE C 413 -30.18 -31.35 -0.58
C PHE C 413 -31.11 -30.17 -0.35
N SER C 414 -32.42 -30.39 -0.28
CA SER C 414 -33.37 -29.30 -0.14
C SER C 414 -33.23 -28.55 1.18
N GLU C 415 -32.47 -29.08 2.13
CA GLU C 415 -32.19 -28.38 3.38
C GLU C 415 -30.81 -27.73 3.39
N VAL C 416 -29.99 -27.97 2.37
CA VAL C 416 -28.58 -27.61 2.43
C VAL C 416 -28.41 -26.09 2.35
N MET C 417 -29.03 -25.47 1.35
CA MET C 417 -28.82 -24.04 1.11
C MET C 417 -29.14 -23.22 2.36
N ASN C 418 -30.35 -23.38 2.90
CA ASN C 418 -30.70 -22.69 4.14
C ASN C 418 -29.60 -22.88 5.20
N ALA C 419 -29.19 -24.13 5.39
CA ALA C 419 -28.16 -24.42 6.38
C ALA C 419 -26.84 -23.72 6.05
N LEU C 420 -26.46 -23.74 4.77
CA LEU C 420 -25.23 -23.08 4.33
C LEU C 420 -25.27 -21.56 4.54
N ASN C 421 -26.45 -20.98 4.73
CA ASN C 421 -26.51 -19.53 4.85
C ASN C 421 -26.87 -19.07 6.26
N LYS C 422 -27.16 -19.99 7.17
CA LYS C 422 -26.96 -19.79 8.61
C LYS C 422 -25.49 -19.89 9.00
N LYS C 423 -24.57 -19.84 8.03
CA LYS C 423 -23.13 -19.97 8.27
C LYS C 423 -22.80 -21.30 8.94
N LYS C 424 -23.33 -22.39 8.38
CA LYS C 424 -23.17 -23.70 8.97
C LYS C 424 -22.57 -24.67 7.96
N MET C 425 -22.13 -25.80 8.49
CA MET C 425 -21.73 -26.96 7.71
C MET C 425 -22.73 -28.09 7.94
N VAL C 426 -22.95 -28.91 6.91
CA VAL C 426 -23.98 -29.93 6.97
C VAL C 426 -23.33 -31.31 7.03
N LEU C 427 -23.94 -32.20 7.79
CA LEU C 427 -23.52 -33.59 7.92
C LEU C 427 -24.54 -34.44 7.16
N ALA C 428 -24.19 -34.87 5.95
CA ALA C 428 -25.18 -35.47 5.07
C ALA C 428 -24.80 -36.90 4.69
N PRO C 429 -25.78 -37.75 4.39
CA PRO C 429 -25.48 -39.09 3.89
C PRO C 429 -25.05 -39.02 2.43
N TRP C 430 -23.96 -39.71 2.09
CA TRP C 430 -23.32 -39.53 0.81
C TRP C 430 -22.84 -40.88 0.27
N CYS C 431 -22.87 -40.99 -1.05
CA CYS C 431 -22.41 -42.14 -1.81
C CYS C 431 -20.97 -42.01 -2.29
N GLU C 432 -20.36 -40.83 -2.14
CA GLU C 432 -18.93 -40.61 -2.29
C GLU C 432 -18.43 -40.80 -3.72
N ASP C 433 -19.32 -40.79 -4.71
CA ASP C 433 -18.84 -40.90 -6.08
C ASP C 433 -18.19 -39.59 -6.50
N ILE C 434 -16.97 -39.66 -6.92
CA ILE C 434 -16.25 -38.49 -7.27
C ILE C 434 -16.91 -37.61 -8.29
N ALA C 435 -17.75 -38.16 -9.13
CA ALA C 435 -18.45 -37.31 -10.09
C ALA C 435 -19.43 -36.38 -9.39
N THR C 436 -19.90 -36.74 -8.19
CA THR C 436 -20.87 -35.88 -7.52
C THR C 436 -20.22 -34.64 -6.91
N GLU C 437 -18.92 -34.72 -6.59
CA GLU C 437 -18.27 -33.64 -5.86
C GLU C 437 -18.43 -32.31 -6.59
N GLU C 438 -17.87 -32.22 -7.80
CA GLU C 438 -17.90 -30.94 -8.48
C GLU C 438 -19.30 -30.56 -8.96
N GLU C 439 -20.21 -31.52 -9.13
CA GLU C 439 -21.60 -31.18 -9.42
C GLU C 439 -22.21 -30.41 -8.24
N ILE C 440 -21.99 -30.90 -7.02
CA ILE C 440 -22.46 -30.20 -5.83
C ILE C 440 -21.77 -28.84 -5.72
N LYS C 441 -20.48 -28.79 -6.03
CA LYS C 441 -19.77 -27.51 -6.03
C LYS C 441 -20.45 -26.51 -6.96
N LYS C 442 -20.67 -26.90 -8.22
CA LYS C 442 -21.26 -25.98 -9.19
C LYS C 442 -22.66 -25.57 -8.79
N GLU C 443 -23.46 -26.49 -8.27
CA GLU C 443 -24.85 -26.14 -7.94
C GLU C 443 -24.92 -25.19 -6.75
N THR C 444 -24.19 -25.50 -5.66
CA THR C 444 -24.19 -24.58 -4.53
C THR C 444 -23.52 -23.27 -4.90
N GLN C 445 -22.54 -23.31 -5.81
CA GLN C 445 -21.90 -22.10 -6.32
C GLN C 445 -22.92 -21.19 -6.98
N ARG C 446 -23.50 -21.65 -8.09
CA ARG C 446 -24.48 -20.82 -8.79
C ARG C 446 -25.80 -20.69 -8.03
N LEU C 447 -25.94 -21.30 -6.86
CA LEU C 447 -27.11 -21.08 -6.02
C LEU C 447 -26.88 -19.99 -4.99
N SER C 448 -25.63 -19.71 -4.66
CA SER C 448 -25.30 -18.64 -3.72
C SER C 448 -25.16 -17.31 -4.45
N SER C 459 -15.79 -17.47 -2.70
CA SER C 459 -16.56 -18.47 -3.44
C SER C 459 -17.62 -19.13 -2.57
N GLY C 460 -18.81 -19.30 -3.14
CA GLY C 460 -19.93 -19.86 -2.42
C GLY C 460 -20.14 -21.33 -2.63
N ALA C 461 -19.24 -21.98 -3.37
CA ALA C 461 -19.32 -23.41 -3.55
C ALA C 461 -18.99 -24.12 -2.24
N MET C 462 -19.78 -25.15 -1.93
CA MET C 462 -19.51 -26.01 -0.79
C MET C 462 -18.83 -27.28 -1.27
N LYS C 463 -17.78 -27.68 -0.59
CA LYS C 463 -17.02 -28.86 -0.95
C LYS C 463 -17.15 -29.91 0.14
N PRO C 464 -16.81 -31.17 -0.17
CA PRO C 464 -16.72 -32.19 0.89
C PRO C 464 -15.45 -31.96 1.71
N LEU C 465 -15.63 -31.73 3.01
CA LEU C 465 -14.50 -31.45 3.90
C LEU C 465 -13.87 -32.73 4.41
N CYS C 466 -14.66 -33.59 5.06
CA CYS C 466 -14.15 -34.89 5.47
C CYS C 466 -15.32 -35.79 5.84
N ILE C 467 -15.05 -37.09 5.76
CA ILE C 467 -15.94 -38.12 6.32
C ILE C 467 -15.49 -38.38 7.75
N PRO C 468 -16.24 -37.93 8.76
CA PRO C 468 -15.73 -37.97 10.13
C PRO C 468 -15.43 -39.38 10.62
N LEU C 469 -14.34 -39.50 11.39
CA LEU C 469 -14.01 -40.78 12.01
C LEU C 469 -15.11 -41.25 12.94
N ASP C 470 -15.67 -40.35 13.75
CA ASP C 470 -16.80 -40.74 14.60
C ASP C 470 -18.09 -40.52 13.81
N GLN C 471 -18.67 -41.61 13.36
CA GLN C 471 -19.83 -41.65 12.47
C GLN C 471 -21.12 -41.73 13.25
N PRO C 472 -22.13 -40.98 12.82
CA PRO C 472 -23.49 -41.23 13.29
C PRO C 472 -23.98 -42.58 12.79
N PRO C 473 -25.02 -43.15 13.39
CA PRO C 473 -25.59 -44.39 12.85
C PRO C 473 -26.25 -44.12 11.50
N MET C 474 -26.05 -45.04 10.56
CA MET C 474 -26.62 -44.89 9.23
C MET C 474 -27.87 -45.76 9.08
N PRO C 475 -29.03 -45.15 8.85
CA PRO C 475 -30.25 -45.93 8.59
C PRO C 475 -30.06 -46.89 7.42
N PRO C 476 -30.87 -47.96 7.34
CA PRO C 476 -30.52 -49.08 6.45
C PRO C 476 -30.75 -48.83 4.97
N ASN C 477 -31.72 -47.99 4.59
CA ASN C 477 -31.88 -47.65 3.16
C ASN C 477 -32.02 -46.14 3.01
N MET C 478 -30.91 -45.47 3.34
CA MET C 478 -30.75 -44.05 3.12
C MET C 478 -30.28 -43.81 1.69
N LYS C 479 -31.07 -43.05 0.93
CA LYS C 479 -30.59 -42.55 -0.34
C LYS C 479 -29.56 -41.45 -0.12
N CYS C 480 -28.54 -41.41 -0.98
CA CYS C 480 -27.57 -40.32 -0.94
C CYS C 480 -28.29 -38.98 -1.15
N PHE C 481 -27.95 -37.99 -0.32
CA PHE C 481 -28.65 -36.70 -0.33
C PHE C 481 -28.57 -35.97 -1.67
N TRP C 482 -27.76 -36.45 -2.61
CA TRP C 482 -27.59 -35.77 -3.89
C TRP C 482 -27.96 -36.65 -5.09
N SER C 483 -27.58 -37.92 -5.06
CA SER C 483 -27.80 -38.83 -6.19
C SER C 483 -28.95 -39.79 -5.99
N GLY C 484 -29.55 -39.85 -4.80
CA GLY C 484 -30.62 -40.80 -4.54
C GLY C 484 -30.21 -42.25 -4.56
N LYS C 485 -28.92 -42.56 -4.54
CA LYS C 485 -28.47 -43.95 -4.54
C LYS C 485 -28.07 -44.38 -3.12
N PRO C 486 -27.73 -45.67 -2.94
CA PRO C 486 -27.31 -46.14 -1.61
C PRO C 486 -26.22 -45.27 -0.98
N ALA C 487 -26.54 -44.63 0.14
CA ALA C 487 -25.60 -43.77 0.82
C ALA C 487 -24.59 -44.62 1.58
N LYS C 488 -23.30 -44.31 1.38
CA LYS C 488 -22.28 -45.12 2.03
C LYS C 488 -21.93 -44.58 3.42
N ARG C 489 -21.75 -43.27 3.56
CA ARG C 489 -21.31 -42.76 4.86
C ARG C 489 -21.78 -41.32 5.07
N TRP C 490 -21.66 -40.85 6.32
CA TRP C 490 -21.94 -39.46 6.65
C TRP C 490 -20.71 -38.62 6.33
N CYS C 491 -20.93 -37.46 5.71
CA CYS C 491 -19.83 -36.63 5.27
C CYS C 491 -20.17 -35.17 5.54
N LEU C 492 -19.16 -34.39 5.94
CA LEU C 492 -19.33 -32.97 6.22
C LEU C 492 -19.08 -32.17 4.95
N PHE C 493 -20.01 -31.26 4.66
CA PHE C 493 -19.89 -30.34 3.54
C PHE C 493 -20.00 -28.90 4.06
N GLY C 494 -19.27 -28.00 3.43
CA GLY C 494 -19.40 -26.60 3.74
C GLY C 494 -18.52 -25.79 2.82
N ARG C 495 -18.67 -24.48 2.92
CA ARG C 495 -17.72 -23.59 2.25
C ARG C 495 -16.38 -23.66 2.95
N SER C 496 -15.31 -23.42 2.20
CA SER C 496 -13.96 -23.62 2.71
C SER C 496 -13.06 -22.48 2.26
N TYR C 497 -11.84 -22.48 2.78
CA TYR C 497 -10.81 -21.55 2.35
C TYR C 497 -9.90 -22.21 1.31
N MET D 3 31.13 -50.74 7.39
CA MET D 3 32.02 -49.97 6.50
C MET D 3 33.22 -49.45 7.30
N ALA D 4 34.20 -48.88 6.60
CA ALA D 4 35.42 -48.41 7.24
C ALA D 4 35.95 -47.19 6.49
N ILE D 5 36.78 -46.41 7.17
CA ILE D 5 37.49 -45.29 6.56
C ILE D 5 38.78 -45.84 5.96
N THR D 6 38.94 -45.69 4.64
CA THR D 6 40.08 -46.23 3.92
C THR D 6 40.99 -45.13 3.38
N SER D 7 41.08 -44.01 4.08
CA SER D 7 41.97 -42.91 3.72
C SER D 7 42.41 -42.25 5.02
N LYS D 8 43.71 -42.09 5.19
CA LYS D 8 44.21 -41.43 6.37
C LYS D 8 43.94 -39.93 6.28
N LYS D 9 43.65 -39.32 7.43
CA LYS D 9 43.29 -37.91 7.47
C LYS D 9 44.42 -37.02 6.97
N ILE D 10 45.66 -37.26 7.44
CA ILE D 10 46.75 -36.39 7.02
C ILE D 10 47.25 -36.74 5.62
N GLU D 11 47.21 -38.01 5.21
CA GLU D 11 47.68 -38.39 3.88
C GLU D 11 46.75 -37.87 2.80
N ASN D 12 45.43 -38.09 2.94
CA ASN D 12 44.46 -37.71 1.92
C ASN D 12 43.24 -37.06 2.58
N PHE D 13 43.32 -35.74 2.81
CA PHE D 13 42.31 -35.07 3.62
C PHE D 13 40.93 -35.09 2.95
N SER D 14 40.86 -34.75 1.66
CA SER D 14 39.58 -34.66 0.97
C SER D 14 38.85 -36.00 0.95
N ASP D 15 39.57 -37.06 0.60
CA ASP D 15 38.94 -38.38 0.55
C ASP D 15 38.54 -38.83 1.93
N TRP D 16 39.41 -38.63 2.92
CA TRP D 16 39.03 -38.93 4.30
C TRP D 16 37.77 -38.20 4.70
N TYR D 17 37.68 -36.93 4.34
CA TYR D 17 36.57 -36.07 4.78
C TYR D 17 35.26 -36.54 4.19
N THR D 18 35.23 -36.78 2.87
CA THR D 18 33.99 -37.24 2.25
C THR D 18 33.63 -38.65 2.71
N GLN D 19 34.62 -39.52 2.84
CA GLN D 19 34.36 -40.85 3.40
C GLN D 19 33.70 -40.73 4.76
N VAL D 20 34.23 -39.86 5.62
CA VAL D 20 33.73 -39.73 6.98
C VAL D 20 32.29 -39.20 6.97
N ILE D 21 32.04 -38.12 6.21
CA ILE D 21 30.73 -37.48 6.29
C ILE D 21 29.65 -38.36 5.67
N VAL D 22 30.02 -39.21 4.71
CA VAL D 22 29.02 -40.11 4.13
C VAL D 22 28.82 -41.35 4.98
N LYS D 23 29.92 -41.96 5.43
CA LYS D 23 29.82 -43.26 6.11
C LYS D 23 29.36 -43.13 7.55
N SER D 24 29.64 -42.00 8.20
CA SER D 24 29.09 -41.75 9.52
C SER D 24 27.63 -41.28 9.46
N GLU D 25 27.05 -41.21 8.27
CA GLU D 25 25.62 -40.91 8.06
C GLU D 25 25.27 -39.48 8.44
N LEU D 26 26.24 -38.58 8.28
CA LEU D 26 26.03 -37.16 8.49
C LEU D 26 25.32 -36.53 7.30
N ILE D 27 25.75 -36.90 6.10
CA ILE D 27 25.45 -36.19 4.87
C ILE D 27 24.97 -37.19 3.84
N GLU D 28 24.09 -36.76 2.96
CA GLU D 28 23.83 -37.51 1.74
C GLU D 28 24.06 -36.58 0.54
N TYR D 29 24.59 -37.16 -0.55
CA TYR D 29 24.80 -36.38 -1.76
C TYR D 29 23.51 -36.31 -2.56
N TYR D 30 23.39 -35.25 -3.35
CA TYR D 30 22.15 -34.89 -4.01
C TYR D 30 22.44 -34.59 -5.48
N ASP D 31 21.47 -34.86 -6.34
CA ASP D 31 21.67 -34.72 -7.77
C ASP D 31 21.72 -33.27 -8.24
N ILE D 32 21.87 -32.30 -7.33
CA ILE D 32 22.08 -30.90 -7.68
C ILE D 32 23.35 -30.47 -6.97
N SER D 33 24.40 -30.16 -7.75
CA SER D 33 25.72 -29.83 -7.23
C SER D 33 25.64 -28.78 -6.11
N GLY D 34 26.48 -28.95 -5.10
CA GLY D 34 26.56 -27.99 -4.01
C GLY D 34 25.41 -28.03 -3.03
N CYS D 35 24.51 -29.01 -3.14
CA CYS D 35 23.38 -29.18 -2.24
C CYS D 35 23.47 -30.54 -1.57
N TYR D 36 23.36 -30.56 -0.26
CA TYR D 36 23.56 -31.77 0.50
C TYR D 36 22.38 -32.00 1.42
N ILE D 37 22.10 -33.27 1.69
CA ILE D 37 21.05 -33.64 2.62
C ILE D 37 21.67 -33.76 4.01
N LEU D 38 21.08 -33.05 4.97
CA LEU D 38 21.51 -33.13 6.37
C LEU D 38 20.73 -34.28 7.01
N ARG D 39 21.37 -35.44 7.10
CA ARG D 39 20.75 -36.58 7.75
C ARG D 39 20.64 -36.31 9.26
N PRO D 40 19.85 -37.11 9.99
CA PRO D 40 19.59 -36.78 11.41
C PRO D 40 20.83 -36.53 12.25
N ALA D 41 21.94 -37.22 11.99
CA ALA D 41 23.13 -37.04 12.82
C ALA D 41 23.67 -35.61 12.71
N ALA D 42 23.63 -35.02 11.51
CA ALA D 42 24.12 -33.65 11.35
C ALA D 42 23.09 -32.64 11.86
N TYR D 43 21.82 -32.90 11.58
CA TYR D 43 20.79 -31.96 11.96
C TYR D 43 20.67 -31.88 13.49
N TYR D 44 20.99 -32.97 14.18
CA TYR D 44 20.92 -32.93 15.64
C TYR D 44 21.94 -31.94 16.20
N ILE D 45 23.14 -31.91 15.61
CA ILE D 45 24.14 -30.89 15.94
C ILE D 45 23.57 -29.49 15.74
N TRP D 46 22.92 -29.30 14.59
CA TRP D 46 22.29 -28.00 14.33
C TRP D 46 21.25 -27.65 15.39
N GLU D 47 20.42 -28.63 15.80
CA GLU D 47 19.37 -28.38 16.79
C GLU D 47 19.96 -27.97 18.13
N CYS D 48 21.06 -28.63 18.55
CA CYS D 48 21.72 -28.30 19.82
C CYS D 48 22.28 -26.89 19.82
N VAL D 49 23.04 -26.53 18.78
CA VAL D 49 23.59 -25.17 18.77
C VAL D 49 22.46 -24.17 18.65
N GLN D 50 21.37 -24.54 17.97
CA GLN D 50 20.22 -23.67 17.85
C GLN D 50 19.59 -23.39 19.22
N ALA D 51 19.39 -24.44 20.01
CA ALA D 51 18.81 -24.27 21.34
C ALA D 51 19.69 -23.39 22.21
N PHE D 52 21.00 -23.64 22.19
CA PHE D 52 21.92 -22.85 23.00
C PHE D 52 21.87 -21.39 22.57
N PHE D 53 21.98 -21.15 21.28
CA PHE D 53 22.04 -19.77 20.79
C PHE D 53 20.74 -19.02 21.07
N ASN D 54 19.59 -19.69 20.89
CA ASN D 54 18.31 -19.06 21.19
C ASN D 54 18.26 -18.64 22.66
N LYS D 55 18.63 -19.56 23.56
CA LYS D 55 18.63 -19.25 24.97
C LYS D 55 19.49 -18.02 25.27
N GLU D 56 20.65 -17.92 24.62
CA GLU D 56 21.56 -16.84 24.97
C GLU D 56 21.15 -15.49 24.35
N ILE D 57 20.66 -15.48 23.11
CA ILE D 57 20.27 -14.20 22.53
C ILE D 57 18.95 -13.70 23.10
N LYS D 58 18.10 -14.59 23.62
CA LYS D 58 16.90 -14.09 24.28
C LYS D 58 17.24 -13.29 25.53
N LYS D 59 18.35 -13.63 26.19
CA LYS D 59 18.84 -12.83 27.31
C LYS D 59 19.29 -11.44 26.88
N LEU D 60 19.69 -11.26 25.62
CA LEU D 60 19.98 -9.95 25.07
C LEU D 60 18.75 -9.27 24.49
N ASN D 61 17.58 -9.89 24.63
CA ASN D 61 16.33 -9.37 24.11
C ASN D 61 16.27 -9.40 22.59
N VAL D 62 16.96 -10.34 21.98
CA VAL D 62 16.75 -10.60 20.56
C VAL D 62 15.52 -11.47 20.42
N GLU D 63 14.68 -11.15 19.45
CA GLU D 63 13.44 -11.86 19.21
C GLU D 63 13.49 -12.56 17.85
N ASN D 64 13.05 -13.80 17.81
CA ASN D 64 13.04 -14.53 16.56
C ASN D 64 11.89 -14.06 15.66
N SER D 65 12.08 -14.27 14.35
CA SER D 65 11.12 -13.82 13.35
C SER D 65 11.34 -14.61 12.07
N TYR D 66 10.44 -14.41 11.10
CA TYR D 66 10.62 -14.98 9.77
C TYR D 66 10.22 -13.97 8.70
N PHE D 67 11.16 -13.67 7.81
CA PHE D 67 10.99 -12.82 6.66
C PHE D 67 10.95 -13.67 5.38
N PRO D 68 10.33 -13.17 4.31
CA PRO D 68 10.08 -14.02 3.15
C PRO D 68 11.35 -14.50 2.45
N LEU D 69 11.17 -15.60 1.71
CA LEU D 69 12.26 -16.17 0.93
C LEU D 69 12.67 -15.26 -0.23
N PHE D 70 11.73 -14.46 -0.74
CA PHE D 70 11.96 -13.74 -1.98
C PHE D 70 12.16 -12.26 -1.73
N VAL D 71 12.70 -11.61 -2.76
CA VAL D 71 13.00 -10.18 -2.75
C VAL D 71 12.82 -9.68 -4.19
N THR D 72 12.25 -8.49 -4.35
CA THR D 72 12.11 -7.93 -5.68
C THR D 72 13.41 -7.29 -6.14
N LYS D 73 13.48 -6.99 -7.44
CA LYS D 73 14.67 -6.33 -7.98
C LYS D 73 14.79 -4.90 -7.45
N ASN D 74 13.65 -4.24 -7.19
CA ASN D 74 13.67 -2.84 -6.74
C ASN D 74 14.43 -2.69 -5.42
N LYS D 75 14.02 -3.43 -4.39
CA LYS D 75 14.68 -3.31 -3.10
C LYS D 75 16.06 -3.97 -3.09
N LEU D 76 16.34 -4.87 -4.04
CA LEU D 76 17.68 -5.44 -4.14
C LEU D 76 18.68 -4.43 -4.65
N GLU D 77 18.28 -3.58 -5.60
CA GLU D 77 19.23 -2.58 -6.10
C GLU D 77 19.01 -1.20 -5.50
N LYS D 78 18.09 -1.05 -4.54
CA LYS D 78 18.22 0.05 -3.58
C LYS D 78 19.49 -0.08 -2.75
N GLU D 79 20.07 -1.29 -2.71
CA GLU D 79 21.45 -1.50 -2.25
C GLU D 79 22.44 -1.51 -3.43
N LYS D 80 22.23 -0.64 -4.40
CA LYS D 80 23.20 -0.44 -5.48
C LYS D 80 24.60 -0.26 -4.91
N ASN D 81 24.79 0.78 -4.11
CA ASN D 81 25.98 0.97 -3.27
C ASN D 81 25.81 2.18 -2.34
N GLU D 89 25.62 -13.53 -7.43
CA GLU D 89 25.42 -14.91 -6.97
C GLU D 89 24.01 -15.14 -6.43
N VAL D 90 23.07 -14.35 -6.93
CA VAL D 90 21.67 -14.38 -6.48
C VAL D 90 20.84 -15.11 -7.53
N ALA D 91 20.00 -16.04 -7.09
CA ALA D 91 19.17 -16.85 -7.97
C ALA D 91 17.81 -16.22 -8.17
N TRP D 92 17.30 -16.28 -9.41
CA TRP D 92 16.04 -15.64 -9.76
C TRP D 92 15.03 -16.68 -10.20
N VAL D 93 13.81 -16.56 -9.71
CA VAL D 93 12.69 -17.29 -10.29
C VAL D 93 12.07 -16.40 -11.36
N THR D 94 11.60 -17.01 -12.44
CA THR D 94 11.06 -16.26 -13.55
C THR D 94 9.72 -16.78 -14.03
N LYS D 95 9.22 -17.88 -13.47
CA LYS D 95 7.95 -18.44 -13.89
C LYS D 95 7.41 -19.34 -12.79
N TYR D 96 6.10 -19.53 -12.79
CA TYR D 96 5.43 -20.47 -11.91
C TYR D 96 4.66 -21.44 -12.78
N GLY D 97 4.91 -22.73 -12.61
CA GLY D 97 4.38 -23.67 -13.57
C GLY D 97 5.00 -23.33 -14.90
N ASP D 98 4.19 -23.03 -15.89
CA ASP D 98 4.67 -22.55 -17.20
C ASP D 98 3.93 -21.28 -17.55
N SER D 99 4.43 -20.18 -17.02
CA SER D 99 3.78 -18.88 -17.06
C SER D 99 4.82 -17.92 -16.52
N ASN D 100 5.42 -17.13 -17.39
CA ASN D 100 6.49 -16.24 -16.94
C ASN D 100 5.93 -15.18 -16.00
N LEU D 101 6.64 -14.95 -14.91
CA LEU D 101 6.13 -14.03 -13.91
C LEU D 101 6.45 -12.59 -14.34
N PRO D 102 5.52 -11.61 -14.08
CA PRO D 102 5.80 -10.21 -14.43
C PRO D 102 7.16 -9.70 -13.96
N GLU D 103 7.33 -9.63 -12.64
CA GLU D 103 8.64 -9.35 -12.07
C GLU D 103 9.42 -10.64 -11.94
N GLU D 104 10.70 -10.61 -12.28
CA GLU D 104 11.58 -11.66 -11.81
C GLU D 104 11.93 -11.34 -10.36
N ILE D 105 11.72 -12.29 -9.47
CA ILE D 105 12.03 -12.09 -8.06
C ILE D 105 13.16 -13.04 -7.69
N ALA D 106 13.89 -12.66 -6.65
CA ALA D 106 15.13 -13.33 -6.26
C ALA D 106 14.95 -14.05 -4.93
N ILE D 107 15.71 -15.15 -4.76
CA ILE D 107 15.80 -15.84 -3.48
C ILE D 107 16.85 -15.14 -2.62
N ARG D 108 16.57 -15.01 -1.34
CA ARG D 108 17.47 -14.28 -0.46
C ARG D 108 18.85 -14.93 -0.39
N PRO D 109 19.93 -14.21 -0.71
CA PRO D 109 21.26 -14.64 -0.30
C PRO D 109 21.62 -14.17 1.10
N THR D 110 20.84 -13.23 1.63
CA THR D 110 20.97 -12.61 2.94
C THR D 110 19.79 -11.64 3.06
N SER D 111 19.35 -11.29 4.27
CA SER D 111 18.07 -10.63 4.40
C SER D 111 18.16 -9.13 4.69
N GLU D 112 19.33 -8.52 4.48
CA GLU D 112 19.47 -7.08 4.71
C GLU D 112 18.46 -6.28 3.89
N THR D 113 18.44 -6.47 2.58
CA THR D 113 17.50 -5.70 1.76
C THR D 113 16.05 -6.07 2.06
N ILE D 114 15.79 -7.30 2.48
CA ILE D 114 14.41 -7.70 2.77
C ILE D 114 13.92 -7.08 4.08
N MET D 115 14.77 -7.07 5.11
CA MET D 115 14.36 -6.56 6.42
C MET D 115 14.47 -5.05 6.53
N TYR D 116 15.51 -4.44 5.96
CA TYR D 116 15.73 -3.02 6.16
C TYR D 116 14.81 -2.16 5.30
N SER D 117 14.08 -2.77 4.35
CA SER D 117 13.05 -2.07 3.62
C SER D 117 11.78 -1.93 4.43
N VAL D 118 11.60 -2.75 5.47
CA VAL D 118 10.46 -2.64 6.35
C VAL D 118 10.83 -2.02 7.70
N PHE D 119 12.10 -2.03 8.08
CA PHE D 119 12.52 -1.35 9.32
C PHE D 119 11.98 0.06 9.46
N PRO D 120 11.94 0.92 8.42
CA PRO D 120 11.40 2.28 8.63
C PRO D 120 10.01 2.33 9.23
N LYS D 121 9.11 1.42 8.83
CA LYS D 121 7.75 1.47 9.35
C LYS D 121 7.72 1.19 10.85
N TRP D 122 8.66 0.41 11.36
CA TRP D 122 8.69 0.05 12.76
C TRP D 122 9.48 1.02 13.63
N ILE D 123 10.19 1.97 13.05
CA ILE D 123 11.08 2.85 13.81
C ILE D 123 10.70 4.30 13.53
N ARG D 124 10.32 5.03 14.58
CA ARG D 124 9.97 6.44 14.51
C ARG D 124 10.77 7.28 15.49
N SER D 125 10.94 6.81 16.73
CA SER D 125 11.65 7.55 17.75
C SER D 125 12.55 6.59 18.51
N TYR D 126 13.32 7.15 19.45
CA TYR D 126 14.14 6.33 20.33
C TYR D 126 13.29 5.37 21.16
N ARG D 127 11.99 5.62 21.27
CA ARG D 127 11.12 4.72 22.01
C ARG D 127 10.94 3.38 21.31
N ASP D 128 11.29 3.28 20.03
CA ASP D 128 11.20 2.04 19.26
C ASP D 128 12.53 1.30 19.20
N LEU D 129 13.57 1.80 19.85
CA LEU D 129 14.88 1.20 19.81
C LEU D 129 15.27 0.69 21.19
N PRO D 130 16.11 -0.35 21.29
CA PRO D 130 16.71 -1.08 20.16
C PRO D 130 15.78 -2.13 19.58
N LEU D 131 15.88 -2.30 18.27
CA LEU D 131 15.13 -3.31 17.54
C LEU D 131 16.07 -4.47 17.24
N LYS D 132 15.78 -5.64 17.83
CA LYS D 132 16.66 -6.81 17.73
C LYS D 132 15.89 -8.00 17.19
N LEU D 133 16.23 -8.45 15.98
CA LEU D 133 15.57 -9.57 15.34
C LEU D 133 16.57 -10.64 14.95
N ASN D 134 16.11 -11.89 14.92
CA ASN D 134 16.90 -13.02 14.48
C ASN D 134 16.04 -13.91 13.62
N GLN D 135 16.69 -14.60 12.68
CA GLN D 135 16.03 -15.55 11.78
C GLN D 135 16.84 -16.85 11.72
N TRP D 136 16.15 -17.98 11.86
CA TRP D 136 16.69 -19.30 11.52
C TRP D 136 16.10 -19.69 10.16
N ASN D 137 16.88 -19.54 9.10
CA ASN D 137 16.32 -19.85 7.79
C ASN D 137 17.40 -20.47 6.91
N THR D 138 17.07 -20.62 5.63
CA THR D 138 17.99 -21.12 4.64
C THR D 138 18.26 -20.01 3.62
N VAL D 139 19.49 -19.97 3.10
CA VAL D 139 19.79 -19.03 2.03
C VAL D 139 20.54 -19.74 0.91
N VAL D 140 20.52 -19.09 -0.25
CA VAL D 140 21.04 -19.62 -1.51
C VAL D 140 22.06 -18.64 -2.06
N ARG D 141 23.32 -19.06 -2.15
CA ARG D 141 24.38 -18.33 -2.84
C ARG D 141 24.91 -19.28 -3.93
N TRP D 142 24.40 -19.10 -5.15
CA TRP D 142 24.53 -20.11 -6.19
C TRP D 142 25.85 -19.95 -6.96
N GLU D 143 26.96 -19.93 -6.23
CA GLU D 143 28.27 -19.80 -6.85
C GLU D 143 28.59 -21.03 -7.68
N PHE D 144 29.34 -20.82 -8.77
CA PHE D 144 29.66 -21.90 -9.70
C PHE D 144 31.10 -22.37 -9.56
N LYS D 145 31.68 -22.25 -8.38
CA LYS D 145 32.96 -22.86 -8.07
C LYS D 145 32.73 -24.13 -7.25
N GLN D 146 33.83 -24.80 -6.89
CA GLN D 146 33.74 -26.13 -6.29
C GLN D 146 33.14 -26.07 -4.90
N PRO D 147 32.05 -26.79 -4.64
CA PRO D 147 31.53 -26.85 -3.27
C PRO D 147 32.32 -27.81 -2.40
N THR D 148 32.09 -27.68 -1.10
CA THR D 148 32.67 -28.49 -0.05
C THR D 148 31.56 -28.71 0.96
N PRO D 149 31.15 -29.97 1.20
CA PRO D 149 30.08 -30.22 2.19
C PRO D 149 30.32 -29.46 3.48
N PHE D 150 29.25 -28.80 3.97
CA PHE D 150 29.24 -27.92 5.13
C PHE D 150 30.03 -26.63 4.93
N ILE D 151 31.28 -26.74 4.46
CA ILE D 151 32.17 -25.58 4.45
C ILE D 151 31.68 -24.53 3.46
N ARG D 152 31.41 -24.95 2.23
CA ARG D 152 31.08 -24.01 1.15
C ARG D 152 30.05 -24.65 0.24
N THR D 153 28.78 -24.25 0.38
CA THR D 153 27.67 -24.90 -0.29
C THR D 153 26.71 -23.86 -0.87
N ARG D 154 26.00 -24.26 -1.94
CA ARG D 154 25.13 -23.33 -2.65
C ARG D 154 23.87 -22.99 -1.85
N GLU D 155 23.42 -23.91 -1.01
CA GLU D 155 22.31 -23.64 -0.12
C GLU D 155 22.75 -24.03 1.28
N PHE D 156 22.40 -23.23 2.28
CA PHE D 156 22.77 -23.62 3.63
C PHE D 156 21.81 -23.03 4.65
N LEU D 157 21.72 -23.70 5.79
CA LEU D 157 20.96 -23.20 6.92
C LEU D 157 21.84 -22.26 7.75
N TRP D 158 21.21 -21.27 8.36
CA TRP D 158 21.94 -20.38 9.23
C TRP D 158 20.97 -19.65 10.14
N GLN D 159 21.55 -18.94 11.09
CA GLN D 159 20.89 -17.84 11.77
C GLN D 159 21.51 -16.55 11.26
N GLU D 160 20.65 -15.53 11.13
CA GLU D 160 21.06 -14.17 10.85
C GLU D 160 20.34 -13.22 11.80
N GLY D 161 21.10 -12.38 12.47
CA GLY D 161 20.56 -11.45 13.45
C GLY D 161 20.85 -10.04 13.02
N HIS D 162 19.86 -9.17 13.17
CA HIS D 162 19.94 -7.76 12.80
C HIS D 162 19.45 -6.90 13.95
N THR D 163 20.24 -5.90 14.33
CA THR D 163 19.84 -4.99 15.39
C THR D 163 20.02 -3.54 14.95
N ALA D 164 19.13 -2.69 15.45
CA ALA D 164 19.17 -1.24 15.26
C ALA D 164 19.16 -0.57 16.64
N HIS D 165 19.99 0.44 16.82
CA HIS D 165 20.19 1.11 18.09
C HIS D 165 20.20 2.62 17.91
N LYS D 166 20.11 3.33 19.03
CA LYS D 166 20.08 4.78 18.99
C LYS D 166 21.48 5.40 18.99
N ASN D 167 22.54 4.62 19.21
CA ASN D 167 23.89 5.18 19.17
C ASN D 167 24.90 4.07 18.88
N GLU D 168 26.15 4.50 18.71
CA GLU D 168 27.23 3.63 18.30
C GLU D 168 27.65 2.66 19.40
N GLU D 169 27.75 3.14 20.65
CA GLU D 169 28.32 2.33 21.73
C GLU D 169 27.49 1.08 21.98
N GLU D 170 26.17 1.24 22.04
CA GLU D 170 25.25 0.12 22.23
C GLU D 170 25.43 -0.93 21.12
N ALA D 171 25.49 -0.47 19.88
CA ALA D 171 25.62 -1.37 18.74
C ALA D 171 26.93 -2.13 18.79
N VAL D 172 28.03 -1.44 19.12
CA VAL D 172 29.31 -2.12 19.17
C VAL D 172 29.37 -3.13 20.30
N LYS D 173 28.84 -2.75 21.47
CA LYS D 173 28.74 -3.69 22.57
C LYS D 173 27.99 -4.95 22.15
N LEU D 174 26.88 -4.80 21.43
CA LEU D 174 26.15 -5.98 21.02
C LEU D 174 26.94 -6.81 20.02
N VAL D 175 27.65 -6.15 19.09
CA VAL D 175 28.50 -6.88 18.16
C VAL D 175 29.45 -7.81 18.91
N PHE D 176 30.10 -7.29 19.94
CA PHE D 176 31.11 -8.12 20.60
C PHE D 176 30.49 -9.11 21.58
N ASP D 177 29.30 -8.82 22.10
CA ASP D 177 28.57 -9.82 22.87
C ASP D 177 28.19 -11.00 21.99
N ILE D 178 27.71 -10.73 20.77
CA ILE D 178 27.39 -11.80 19.83
C ILE D 178 28.64 -12.59 19.46
N LEU D 179 29.76 -11.90 19.28
CA LEU D 179 31.00 -12.59 18.96
C LEU D 179 31.39 -13.56 20.08
N ASP D 180 31.26 -13.13 21.34
CA ASP D 180 31.58 -14.08 22.40
C ASP D 180 30.58 -15.23 22.47
N LEU D 181 29.31 -14.98 22.15
CA LEU D 181 28.37 -16.10 22.03
C LEU D 181 28.82 -17.09 20.96
N TYR D 182 29.34 -16.59 19.83
CA TYR D 182 29.85 -17.51 18.80
C TYR D 182 31.06 -18.30 19.30
N ARG D 183 31.97 -17.61 20.00
CA ARG D 183 33.06 -18.27 20.70
C ARG D 183 32.54 -19.44 21.55
N ARG D 184 31.50 -19.20 22.35
CA ARG D 184 30.98 -20.26 23.21
C ARG D 184 30.31 -21.37 22.39
N TRP D 185 29.56 -21.00 21.35
CA TRP D 185 28.99 -21.96 20.41
C TRP D 185 30.04 -22.93 19.90
N TYR D 186 31.23 -22.43 19.57
CA TYR D 186 32.25 -23.33 19.04
C TYR D 186 33.00 -24.07 20.15
N GLU D 187 33.35 -23.38 21.24
CA GLU D 187 34.23 -23.96 22.24
C GLU D 187 33.46 -24.83 23.23
N GLU D 188 32.27 -24.39 23.64
CA GLU D 188 31.54 -25.10 24.67
C GLU D 188 30.68 -26.23 24.12
N TYR D 189 30.33 -26.19 22.84
CA TYR D 189 29.47 -27.20 22.23
C TYR D 189 30.18 -28.04 21.19
N LEU D 190 30.88 -27.43 20.24
CA LEU D 190 31.62 -28.17 19.22
C LEU D 190 33.06 -28.47 19.63
N ALA D 191 33.50 -28.02 20.81
CA ALA D 191 34.86 -28.25 21.32
C ALA D 191 35.94 -27.75 20.36
N VAL D 192 35.68 -26.65 19.65
CA VAL D 192 36.57 -26.15 18.61
C VAL D 192 37.11 -24.79 19.05
N PRO D 193 38.42 -24.62 19.17
CA PRO D 193 38.98 -23.30 19.48
C PRO D 193 38.93 -22.38 18.28
N ILE D 194 38.51 -21.13 18.51
CA ILE D 194 38.49 -20.11 17.48
C ILE D 194 39.37 -18.95 17.93
N ILE D 195 39.65 -18.05 16.98
CA ILE D 195 40.40 -16.84 17.25
C ILE D 195 39.53 -15.65 16.88
N LYS D 196 39.35 -14.74 17.83
CA LYS D 196 38.57 -13.53 17.61
C LYS D 196 39.42 -12.45 16.94
N GLY D 197 38.85 -11.79 15.94
CA GLY D 197 39.63 -10.79 15.24
C GLY D 197 38.78 -9.82 14.46
N ILE D 198 39.44 -8.77 13.97
CA ILE D 198 38.81 -7.80 13.09
C ILE D 198 39.18 -8.14 11.65
N LYS D 199 38.19 -8.15 10.77
CA LYS D 199 38.48 -8.44 9.37
C LYS D 199 39.15 -7.25 8.71
N SER D 200 40.10 -7.55 7.82
CA SER D 200 40.72 -6.55 6.96
C SER D 200 39.66 -5.70 6.28
N GLU D 201 40.08 -4.52 5.82
CA GLU D 201 39.15 -3.68 5.08
C GLU D 201 38.88 -4.24 3.69
N GLY D 202 39.85 -4.94 3.09
CA GLY D 202 39.63 -5.57 1.80
C GLY D 202 38.68 -6.74 1.83
N GLU D 203 38.38 -7.29 3.01
CA GLU D 203 37.54 -8.47 3.13
C GLU D 203 36.44 -8.35 4.18
N LYS D 204 36.15 -7.14 4.64
CA LYS D 204 35.01 -6.94 5.51
C LYS D 204 33.72 -7.02 4.70
N PHE D 205 32.63 -7.34 5.40
CA PHE D 205 31.29 -7.29 4.81
C PHE D 205 31.03 -5.95 4.14
N GLY D 206 30.47 -6.00 2.93
CA GLY D 206 30.17 -4.78 2.20
C GLY D 206 29.15 -3.95 2.94
N GLY D 207 29.45 -2.66 3.11
CA GLY D 207 28.58 -1.78 3.86
C GLY D 207 28.84 -1.76 5.35
N ALA D 208 29.66 -2.68 5.86
CA ALA D 208 29.99 -2.67 7.27
C ALA D 208 30.96 -1.54 7.58
N ASN D 209 30.78 -0.94 8.76
CA ASN D 209 31.84 -0.09 9.29
C ASN D 209 33.07 -0.91 9.65
N PHE D 210 32.86 -2.06 10.30
CA PHE D 210 33.90 -3.06 10.50
C PHE D 210 33.23 -4.41 10.65
N THR D 211 34.01 -5.47 10.44
CA THR D 211 33.55 -6.84 10.57
C THR D 211 34.38 -7.53 11.64
N SER D 212 33.71 -8.07 12.66
CA SER D 212 34.36 -8.92 13.64
C SER D 212 34.10 -10.38 13.29
N THR D 213 35.10 -11.23 13.53
CA THR D 213 35.03 -12.60 13.05
C THR D 213 35.67 -13.54 14.07
N ALA D 214 35.22 -14.78 14.04
CA ALA D 214 35.91 -15.90 14.65
C ALA D 214 36.48 -16.78 13.55
N GLU D 215 37.74 -17.20 13.71
CA GLU D 215 38.39 -18.03 12.70
C GLU D 215 38.86 -19.34 13.30
N ALA D 216 38.62 -20.43 12.57
CA ALA D 216 39.14 -21.74 12.94
C ALA D 216 40.22 -22.15 11.95
N PHE D 217 41.11 -23.04 12.39
CA PHE D 217 42.19 -23.51 11.54
C PHE D 217 42.26 -25.03 11.63
N ILE D 218 42.10 -25.70 10.51
CA ILE D 218 42.33 -27.14 10.43
C ILE D 218 43.78 -27.34 10.03
N SER D 219 44.57 -27.87 10.97
CA SER D 219 46.02 -27.98 10.78
C SER D 219 46.40 -29.23 9.99
N GLU D 220 45.59 -30.29 10.04
CA GLU D 220 45.85 -31.44 9.18
C GLU D 220 45.71 -31.07 7.70
N ASN D 221 45.12 -29.90 7.43
CA ASN D 221 44.96 -29.38 6.08
C ASN D 221 45.76 -28.11 5.83
N GLY D 222 46.18 -27.41 6.88
CA GLY D 222 46.76 -26.09 6.75
C GLY D 222 45.80 -25.05 6.20
N ARG D 223 44.53 -25.09 6.62
CA ARG D 223 43.52 -24.24 6.00
C ARG D 223 42.65 -23.56 7.06
N ALA D 224 42.37 -22.29 6.81
CA ALA D 224 41.58 -21.47 7.71
C ALA D 224 40.14 -21.39 7.23
N ILE D 225 39.21 -21.37 8.18
CA ILE D 225 37.79 -21.20 7.92
C ILE D 225 37.30 -20.01 8.73
N GLN D 226 36.53 -19.14 8.09
CA GLN D 226 35.75 -18.16 8.82
C GLN D 226 34.58 -18.87 9.47
N ALA D 227 34.56 -18.93 10.81
CA ALA D 227 33.56 -19.71 11.52
C ALA D 227 32.25 -18.96 11.75
N ALA D 228 32.29 -17.63 11.83
CA ALA D 228 31.13 -16.80 12.13
C ALA D 228 31.55 -15.34 12.03
N THR D 229 30.57 -14.46 11.83
CA THR D 229 30.87 -13.05 11.67
C THR D 229 29.85 -12.19 12.40
N SER D 230 30.29 -11.01 12.80
CA SER D 230 29.45 -10.06 13.51
C SER D 230 29.89 -8.66 13.07
N HIS D 231 29.02 -7.98 12.33
CA HIS D 231 29.35 -6.71 11.71
C HIS D 231 28.74 -5.54 12.47
N TYR D 232 29.50 -4.46 12.57
CA TYR D 232 28.96 -3.15 12.91
C TYR D 232 28.69 -2.45 11.58
N LEU D 233 27.42 -2.38 11.21
CA LEU D 233 27.05 -1.67 9.98
C LEU D 233 27.03 -0.16 10.17
N GLY D 234 26.83 0.29 11.40
CA GLY D 234 26.82 1.73 11.61
C GLY D 234 25.58 2.33 10.98
N THR D 235 25.75 3.45 10.28
CA THR D 235 24.63 4.14 9.65
C THR D 235 24.60 3.94 8.14
N ASN D 236 25.47 3.09 7.58
CA ASN D 236 25.54 2.91 6.14
C ASN D 236 24.21 2.41 5.57
N PHE D 237 23.75 1.26 6.06
CA PHE D 237 22.47 0.75 5.60
C PHE D 237 21.32 1.66 6.04
N ALA D 238 21.47 2.32 7.19
CA ALA D 238 20.44 3.26 7.63
C ALA D 238 20.29 4.39 6.62
N LYS D 239 21.39 4.81 5.99
CA LYS D 239 21.34 5.88 5.00
C LYS D 239 20.83 5.38 3.65
N MET D 240 21.22 4.17 3.25
CA MET D 240 20.71 3.64 1.98
C MET D 240 19.22 3.33 2.04
N PHE D 241 18.71 2.96 3.22
CA PHE D 241 17.31 2.61 3.41
C PHE D 241 16.53 3.65 4.19
N LYS D 242 17.14 4.80 4.51
CA LYS D 242 16.46 5.91 5.18
C LYS D 242 15.76 5.46 6.47
N ILE D 243 16.48 4.72 7.31
CA ILE D 243 15.97 4.31 8.62
C ILE D 243 16.35 5.41 9.61
N GLU D 244 15.43 6.35 9.81
CA GLU D 244 15.67 7.48 10.70
C GLU D 244 14.82 7.36 11.96
N PHE D 245 15.14 8.19 12.94
CA PHE D 245 14.41 8.21 14.20
C PHE D 245 14.63 9.56 14.87
N GLU D 246 13.60 10.01 15.59
CA GLU D 246 13.67 11.27 16.32
C GLU D 246 14.25 11.00 17.70
N ASP D 247 15.41 11.58 17.98
CA ASP D 247 16.15 11.20 19.18
C ASP D 247 15.58 11.89 20.42
N GLU D 248 16.24 11.67 21.55
CA GLU D 248 15.79 12.24 22.83
C GLU D 248 15.85 13.76 22.85
N ASN D 249 16.62 14.39 21.96
CA ASN D 249 16.64 15.84 21.82
C ASN D 249 15.72 16.34 20.72
N GLU D 250 14.82 15.48 20.23
CA GLU D 250 13.88 15.82 19.15
C GLU D 250 14.58 16.06 17.81
N VAL D 251 15.72 15.39 17.59
CA VAL D 251 16.50 15.58 16.37
C VAL D 251 16.55 14.27 15.60
N LYS D 252 16.44 14.38 14.28
CA LYS D 252 16.47 13.20 13.42
C LYS D 252 17.89 12.63 13.34
N GLN D 253 17.99 11.31 13.49
CA GLN D 253 19.25 10.59 13.40
C GLN D 253 19.04 9.28 12.64
N TYR D 254 20.14 8.72 12.16
CA TYR D 254 20.13 7.37 11.60
C TYR D 254 20.38 6.37 12.73
N VAL D 255 19.71 5.22 12.66
CA VAL D 255 19.98 4.17 13.63
C VAL D 255 21.34 3.55 13.35
N HIS D 256 21.95 3.00 14.39
CA HIS D 256 23.23 2.32 14.29
C HIS D 256 22.97 0.82 14.28
N GLN D 257 23.41 0.15 13.23
CA GLN D 257 22.93 -1.20 12.93
C GLN D 257 24.06 -2.22 13.02
N THR D 258 23.66 -3.43 13.39
CA THR D 258 24.53 -4.60 13.44
C THR D 258 23.88 -5.74 12.67
N SER D 259 24.75 -6.63 12.21
CA SER D 259 24.38 -7.87 11.53
C SER D 259 25.34 -8.97 11.95
N TRP D 260 24.81 -10.18 12.13
CA TRP D 260 25.66 -11.28 12.57
C TRP D 260 25.09 -12.63 12.14
N GLY D 261 25.97 -13.53 11.74
CA GLY D 261 25.53 -14.76 11.11
C GLY D 261 26.37 -15.95 11.50
N CYS D 262 25.73 -17.12 11.51
CA CYS D 262 26.47 -18.38 11.68
C CYS D 262 25.69 -19.49 11.00
N THR D 263 26.41 -20.39 10.33
CA THR D 263 25.82 -21.39 9.45
C THR D 263 26.20 -22.80 9.88
N THR D 264 25.66 -23.78 9.16
CA THR D 264 26.01 -25.18 9.33
C THR D 264 27.47 -25.48 8.99
N ARG D 265 28.20 -24.52 8.43
CA ARG D 265 29.63 -24.69 8.25
C ARG D 265 30.32 -25.08 9.55
N SER D 266 29.85 -24.55 10.68
CA SER D 266 30.39 -24.91 11.98
C SER D 266 30.50 -26.43 12.15
N ILE D 267 29.44 -27.15 11.75
CA ILE D 267 29.45 -28.61 11.79
C ILE D 267 30.66 -29.16 11.04
N GLY D 268 30.84 -28.72 9.80
CA GLY D 268 32.02 -29.10 9.04
C GLY D 268 33.31 -28.84 9.80
N ILE D 269 33.45 -27.64 10.37
CA ILE D 269 34.66 -27.31 11.11
C ILE D 269 34.87 -28.33 12.22
N MET D 270 33.77 -28.66 12.90
CA MET D 270 33.81 -29.65 13.97
C MET D 270 34.37 -30.96 13.45
N ILE D 271 33.80 -31.47 12.35
CA ILE D 271 34.23 -32.75 11.80
C ILE D 271 35.71 -32.69 11.44
N MET D 272 36.16 -31.58 10.85
CA MET D 272 37.55 -31.54 10.43
C MET D 272 38.49 -31.40 11.61
N THR D 273 38.02 -30.87 12.74
CA THR D 273 38.90 -30.69 13.88
C THR D 273 39.10 -31.99 14.65
N HIS D 274 38.00 -32.72 14.89
CA HIS D 274 38.01 -33.84 15.82
C HIS D 274 38.02 -35.20 15.13
N GLY D 275 37.64 -35.25 13.85
CA GLY D 275 37.58 -36.54 13.17
C GLY D 275 38.94 -37.20 13.11
N ASP D 276 38.94 -38.52 13.18
CA ASP D 276 40.17 -39.31 13.16
C ASP D 276 40.06 -40.39 12.09
N ASP D 277 41.08 -41.25 12.02
CA ASP D 277 41.11 -42.26 10.98
C ASP D 277 40.10 -43.36 11.23
N LYS D 278 39.58 -43.48 12.45
CA LYS D 278 38.49 -44.42 12.69
C LYS D 278 37.13 -43.81 12.41
N GLY D 279 37.09 -42.52 12.08
CA GLY D 279 35.86 -41.89 11.64
C GLY D 279 35.49 -40.71 12.52
N LEU D 280 34.18 -40.47 12.62
CA LEU D 280 33.68 -39.29 13.27
C LEU D 280 33.93 -39.34 14.77
N VAL D 281 34.21 -38.19 15.36
CA VAL D 281 34.37 -38.04 16.81
C VAL D 281 33.50 -36.87 17.24
N LEU D 282 32.42 -37.16 17.96
CA LEU D 282 31.44 -36.13 18.32
C LEU D 282 31.69 -35.63 19.74
N PRO D 283 31.74 -34.32 19.96
CA PRO D 283 31.72 -33.82 21.34
C PRO D 283 30.42 -34.22 22.02
N PRO D 284 30.47 -34.59 23.30
CA PRO D 284 29.27 -35.14 23.94
C PRO D 284 28.02 -34.28 23.80
N ASN D 285 28.16 -32.95 23.85
CA ASN D 285 26.98 -32.08 23.89
C ASN D 285 26.18 -32.10 22.60
N VAL D 286 26.79 -32.45 21.47
CA VAL D 286 26.11 -32.38 20.18
C VAL D 286 25.88 -33.76 19.59
N SER D 287 26.04 -34.83 20.37
CA SER D 287 25.81 -36.19 19.90
C SER D 287 24.49 -36.69 20.48
N LYS D 288 23.61 -37.22 19.63
CA LYS D 288 22.28 -37.61 20.09
C LYS D 288 22.37 -38.65 21.21
N TYR D 289 23.26 -39.63 21.06
CA TYR D 289 23.49 -40.66 22.06
C TYR D 289 24.87 -40.40 22.68
N LYS D 290 24.89 -40.18 23.99
CA LYS D 290 26.16 -40.02 24.69
C LYS D 290 26.85 -41.37 24.90
N VAL D 291 26.07 -42.44 25.00
CA VAL D 291 26.55 -43.76 25.39
C VAL D 291 25.87 -44.80 24.52
N VAL D 292 26.64 -45.77 24.04
CA VAL D 292 26.11 -46.99 23.43
C VAL D 292 26.48 -48.15 24.34
N ILE D 293 25.51 -49.02 24.61
CA ILE D 293 25.71 -50.19 25.46
C ILE D 293 25.75 -51.42 24.55
N VAL D 294 26.90 -52.09 24.50
CA VAL D 294 27.09 -53.24 23.64
C VAL D 294 27.12 -54.49 24.51
N PRO D 295 26.17 -55.40 24.36
CA PRO D 295 26.18 -56.63 25.15
C PRO D 295 27.03 -57.69 24.47
N ILE D 296 27.63 -58.53 25.30
CA ILE D 296 28.40 -59.66 24.80
C ILE D 296 27.74 -60.91 25.33
N PHE D 297 26.89 -61.51 24.51
CA PHE D 297 26.31 -62.73 24.95
C PHE D 297 26.92 -63.83 24.19
N TYR D 298 27.63 -64.63 24.96
CA TYR D 298 28.29 -65.86 24.58
C TYR D 298 28.81 -66.37 25.91
N LYS D 299 28.42 -67.59 26.28
CA LYS D 299 28.79 -68.20 27.54
C LYS D 299 28.51 -67.26 28.66
N ASN D 304 21.24 -64.35 28.67
CA ASN D 304 19.86 -64.19 29.10
C ASN D 304 19.71 -63.08 30.16
N ALA D 305 20.62 -63.07 31.14
CA ALA D 305 20.61 -62.03 32.16
C ALA D 305 21.28 -60.75 31.69
N ILE D 306 22.29 -60.87 30.81
CA ILE D 306 23.01 -59.70 30.29
C ILE D 306 22.06 -58.74 29.62
N HIS D 307 20.95 -59.24 29.06
CA HIS D 307 19.95 -58.36 28.48
C HIS D 307 19.36 -57.43 29.53
N SER D 308 18.85 -57.99 30.63
CA SER D 308 18.28 -57.16 31.68
C SER D 308 19.33 -56.27 32.32
N TYR D 309 20.58 -56.73 32.42
CA TYR D 309 21.64 -55.91 32.98
C TYR D 309 21.90 -54.68 32.13
N CYS D 310 22.05 -54.88 30.82
CA CYS D 310 22.21 -53.75 29.91
C CYS D 310 21.04 -52.79 30.02
N LYS D 311 19.81 -53.32 30.09
CA LYS D 311 18.67 -52.42 30.13
C LYS D 311 18.57 -51.69 31.48
N ASP D 312 19.12 -52.27 32.55
CA ASP D 312 19.23 -51.54 33.81
C ASP D 312 20.20 -50.37 33.67
N ILE D 313 21.38 -50.62 33.10
CA ILE D 313 22.32 -49.52 32.86
C ILE D 313 21.65 -48.44 32.01
N GLU D 314 20.90 -48.87 31.00
CA GLU D 314 20.20 -47.93 30.12
C GLU D 314 19.22 -47.07 30.89
N LYS D 315 18.42 -47.71 31.74
CA LYS D 315 17.42 -47.00 32.54
C LYS D 315 18.12 -45.97 33.43
N ILE D 316 19.22 -46.39 34.06
CA ILE D 316 19.98 -45.49 34.94
C ILE D 316 20.38 -44.24 34.18
N LEU D 317 21.03 -44.42 33.03
CA LEU D 317 21.50 -43.26 32.27
C LEU D 317 20.33 -42.40 31.80
N LYS D 318 19.25 -43.04 31.35
CA LYS D 318 18.12 -42.27 30.83
C LYS D 318 17.39 -41.52 31.94
N ASN D 319 17.42 -42.04 33.17
CA ASN D 319 16.85 -41.29 34.29
C ASN D 319 17.75 -40.15 34.69
N ALA D 320 19.05 -40.27 34.48
CA ALA D 320 19.95 -39.15 34.67
C ALA D 320 19.92 -38.14 33.52
N GLN D 321 18.97 -38.28 32.58
CA GLN D 321 18.86 -37.40 31.41
C GLN D 321 20.08 -37.52 30.49
N ILE D 322 20.55 -38.75 30.27
CA ILE D 322 21.68 -39.02 29.38
C ILE D 322 21.19 -39.98 28.31
N ASN D 323 21.03 -39.49 27.08
CA ASN D 323 20.45 -40.34 26.05
C ASN D 323 21.46 -41.40 25.60
N CYS D 324 20.95 -42.61 25.41
CA CYS D 324 21.85 -43.71 25.09
C CYS D 324 21.08 -44.78 24.33
N VAL D 325 21.83 -45.68 23.71
CA VAL D 325 21.27 -46.74 22.89
C VAL D 325 21.80 -48.08 23.36
N TYR D 326 20.90 -49.05 23.52
CA TYR D 326 21.28 -50.43 23.75
C TYR D 326 21.29 -51.14 22.41
N ASP D 327 22.48 -51.42 21.88
CA ASP D 327 22.63 -52.14 20.61
C ASP D 327 22.47 -53.63 20.88
N ASP D 328 21.21 -54.08 20.94
CA ASP D 328 20.86 -55.46 21.23
C ASP D 328 20.75 -56.33 19.98
N ARG D 329 21.19 -55.84 18.82
CA ARG D 329 21.14 -56.64 17.59
C ARG D 329 21.88 -57.96 17.77
N ALA D 330 21.22 -59.07 17.42
CA ALA D 330 21.72 -60.38 17.79
C ALA D 330 22.65 -61.00 16.76
N SER D 331 22.58 -60.58 15.50
CA SER D 331 23.37 -61.22 14.45
C SER D 331 24.83 -60.77 14.46
N TYR D 332 25.08 -59.51 14.76
CA TYR D 332 26.40 -58.93 14.58
C TYR D 332 27.29 -59.20 15.79
N SER D 333 28.58 -59.36 15.51
CA SER D 333 29.58 -59.57 16.54
C SER D 333 29.79 -58.30 17.36
N PRO D 334 30.33 -58.43 18.57
CA PRO D 334 30.65 -57.22 19.35
C PRO D 334 31.61 -56.27 18.63
N GLY D 335 32.68 -56.78 18.02
CA GLY D 335 33.63 -55.90 17.34
C GLY D 335 33.02 -55.15 16.16
N TYR D 336 32.07 -55.79 15.46
CA TYR D 336 31.31 -55.09 14.43
C TYR D 336 30.59 -53.88 15.00
N LYS D 337 29.85 -54.08 16.11
CA LYS D 337 29.14 -52.97 16.73
C LYS D 337 30.10 -51.91 17.24
N PHE D 338 31.22 -52.34 17.84
CA PHE D 338 32.23 -51.39 18.29
C PHE D 338 32.59 -50.44 17.16
N ASN D 339 32.96 -50.99 16.00
CA ASN D 339 33.36 -50.12 14.89
C ASN D 339 32.18 -49.31 14.34
N HIS D 340 30.99 -49.92 14.30
CA HIS D 340 29.78 -49.22 13.90
C HIS D 340 29.62 -47.90 14.66
N TRP D 341 29.60 -47.99 15.99
CA TRP D 341 29.38 -46.77 16.75
C TRP D 341 30.62 -45.90 16.84
N GLU D 342 31.82 -46.47 16.71
CA GLU D 342 33.01 -45.62 16.67
C GLU D 342 33.03 -44.77 15.42
N LEU D 343 32.68 -45.37 14.27
CA LEU D 343 32.55 -44.61 13.04
C LEU D 343 31.48 -43.54 13.17
N ARG D 344 30.39 -43.87 13.87
CA ARG D 344 29.33 -42.87 14.07
C ARG D 344 29.67 -41.85 15.15
N GLY D 345 30.78 -41.98 15.85
CA GLY D 345 31.20 -40.93 16.76
C GLY D 345 30.62 -40.95 18.16
N ILE D 346 29.97 -42.04 18.57
CA ILE D 346 29.42 -42.09 19.93
C ILE D 346 30.57 -41.93 20.93
N PRO D 347 30.48 -41.00 21.89
CA PRO D 347 31.67 -40.71 22.72
C PRO D 347 32.02 -41.79 23.72
N ILE D 348 31.05 -42.57 24.21
CA ILE D 348 31.32 -43.59 25.21
C ILE D 348 30.66 -44.89 24.81
N ARG D 349 31.35 -46.00 25.02
CA ARG D 349 30.79 -47.32 24.84
C ARG D 349 30.88 -48.08 26.16
N ILE D 350 29.80 -48.76 26.54
CA ILE D 350 29.78 -49.59 27.74
C ILE D 350 29.65 -51.03 27.30
N GLU D 351 30.69 -51.83 27.52
CA GLU D 351 30.66 -53.25 27.20
C GLU D 351 30.30 -54.04 28.46
N VAL D 352 29.31 -54.93 28.31
CA VAL D 352 28.82 -55.80 29.37
C VAL D 352 29.08 -57.23 28.92
N GLY D 353 30.18 -57.81 29.38
CA GLY D 353 30.47 -59.20 29.13
C GLY D 353 29.74 -60.10 30.10
N PRO D 354 29.98 -61.40 30.04
CA PRO D 354 29.48 -62.29 31.09
C PRO D 354 30.31 -62.17 32.36
N LYS D 355 31.63 -62.00 32.19
CA LYS D 355 32.50 -61.85 33.36
C LYS D 355 32.23 -60.56 34.10
N ASP D 356 31.84 -59.50 33.38
CA ASP D 356 31.55 -58.24 34.07
C ASP D 356 30.17 -58.26 34.72
N LEU D 357 29.21 -58.97 34.12
CA LEU D 357 27.94 -59.20 34.81
C LEU D 357 28.15 -60.04 36.06
N GLN D 358 29.19 -60.86 36.06
CA GLN D 358 29.41 -61.72 37.21
C GLN D 358 30.12 -60.99 38.35
N ASN D 359 30.90 -59.98 38.00
CA ASN D 359 31.53 -59.12 38.99
C ASN D 359 30.75 -57.85 39.15
N ASN D 360 29.53 -57.82 38.63
CA ASN D 360 28.67 -56.64 38.71
C ASN D 360 29.40 -55.40 38.20
N SER D 361 30.21 -55.60 37.16
CA SER D 361 31.10 -54.61 36.58
C SER D 361 30.55 -54.11 35.26
N CYS D 362 31.42 -53.50 34.47
CA CYS D 362 31.29 -53.20 33.05
C CYS D 362 32.56 -52.47 32.66
N VAL D 363 32.82 -52.38 31.36
CA VAL D 363 34.01 -51.66 30.91
C VAL D 363 33.56 -50.46 30.09
N ILE D 364 34.14 -49.30 30.40
CA ILE D 364 33.80 -48.02 29.80
C ILE D 364 34.92 -47.67 28.83
N VAL D 365 34.57 -47.28 27.62
CA VAL D 365 35.55 -47.02 26.57
C VAL D 365 35.29 -45.63 26.01
N ARG D 366 36.26 -44.74 26.17
CA ARG D 366 36.22 -43.41 25.56
C ARG D 366 36.48 -43.50 24.05
N ARG D 367 35.68 -42.78 23.28
CA ARG D 367 35.90 -42.73 21.84
C ARG D 367 37.12 -41.89 21.48
N ASP D 368 37.45 -40.89 22.29
CA ASP D 368 38.44 -39.91 21.85
C ASP D 368 39.85 -40.47 21.90
N ASN D 369 40.18 -41.25 22.94
CA ASN D 369 41.52 -41.80 23.10
C ASN D 369 41.56 -43.30 23.31
N ASN D 370 40.41 -43.98 23.32
CA ASN D 370 40.31 -45.44 23.37
C ASN D 370 40.74 -46.04 24.71
N GLU D 371 40.92 -45.23 25.76
CA GLU D 371 41.24 -45.80 27.06
C GLU D 371 40.03 -46.55 27.62
N LYS D 372 40.30 -47.71 28.22
CA LYS D 372 39.26 -48.58 28.77
C LYS D 372 39.36 -48.58 30.29
N CYS D 373 38.19 -48.57 30.93
CA CYS D 373 38.06 -48.28 32.34
C CYS D 373 37.14 -49.34 32.93
N ASN D 374 37.69 -50.21 33.77
CA ASN D 374 36.89 -51.23 34.42
C ASN D 374 36.17 -50.61 35.61
N VAL D 375 34.86 -50.41 35.50
CA VAL D 375 34.06 -49.73 36.51
C VAL D 375 32.91 -50.65 36.90
N LYS D 376 32.65 -50.76 38.20
CA LYS D 376 31.53 -51.56 38.66
C LYS D 376 30.27 -50.71 38.72
N LYS D 377 29.12 -51.40 38.68
CA LYS D 377 27.91 -50.80 38.12
C LYS D 377 27.33 -49.72 39.02
N GLU D 378 27.38 -49.93 40.34
CA GLU D 378 26.95 -48.89 41.29
C GLU D 378 27.74 -47.59 41.14
N SER D 379 28.67 -47.49 40.18
CA SER D 379 29.42 -46.27 39.89
C SER D 379 29.17 -45.73 38.49
N VAL D 380 28.69 -46.56 37.56
CA VAL D 380 28.74 -46.25 36.13
C VAL D 380 28.27 -44.82 35.86
N LEU D 381 27.07 -44.49 36.36
CA LEU D 381 26.47 -43.20 36.07
C LEU D 381 27.44 -42.06 36.35
N LEU D 382 27.94 -41.98 37.59
CA LEU D 382 28.81 -40.86 37.93
C LEU D 382 30.02 -40.84 37.03
N GLU D 383 30.66 -42.00 36.84
CA GLU D 383 31.86 -42.02 36.02
C GLU D 383 31.53 -41.61 34.59
N THR D 384 30.40 -42.09 34.08
CA THR D 384 29.98 -41.67 32.75
C THR D 384 29.87 -40.15 32.70
N GLN D 385 29.17 -39.56 33.67
CA GLN D 385 29.04 -38.10 33.69
C GLN D 385 30.41 -37.47 33.71
N GLN D 386 31.28 -37.92 34.62
CA GLN D 386 32.61 -37.35 34.69
C GLN D 386 33.33 -37.53 33.37
N MET D 387 33.22 -38.72 32.79
CA MET D 387 33.92 -38.99 31.55
C MET D 387 33.40 -38.10 30.43
N LEU D 388 32.09 -37.89 30.40
CA LEU D 388 31.52 -37.04 29.36
C LEU D 388 32.13 -35.65 29.42
N VAL D 389 32.45 -35.17 30.63
CA VAL D 389 33.05 -33.86 30.76
C VAL D 389 34.49 -33.89 30.26
N ASP D 390 35.25 -34.91 30.67
CA ASP D 390 36.67 -34.90 30.34
C ASP D 390 36.88 -35.03 28.84
N ILE D 391 36.07 -35.87 28.18
CA ILE D 391 36.14 -36.02 26.73
C ILE D 391 36.07 -34.63 26.12
N HIS D 392 35.06 -33.84 26.54
CA HIS D 392 34.92 -32.50 25.99
C HIS D 392 36.21 -31.71 26.19
N LYS D 393 36.69 -31.65 27.44
CA LYS D 393 37.90 -30.90 27.71
C LYS D 393 39.04 -31.41 26.85
N ASN D 394 39.17 -32.75 26.79
CA ASN D 394 40.23 -33.34 25.99
C ASN D 394 40.13 -32.85 24.55
N LEU D 395 38.93 -33.00 23.95
CA LEU D 395 38.78 -32.65 22.55
C LEU D 395 39.15 -31.19 22.35
N PHE D 396 38.83 -30.33 23.33
CA PHE D 396 39.11 -28.92 23.16
C PHE D 396 40.60 -28.65 23.26
N LEU D 397 41.25 -29.20 24.29
CA LEU D 397 42.66 -28.86 24.51
C LEU D 397 43.54 -29.47 23.43
N LYS D 398 43.31 -30.75 23.12
CA LYS D 398 43.96 -31.34 21.96
C LYS D 398 43.81 -30.46 20.73
N ALA D 399 42.64 -29.84 20.56
CA ALA D 399 42.46 -28.98 19.40
C ALA D 399 43.24 -27.69 19.55
N LYS D 400 43.20 -27.08 20.75
CA LYS D 400 43.75 -25.73 20.87
C LYS D 400 45.27 -25.75 20.74
N LYS D 401 45.90 -26.79 21.28
CA LYS D 401 47.33 -26.97 21.08
C LYS D 401 47.66 -27.11 19.60
N LYS D 402 46.84 -27.88 18.87
CA LYS D 402 47.06 -27.99 17.44
C LYS D 402 46.92 -26.63 16.77
N LEU D 403 46.03 -25.76 17.29
CA LEU D 403 45.91 -24.44 16.72
C LEU D 403 47.16 -23.62 17.00
N ASP D 404 47.69 -23.72 18.23
CA ASP D 404 48.83 -22.90 18.62
C ASP D 404 50.06 -23.27 17.84
N ASP D 405 50.27 -24.56 17.58
CA ASP D 405 51.42 -24.98 16.81
C ASP D 405 51.29 -24.67 15.33
N SER D 406 50.12 -24.17 14.88
CA SER D 406 49.98 -23.77 13.49
C SER D 406 50.22 -22.28 13.29
N ILE D 407 50.47 -21.54 14.36
CA ILE D 407 50.77 -20.11 14.31
C ILE D 407 52.28 -19.96 14.42
N VAL D 408 52.92 -19.49 13.35
CA VAL D 408 54.34 -19.16 13.36
C VAL D 408 54.47 -17.65 13.25
N GLN D 409 55.37 -17.09 14.05
CA GLN D 409 55.63 -15.65 14.03
C GLN D 409 56.69 -15.35 12.98
N VAL D 410 56.43 -14.35 12.15
CA VAL D 410 57.36 -13.93 11.11
C VAL D 410 57.46 -12.41 11.17
N THR D 411 58.58 -11.89 10.63
CA THR D 411 58.79 -10.45 10.60
C THR D 411 59.15 -9.92 9.21
N SER D 412 59.59 -10.76 8.28
CA SER D 412 59.75 -10.39 6.89
C SER D 412 59.02 -11.41 6.04
N PHE D 413 58.81 -11.11 4.79
CA PHE D 413 58.08 -11.99 3.97
C PHE D 413 58.84 -13.19 3.56
N SER D 414 60.12 -13.06 3.49
CA SER D 414 60.96 -14.14 3.06
C SER D 414 60.80 -15.44 3.78
N GLU D 415 60.12 -15.46 4.90
CA GLU D 415 60.03 -16.72 5.62
C GLU D 415 58.66 -17.35 5.61
N VAL D 416 57.68 -16.63 5.12
CA VAL D 416 56.34 -17.12 5.11
C VAL D 416 56.08 -18.37 4.34
N MET D 417 56.56 -18.40 3.12
CA MET D 417 56.27 -19.44 2.13
C MET D 417 56.60 -20.75 2.72
N ASN D 418 57.80 -20.78 3.25
CA ASN D 418 58.29 -21.91 4.04
C ASN D 418 57.20 -22.36 5.00
N ALA D 419 56.80 -21.46 5.89
CA ALA D 419 55.76 -21.78 6.87
C ALA D 419 54.45 -22.16 6.19
N LEU D 420 54.16 -21.61 5.00
CA LEU D 420 52.92 -21.98 4.34
C LEU D 420 52.94 -23.45 3.91
N ASN D 421 54.09 -23.94 3.44
CA ASN D 421 54.12 -25.31 2.95
C ASN D 421 54.21 -26.33 4.08
N LYS D 422 54.64 -25.90 5.27
CA LYS D 422 54.45 -26.70 6.48
C LYS D 422 53.04 -26.58 7.07
N LYS D 423 52.07 -26.03 6.31
CA LYS D 423 50.64 -26.04 6.66
C LYS D 423 50.35 -25.13 7.86
N LYS D 424 50.96 -23.96 7.89
CA LYS D 424 50.84 -23.07 9.03
C LYS D 424 50.11 -21.79 8.65
N MET D 425 49.69 -21.06 9.69
CA MET D 425 49.32 -19.66 9.63
C MET D 425 50.51 -18.80 10.04
N VAL D 426 50.60 -17.61 9.46
CA VAL D 426 51.66 -16.68 9.83
C VAL D 426 51.05 -15.52 10.62
N LEU D 427 51.67 -15.21 11.75
CA LEU D 427 51.40 -14.00 12.52
C LEU D 427 52.45 -12.98 12.11
N ALA D 428 52.01 -11.90 11.46
CA ALA D 428 52.96 -10.98 10.87
C ALA D 428 52.61 -9.53 11.17
N PRO D 429 53.61 -8.68 11.40
CA PRO D 429 53.33 -7.24 11.52
C PRO D 429 52.97 -6.67 10.16
N TRP D 430 51.88 -5.91 10.13
CA TRP D 430 51.27 -5.48 8.89
C TRP D 430 50.79 -4.04 9.03
N CYS D 431 50.84 -3.32 7.91
CA CYS D 431 50.47 -1.92 7.81
C CYS D 431 49.00 -1.70 7.48
N GLU D 432 48.31 -2.76 7.03
CA GLU D 432 46.86 -2.79 6.82
C GLU D 432 46.39 -1.92 5.66
N ASP D 433 47.25 -1.50 4.73
CA ASP D 433 46.67 -0.86 3.56
C ASP D 433 46.19 -1.90 2.57
N ILE D 434 45.13 -1.56 1.85
CA ILE D 434 44.26 -2.55 1.20
C ILE D 434 44.78 -3.05 -0.14
N ALA D 435 45.81 -2.44 -0.71
CA ALA D 435 46.35 -2.94 -1.98
C ALA D 435 47.38 -4.04 -1.76
N THR D 436 48.10 -3.97 -0.64
CA THR D 436 48.95 -5.09 -0.28
C THR D 436 48.13 -6.37 -0.14
N GLU D 437 46.82 -6.26 0.08
CA GLU D 437 45.97 -7.45 0.14
C GLU D 437 46.13 -8.30 -1.11
N GLU D 438 45.78 -7.74 -2.28
CA GLU D 438 45.81 -8.58 -3.48
C GLU D 438 47.23 -8.75 -4.01
N GLU D 439 48.18 -7.88 -3.64
CA GLU D 439 49.54 -8.18 -4.06
C GLU D 439 50.12 -9.37 -3.31
N ILE D 440 49.84 -9.48 -2.01
CA ILE D 440 50.13 -10.71 -1.28
C ILE D 440 49.35 -11.88 -1.87
N LYS D 441 48.15 -11.60 -2.29
CA LYS D 441 47.32 -12.58 -2.88
C LYS D 441 47.96 -13.27 -4.06
N LYS D 442 48.35 -12.47 -5.02
CA LYS D 442 48.96 -12.96 -6.22
C LYS D 442 50.32 -13.52 -6.05
N GLU D 443 51.15 -12.80 -5.36
CA GLU D 443 52.51 -13.28 -5.18
C GLU D 443 52.53 -14.61 -4.45
N THR D 444 51.60 -14.82 -3.52
CA THR D 444 51.50 -16.12 -2.87
C THR D 444 50.98 -17.18 -3.83
N GLN D 445 49.94 -16.85 -4.60
CA GLN D 445 49.43 -17.79 -5.60
C GLN D 445 50.50 -18.13 -6.63
N ARG D 446 51.44 -17.21 -6.85
CA ARG D 446 52.56 -17.41 -7.78
C ARG D 446 53.55 -18.43 -7.23
N LEU D 447 53.05 -19.48 -6.60
CA LEU D 447 53.91 -20.56 -6.10
C LEU D 447 53.03 -21.76 -5.83
N SER D 448 53.34 -22.89 -6.47
CA SER D 448 52.50 -24.08 -6.34
C SER D 448 52.66 -24.77 -4.99
N LEU D 458 41.23 -26.64 -4.70
CA LEU D 458 41.34 -25.41 -3.94
C LEU D 458 42.39 -24.48 -4.54
N SER D 459 42.78 -23.43 -3.79
CA SER D 459 43.69 -22.40 -4.26
C SER D 459 44.84 -22.22 -3.27
N GLY D 460 46.02 -21.91 -3.80
CA GLY D 460 47.19 -21.77 -2.97
C GLY D 460 47.46 -20.39 -2.42
N ALA D 461 46.63 -19.40 -2.77
CA ALA D 461 46.91 -18.03 -2.37
C ALA D 461 46.79 -17.86 -0.86
N MET D 462 47.50 -16.87 -0.35
CA MET D 462 47.44 -16.49 1.06
C MET D 462 46.62 -15.23 1.20
N LYS D 463 45.83 -15.18 2.27
CA LYS D 463 44.78 -14.19 2.45
C LYS D 463 44.81 -13.66 3.87
N PRO D 464 44.46 -12.38 4.08
CA PRO D 464 44.32 -11.86 5.45
C PRO D 464 43.12 -12.45 6.16
N LEU D 465 43.35 -13.29 7.17
CA LEU D 465 42.25 -13.92 7.88
C LEU D 465 41.60 -12.96 8.87
N CYS D 466 42.37 -12.46 9.85
CA CYS D 466 41.84 -11.49 10.79
C CYS D 466 43.01 -10.82 11.53
N ILE D 467 42.74 -9.61 12.01
CA ILE D 467 43.61 -8.93 12.96
C ILE D 467 43.18 -9.35 14.36
N PRO D 468 43.94 -10.20 15.05
CA PRO D 468 43.46 -10.76 16.32
C PRO D 468 43.20 -9.67 17.36
N LEU D 469 42.08 -9.82 18.07
CA LEU D 469 41.80 -8.93 19.19
C LEU D 469 42.89 -9.04 20.26
N ASP D 470 43.52 -10.20 20.38
CA ASP D 470 44.60 -10.44 21.33
C ASP D 470 45.91 -10.09 20.65
N GLN D 471 46.39 -8.88 20.87
CA GLN D 471 47.54 -8.46 20.07
C GLN D 471 48.84 -8.64 20.82
N PRO D 472 49.84 -9.25 20.18
CA PRO D 472 51.18 -9.24 20.76
C PRO D 472 51.74 -7.83 20.76
N PRO D 473 52.78 -7.56 21.57
CA PRO D 473 53.34 -6.21 21.59
C PRO D 473 54.04 -5.87 20.28
N MET D 474 53.80 -4.65 19.80
CA MET D 474 54.40 -4.17 18.57
C MET D 474 55.66 -3.39 18.89
N PRO D 475 56.85 -3.88 18.51
CA PRO D 475 58.07 -3.10 18.71
C PRO D 475 57.96 -1.73 18.06
N PRO D 476 58.66 -0.73 18.60
CA PRO D 476 58.46 0.65 18.09
C PRO D 476 58.82 0.81 16.63
N ASN D 477 59.86 0.15 16.15
CA ASN D 477 60.26 0.31 14.76
C ASN D 477 60.08 -0.97 13.96
N MET D 478 58.92 -1.62 14.08
CA MET D 478 58.60 -2.77 13.25
C MET D 478 58.10 -2.30 11.89
N LYS D 479 58.69 -2.83 10.82
CA LYS D 479 58.24 -2.56 9.46
C LYS D 479 57.28 -3.66 9.00
N CYS D 480 56.36 -3.29 8.12
CA CYS D 480 55.44 -4.25 7.54
C CYS D 480 56.22 -5.35 6.82
N PHE D 481 55.86 -6.61 7.10
CA PHE D 481 56.58 -7.74 6.51
C PHE D 481 56.53 -7.70 4.99
N TRP D 482 55.47 -7.15 4.42
CA TRP D 482 55.34 -7.04 2.97
C TRP D 482 55.98 -5.75 2.48
N SER D 483 55.32 -4.62 2.71
CA SER D 483 55.76 -3.32 2.22
C SER D 483 57.13 -2.92 2.77
N GLY D 484 57.19 -2.58 4.06
CA GLY D 484 58.42 -2.15 4.70
C GLY D 484 58.22 -0.84 5.43
N LYS D 485 56.95 -0.48 5.63
CA LYS D 485 56.46 0.81 6.10
C LYS D 485 56.09 0.67 7.59
N PRO D 486 55.93 1.79 8.37
CA PRO D 486 55.38 1.67 9.74
C PRO D 486 54.21 0.73 9.91
N ALA D 487 54.48 -0.48 10.40
CA ALA D 487 53.45 -1.50 10.53
C ALA D 487 52.51 -1.19 11.71
N LYS D 488 51.22 -1.38 11.50
CA LYS D 488 50.23 -0.97 12.49
C LYS D 488 49.88 -2.08 13.48
N ARG D 489 49.61 -3.29 13.00
CA ARG D 489 49.13 -4.31 13.92
C ARG D 489 49.59 -5.68 13.45
N TRP D 490 49.43 -6.66 14.34
CA TRP D 490 49.72 -8.04 13.98
C TRP D 490 48.51 -8.63 13.28
N CYS D 491 48.74 -9.32 12.17
CA CYS D 491 47.68 -9.91 11.39
C CYS D 491 47.95 -11.40 11.19
N LEU D 492 46.88 -12.16 11.00
CA LEU D 492 46.98 -13.57 10.64
C LEU D 492 46.81 -13.71 9.14
N PHE D 493 47.68 -14.51 8.52
CA PHE D 493 47.53 -14.88 7.12
C PHE D 493 47.64 -16.39 6.97
N GLY D 494 47.01 -16.91 5.92
CA GLY D 494 47.10 -18.32 5.61
C GLY D 494 46.18 -18.70 4.49
N ARG D 495 46.35 -19.93 4.01
CA ARG D 495 45.45 -20.48 3.00
C ARG D 495 44.07 -20.75 3.60
N SER D 496 43.04 -20.58 2.78
CA SER D 496 41.67 -20.55 3.23
C SER D 496 40.83 -21.55 2.45
N TYR D 497 39.64 -21.81 2.98
CA TYR D 497 38.59 -22.52 2.25
C TYR D 497 37.64 -21.50 1.62
N PRO E . 2.65 23.49 -5.55
CA PRO E . 3.19 24.80 -5.19
C PRO E . 2.68 25.28 -3.83
O PRO E . 2.98 26.39 -3.39
CB PRO E . 2.69 25.71 -6.31
CG PRO E . 1.50 25.04 -6.84
CD PRO E . 1.77 23.56 -6.72
OXT PRO E . 1.95 24.56 -3.15
C4 1XK F . -2.70 27.05 2.72
C 1XK F . -6.79 28.09 1.92
N 1XK F . -5.04 26.90 3.25
N1 1XK F . -4.37 24.68 5.08
C3 1XK F . -3.00 27.88 1.65
C2 1XK F . -4.33 28.22 1.40
C1 1XK F . -5.33 27.71 2.22
O 1XK F . -2.29 25.72 5.07
C10 1XK F . -6.00 24.53 9.31
C11 1XK F . -5.14 25.43 9.96
C12 1XK F . -3.92 25.77 9.37
C13 1XK F . -3.56 25.25 8.14
C14 1XK F . -2.99 26.76 10.10
C15 1XK F . -1.57 26.87 10.02
C16 1XK F . -2.29 29.59 12.28
C17 1XK F . -3.39 27.80 10.97
C18 1XK F . -0.61 28.13 0.93
C19 1XK F . 0.20 29.44 0.31
C20 1XK F . -0.62 29.92 -0.63
C21 1XK F . -0.34 31.41 -0.97
C22 1XK F . -0.57 28.98 -1.92
C23 1XK F . -0.43 27.72 -2.47
C24 1XK F . -0.64 28.81 -3.30
C25 1XK F . -2.00 29.81 0.09
C5 1XK F . -3.77 26.59 3.48
C6 1XK F . -3.38 25.66 4.62
C7 1XK F . -4.04 23.74 6.15
C8 1XK F . -4.43 24.35 7.49
C9 1XK F . -5.64 23.98 8.06
F 1XK F . -7.18 24.20 9.88
N2 1XK F . -1.21 27.89 10.80
N3 1XK F . -2.30 28.44 11.36
N4 1XK F . -1.92 28.40 0.82
O1 1XK F . 0.90 31.48 -1.64
O2 1XK F . -2.98 29.89 -0.72
C1 BU1 G . 23.72 17.05 -17.23
C2 BU1 G . 23.62 15.59 -16.80
C3 BU1 G . 22.16 15.15 -16.81
C4 BU1 G . 22.07 13.67 -16.42
O5 BU1 G . 25.06 17.39 -17.46
O6 BU1 G . 22.94 12.92 -17.21
CL CL H . -35.86 38.98 -4.94
CL CL I . 7.96 47.80 -0.64
CL CL J . 7.66 11.96 -26.70
N PRO K . -26.03 11.99 -7.80
CA PRO K . -26.89 11.29 -8.77
C PRO K . -26.24 10.05 -9.40
O PRO K . -26.80 9.45 -10.33
CB PRO K . -27.17 12.37 -9.83
CG PRO K . -26.07 13.36 -9.67
CD PRO K . -25.74 13.36 -8.21
OXT PRO K . -25.16 9.59 -8.99
C4 1XK L . -19.96 5.54 -13.02
C 1XK L . -16.68 7.16 -15.23
N 1XK L . -17.65 5.63 -13.55
N1 1XK L . -17.13 3.96 -11.16
C3 1XK L . -20.22 6.55 -13.93
C2 1XK L . -19.17 7.11 -14.67
C1 1XK L . -17.89 6.60 -14.44
O 1XK L . -19.33 3.28 -11.53
C10 1XK L . -14.23 0.57 -11.65
C11 1XK L . -15.03 -0.40 -12.26
C12 1XK L . -16.43 -0.28 -12.19
C13 1XK L . -17.02 0.80 -11.51
C14 1XK L . -17.33 -1.33 -12.87
C15 1XK L . -18.68 -1.67 -12.56
C16 1XK L . -18.16 -3.91 -15.31
C17 1XK L . -17.01 -2.17 -13.98
C18 1XK L . -22.56 6.69 -13.06
C19 1XK L . -24.01 6.67 -13.85
C20 1XK L . -23.88 7.70 -14.67
C21 1XK L . -24.95 7.63 -15.79
C22 1XK L . -23.96 9.06 -13.81
C23 1XK L . -24.04 10.44 -13.76
C24 1XK L . -23.99 9.70 -12.59
C25 1XK L . -22.43 7.52 -15.26
C5 1XK L . -18.66 5.10 -12.86
C6 1XK L . -18.43 4.01 -11.81
C7 1XK L . -16.81 2.95 -10.15
C8 1XK L . -16.19 1.76 -10.90
C9 1XK L . -14.81 1.64 -10.96
F 1XK L . -12.86 0.48 -11.68
N2 1XK L . -19.07 -2.61 -13.39
N3 1XK L . -18.08 -2.91 -14.24
N4 1XK L . -21.63 6.95 -14.01
O1 1XK L . -25.12 8.94 -16.25
O2 1XK L . -21.89 8.59 -15.66
CL CL M . 3.86 22.49 -33.67
CL CL M . 3.86 20.15 -32.52
CL CL N . -13.78 27.20 -23.61
CL CL O . -35.17 31.89 -4.21
N PRO P . 3.52 -33.49 1.82
CA PRO P . 2.13 -33.80 2.19
C PRO P . 1.17 -32.65 1.92
O PRO P . 1.53 -31.65 1.28
CB PRO P . 2.23 -34.08 3.70
CG PRO P . 3.41 -33.31 4.15
CD PRO P . 4.39 -33.39 3.00
OXT PRO P . 0.01 -32.70 2.32
C4 1XK Q . -2.03 -24.41 1.62
C 1XK Q . -0.57 -21.48 4.40
N 1XK Q . -1.18 -22.24 2.11
N1 1XK Q . -0.87 -21.71 -0.82
C3 1XK Q . -1.94 -24.74 2.98
C2 1XK Q . -1.46 -23.79 3.88
C1 1XK Q . -1.09 -22.53 3.41
O 1XK Q . -2.42 -23.39 -1.01
C10 1XK Q . -2.59 -18.02 -2.70
C11 1XK Q . -3.96 -18.35 -2.76
C12 1XK Q . -4.37 -19.68 -2.65
C13 1XK Q . -3.42 -20.70 -2.48
C14 1XK Q . -5.86 -20.06 -2.73
C15 1XK Q . -6.44 -21.35 -2.82
C16 1XK Q . -9.43 -19.34 -2.88
C17 1XK Q . -6.97 -19.16 -2.75
C18 1XK Q . -2.38 -27.18 2.63
C19 1XK Q . -3.01 -28.37 3.60
C20 1XK Q . -2.47 -28.15 4.80
C21 1XK Q . -3.53 -28.21 5.94
C22 1XK Q . -1.26 -29.13 5.05
C23 1XK Q . 0.11 -29.34 5.09
C24 1XK Q . -0.75 -30.39 5.38
C25 1XK Q . -1.84 -26.72 4.77
C5 1XK Q . -1.63 -23.13 1.22
C6 1XK Q . -1.70 -22.78 -0.28
C7 1XK Q . -0.98 -21.43 -2.26
C8 1XK Q . -2.07 -20.35 -2.44
C9 1XK Q . -1.65 -19.03 -2.53
F 1XK Q . -2.14 -16.74 -2.80
N2 1XK Q . -7.74 -21.18 -2.88
N3 1XK Q . -8.07 -19.88 -2.84
N4 1XK Q . -2.34 -26.09 3.41
O1 1XK Q . -4.05 -29.52 6.01
O2 1XK Q . -2.23 -26.05 5.77
O1 HEZ R . 23.76 -45.21 3.97
C1 HEZ R . 24.72 -45.10 4.99
C2 HEZ R . 25.36 -46.46 5.29
C3 HEZ R . 24.34 -47.40 5.93
C4 HEZ R . 24.44 -48.79 5.29
C5 HEZ R . 23.54 -49.76 6.04
C6 HEZ R . 22.15 -49.78 5.39
O6 HEZ R . 22.22 -50.37 4.12
CL CL S . 9.45 -21.45 23.26
CL CL T . 7.56 -1.80 27.61
N PRO U . 24.40 -10.89 6.79
CA PRO U . 25.76 -10.96 7.34
C PRO U . 26.68 -11.87 6.49
O PRO U . 26.21 -12.60 5.62
CB PRO U . 25.55 -11.55 8.74
CG PRO U . 24.33 -12.40 8.58
CD PRO U . 23.45 -11.67 7.61
OXT PRO U . 27.91 -11.88 6.67
C4 1XK V . 29.62 -19.21 2.67
C 1XK V . 27.80 -22.84 4.07
N 1XK V . 28.56 -21.29 2.27
N1 1XK V . 28.26 -20.49 -0.62
C3 1XK V . 29.52 -19.45 4.03
C2 1XK V . 28.92 -20.62 4.49
C1 1XK V . 28.45 -21.54 3.57
O 1XK V . 30.14 -19.22 -0.07
C10 1XK V . 30.10 -23.18 -3.83
C11 1XK V . 31.45 -22.79 -3.80
C12 1XK V . 31.79 -21.57 -3.23
C13 1XK V . 30.79 -20.77 -2.66
C14 1XK V . 33.26 -21.13 -3.17
C15 1XK V . 33.76 -19.80 -3.06
C16 1XK V . 36.87 -21.62 -3.14
C17 1XK V . 34.42 -21.95 -3.21
C18 1XK V . 30.34 -17.19 4.56
C19 1XK V . 29.60 -16.15 5.61
C20 1XK V . 29.66 -16.79 6.78
C21 1XK V . 31.09 -16.62 7.37
C22 1XK V . 28.52 -16.28 7.74
C23 1XK V . 27.40 -16.56 8.49
C24 1XK V . 27.89 -15.26 8.44
C25 1XK V . 29.33 -18.27 6.39
C5 1XK V . 29.13 -20.18 1.82
C6 1XK V . 29.24 -19.91 0.31
C7 1XK V . 28.36 -20.24 -2.07
C8 1XK V . 29.46 -21.15 -2.69
C9 1XK V . 29.11 -22.37 -3.28
F 1XK V . 29.75 -24.36 -4.40
N2 1XK V . 35.08 -19.88 -3.04
N3 1XK V . 35.48 -21.16 -3.13
N4 1XK V . 30.01 -18.44 4.96
O1 1XK V . 31.20 -17.34 8.58
O2 1XK V . 29.73 -19.15 7.21
CL CL W . 17.72 -30.46 21.77
CL CL X . 20.05 -50.18 17.35
#